data_9B7Z
#
_entry.id   9B7Z
#
_entity_poly.entity_id   1
_entity_poly.type   'polypeptide(L)'
_entity_poly.pdbx_seq_one_letter_code
;MEEVVIAGMSGKLPESENLQEFWDNLIGGVDMVTDDDRRWKAGLYGLPRRSGKLKDLSRFDASFFGVHPKQAHTMDPQLR
LLLEVTYEAIVDGGINPDSLRGTHTGVWVGVSGSETSEALSRDPETLVGYSMVGCQRAMMANRLSFFFDFRGPSIALDTA
CSSSLMALQNAYQAIHSGQCPAAIVGGINVLLKPNTSVQFLRLGMLSPEGTCKAFDTAGNGYCRSEGVVAVLLTKKSLAR
RVYATILNAGTNTDGFKEQGVTFPSGDIQEQLIRSLYQSAGVAPESFEYIEAHGTGTKVGDPQELNGITRALCATRQEPL
LIGSTKSNMGHPEPASGLAALAKVLLSLEHGLWAPNLHFHSPNPEIPALLDGRLQVVDQPLPVRGGNVGINSFGFGGSNV
HIILRPNTQPPPAPAPHATLPRLLRASGRTPEAVQKLLEQGLRHSQDLAFLSMLNDIAAVPATAMPFRGYAVLGGERGGP
EVQQVPAGERPLWFICSGMGTQWRGMGLSLMRLDRFRDSILRSDEAVKPFGLKVSQLLLSTDESTFDDIVHSFVSLTAIQ
IGLIDLLSCMGLRPDGIVGHSLGEVACGYADGCLSQEEAVLAAYWRGQCIKEAHLPPGAMAAVGLSWEECKQRCPPGVVP
ACHNSKDTVTISGPQAPVFEFVEQLRKEGVFAKEVRTGGMAFHSYFMEAIAPPLLQELKKVIREPKPRSARWLSTSIPEA
QWHSSLARTSSAEYNVNNLVSPVLFQEALWHVPEHAVVLEIAPHALLQAVLKRGLKPSCTIIPLMKKDHRDNLEFFLAGI
GRLHLSGIDANPNALFPPVEFPAPRGTPLISPLIKWDHSLAWDVPAAEDFPNGS
;
_entity_poly.pdbx_strand_id   A,B
#
# COMPACT_ATOMS: atom_id res chain seq x y z
N MET A 1 6.09 -5.58 13.40
CA MET A 1 6.74 -6.24 14.52
C MET A 1 7.89 -7.12 14.04
N GLU A 2 8.12 -7.15 12.74
CA GLU A 2 9.20 -7.94 12.16
C GLU A 2 10.27 -6.99 11.63
N GLU A 3 11.53 -7.38 11.75
CA GLU A 3 12.60 -6.59 11.17
C GLU A 3 12.72 -6.89 9.68
N VAL A 4 12.94 -5.83 8.89
CA VAL A 4 13.00 -5.92 7.44
C VAL A 4 14.43 -5.60 7.01
N VAL A 5 15.00 -6.44 6.17
CA VAL A 5 16.37 -6.29 5.72
C VAL A 5 16.40 -6.30 4.20
N ILE A 6 17.46 -5.73 3.63
CA ILE A 6 17.69 -5.82 2.21
C ILE A 6 18.62 -6.99 1.93
N ALA A 7 18.17 -7.95 1.14
CA ALA A 7 18.84 -9.23 0.98
C ALA A 7 19.55 -9.35 -0.37
N GLY A 8 18.95 -8.81 -1.43
CA GLY A 8 19.51 -8.97 -2.75
C GLY A 8 19.47 -7.71 -3.57
N MET A 9 20.32 -7.64 -4.60
CA MET A 9 20.46 -6.46 -5.42
C MET A 9 20.93 -6.85 -6.81
N SER A 10 20.32 -6.26 -7.83
CA SER A 10 20.81 -6.38 -9.18
C SER A 10 20.34 -5.16 -9.97
N GLY A 11 21.02 -4.89 -11.08
CA GLY A 11 20.63 -3.71 -11.83
C GLY A 11 21.31 -3.63 -13.17
N LYS A 12 20.75 -2.78 -14.03
CA LYS A 12 21.32 -2.43 -15.32
C LYS A 12 21.21 -0.92 -15.43
N LEU A 13 22.37 -0.24 -15.34
CA LEU A 13 22.38 1.25 -15.36
C LEU A 13 23.29 1.73 -16.50
N PRO A 14 23.24 3.00 -16.91
CA PRO A 14 24.03 3.48 -18.05
C PRO A 14 25.51 3.12 -18.01
N GLU A 15 25.98 2.50 -19.10
CA GLU A 15 27.39 2.06 -19.18
C GLU A 15 27.67 1.11 -18.00
N SER A 16 26.60 0.52 -17.45
CA SER A 16 26.75 -0.39 -16.28
C SER A 16 25.90 -1.64 -16.49
N GLU A 17 26.38 -2.60 -17.28
CA GLU A 17 25.63 -3.86 -17.53
C GLU A 17 25.42 -4.58 -16.19
N ASN A 18 26.45 -4.65 -15.36
CA ASN A 18 26.35 -5.36 -14.05
C ASN A 18 26.46 -4.34 -12.90
N LEU A 19 26.15 -4.77 -11.68
CA LEU A 19 26.17 -3.83 -10.52
C LEU A 19 27.62 -3.41 -10.24
N GLN A 20 28.57 -4.29 -10.53
CA GLN A 20 30.01 -3.95 -10.29
C GLN A 20 30.43 -2.88 -11.31
N GLU A 21 30.11 -3.09 -12.60
CA GLU A 21 30.42 -2.03 -13.59
C GLU A 21 29.85 -0.71 -13.10
N PHE A 22 28.61 -0.71 -12.58
CA PHE A 22 28.00 0.53 -12.04
C PHE A 22 28.95 1.13 -10.99
N TRP A 23 29.25 0.36 -9.95
CA TRP A 23 30.12 0.86 -8.85
C TRP A 23 31.41 1.44 -9.44
N ASP A 24 32.04 0.72 -10.35
CA ASP A 24 33.36 1.17 -10.91
C ASP A 24 33.15 2.54 -11.57
N ASN A 25 32.13 2.67 -12.42
CA ASN A 25 31.89 3.96 -13.12
C ASN A 25 31.63 5.05 -12.08
N LEU A 26 30.91 4.71 -11.01
CA LEU A 26 30.58 5.69 -9.95
C LEU A 26 31.84 6.20 -9.25
N ILE A 27 32.74 5.29 -8.85
CA ILE A 27 33.97 5.69 -8.09
C ILE A 27 35.05 6.13 -9.10
N GLY A 28 34.92 5.71 -10.36
CA GLY A 28 35.90 6.11 -11.39
C GLY A 28 35.72 7.58 -11.75
N GLY A 29 34.55 8.15 -11.43
CA GLY A 29 34.27 9.55 -11.76
C GLY A 29 33.97 9.72 -13.23
N VAL A 30 33.64 8.62 -13.91
CA VAL A 30 33.33 8.67 -15.38
C VAL A 30 31.95 9.30 -15.57
N ASP A 31 31.78 10.13 -16.61
CA ASP A 31 30.45 10.73 -16.90
C ASP A 31 29.60 9.69 -17.65
N MET A 32 28.79 8.93 -16.92
CA MET A 32 28.00 7.87 -17.54
C MET A 32 26.99 8.41 -18.55
N VAL A 33 26.89 9.71 -18.70
CA VAL A 33 26.04 10.31 -19.73
C VAL A 33 26.87 10.57 -20.97
N THR A 34 26.29 10.31 -22.14
CA THR A 34 27.03 10.32 -23.39
C THR A 34 26.28 11.14 -24.43
N ASP A 35 26.98 11.48 -25.51
CA ASP A 35 26.34 12.23 -26.63
C ASP A 35 26.39 11.35 -27.87
N ASP A 36 25.54 10.31 -27.93
CA ASP A 36 25.56 9.37 -29.08
C ASP A 36 24.14 9.21 -29.63
N ASP A 37 24.01 8.95 -30.93
CA ASP A 37 22.67 8.70 -31.53
C ASP A 37 22.30 7.24 -31.29
N ARG A 38 22.04 6.87 -30.04
CA ARG A 38 21.74 5.45 -29.71
C ARG A 38 20.20 5.25 -29.67
N ARG A 39 19.44 6.35 -29.66
CA ARG A 39 17.99 6.23 -29.63
C ARG A 39 17.30 7.20 -30.58
N TRP A 40 17.78 8.43 -30.68
CA TRP A 40 17.36 9.32 -31.76
C TRP A 40 18.58 10.11 -32.18
N LYS A 41 18.37 11.18 -32.94
CA LYS A 41 19.47 11.99 -33.45
C LYS A 41 20.14 12.78 -32.32
N ALA A 42 21.14 13.56 -32.70
CA ALA A 42 21.94 14.27 -31.71
C ALA A 42 21.16 15.39 -31.04
N GLY A 43 20.61 16.30 -31.83
CA GLY A 43 19.95 17.44 -31.24
C GLY A 43 18.66 17.83 -31.91
N LEU A 44 17.89 16.85 -32.39
CA LEU A 44 16.67 17.15 -33.10
C LEU A 44 15.61 17.71 -32.16
N TYR A 45 14.76 18.59 -32.71
CA TYR A 45 13.74 19.38 -32.01
C TYR A 45 14.34 20.29 -30.95
N GLY A 46 15.63 20.62 -31.04
CA GLY A 46 16.28 21.42 -30.03
C GLY A 46 16.56 20.72 -28.73
N LEU A 47 16.55 19.39 -28.71
CA LEU A 47 16.79 18.64 -27.49
C LEU A 47 18.26 18.71 -27.09
N PRO A 48 18.56 18.53 -25.81
CA PRO A 48 19.98 18.41 -25.40
C PRO A 48 20.61 17.16 -25.98
N ARG A 49 21.89 17.27 -26.31
CA ARG A 49 22.57 16.17 -26.97
C ARG A 49 22.98 15.07 -25.99
N ARG A 50 23.03 15.36 -24.70
CA ARG A 50 23.57 14.42 -23.74
C ARG A 50 22.46 13.72 -22.98
N SER A 51 22.62 12.42 -22.79
CA SER A 51 21.68 11.61 -22.04
C SER A 51 22.40 10.35 -21.60
N GLY A 52 21.85 9.72 -20.55
CA GLY A 52 22.38 8.46 -20.05
C GLY A 52 21.53 7.31 -20.53
N LYS A 53 22.16 6.37 -21.23
CA LYS A 53 21.40 5.27 -21.81
C LYS A 53 22.11 3.94 -21.56
N LEU A 54 21.32 2.87 -21.59
CA LEU A 54 21.81 1.54 -21.33
C LEU A 54 22.68 1.06 -22.48
N LYS A 55 23.49 0.04 -22.20
CA LYS A 55 24.44 -0.45 -23.18
C LYS A 55 23.74 -1.23 -24.29
N ASP A 56 22.83 -2.12 -23.92
CA ASP A 56 22.08 -2.91 -24.89
C ASP A 56 20.63 -3.00 -24.44
N LEU A 57 19.76 -3.23 -25.41
CA LEU A 57 18.32 -3.24 -25.14
C LEU A 57 17.59 -4.38 -25.83
N SER A 58 18.28 -5.24 -26.58
CA SER A 58 17.64 -6.22 -27.45
C SER A 58 18.01 -7.66 -27.07
N ARG A 59 18.48 -7.89 -25.86
CA ARG A 59 18.95 -9.20 -25.44
C ARG A 59 17.99 -9.77 -24.41
N PHE A 60 17.60 -11.02 -24.59
CA PHE A 60 16.64 -11.67 -23.71
C PHE A 60 16.77 -13.18 -23.87
N ASP A 61 16.78 -13.88 -22.75
CA ASP A 61 16.84 -15.35 -22.73
C ASP A 61 15.41 -15.86 -22.69
N ALA A 62 14.80 -15.98 -23.87
CA ALA A 62 13.37 -16.23 -23.95
C ALA A 62 13.01 -17.66 -23.57
N SER A 63 13.91 -18.61 -23.81
CA SER A 63 13.60 -20.01 -23.51
C SER A 63 13.58 -20.30 -22.02
N PHE A 64 14.42 -19.60 -21.24
CA PHE A 64 14.45 -19.81 -19.80
C PHE A 64 13.16 -19.35 -19.14
N PHE A 65 12.64 -18.21 -19.56
CA PHE A 65 11.46 -17.64 -18.96
C PHE A 65 10.19 -18.14 -19.62
N GLY A 66 10.31 -19.02 -20.59
CA GLY A 66 9.19 -19.70 -21.20
C GLY A 66 8.26 -18.82 -22.00
N VAL A 67 8.79 -17.87 -22.76
CA VAL A 67 7.98 -17.06 -23.65
C VAL A 67 8.24 -17.51 -25.07
N HIS A 68 7.19 -17.49 -25.88
CA HIS A 68 7.27 -17.88 -27.28
C HIS A 68 8.06 -16.81 -28.03
N PRO A 69 8.86 -17.20 -29.03
CA PRO A 69 9.65 -16.20 -29.78
C PRO A 69 8.82 -15.16 -30.50
N LYS A 70 7.61 -15.50 -30.94
CA LYS A 70 6.73 -14.50 -31.52
C LYS A 70 6.16 -13.56 -30.47
N GLN A 71 5.95 -14.03 -29.25
CA GLN A 71 5.56 -13.17 -28.14
C GLN A 71 6.72 -12.33 -27.61
N ALA A 72 7.95 -12.80 -27.73
CA ALA A 72 9.10 -12.05 -27.23
C ALA A 72 9.43 -10.83 -28.08
N HIS A 73 9.12 -10.86 -29.38
CA HIS A 73 9.35 -9.70 -30.22
C HIS A 73 8.41 -8.55 -29.90
N THR A 74 7.19 -8.87 -29.46
CA THR A 74 6.17 -7.86 -29.18
C THR A 74 6.06 -7.57 -27.68
N MET A 75 7.15 -7.71 -26.96
CA MET A 75 7.24 -7.45 -25.54
C MET A 75 7.92 -6.11 -25.30
N ASP A 76 7.63 -5.47 -24.17
CA ASP A 76 8.30 -4.25 -23.73
C ASP A 76 9.73 -4.65 -23.36
N PRO A 77 10.76 -3.99 -23.90
CA PRO A 77 12.15 -4.35 -23.54
C PRO A 77 12.46 -4.23 -22.06
N GLN A 78 11.81 -3.26 -21.43
CA GLN A 78 12.02 -3.01 -20.01
C GLN A 78 11.45 -4.13 -19.14
N LEU A 79 10.42 -4.84 -19.63
CA LEU A 79 9.94 -6.02 -18.93
C LEU A 79 10.89 -7.21 -19.07
N ARG A 80 11.50 -7.37 -20.25
CA ARG A 80 12.50 -8.42 -20.43
C ARG A 80 13.71 -8.22 -19.53
N LEU A 81 14.21 -6.99 -19.49
CA LEU A 81 15.32 -6.66 -18.61
C LEU A 81 14.95 -6.82 -17.15
N LEU A 82 13.71 -6.47 -16.79
CA LEU A 82 13.27 -6.63 -15.41
C LEU A 82 13.16 -8.08 -15.00
N LEU A 83 12.72 -8.97 -15.90
CA LEU A 83 12.72 -10.41 -15.60
C LEU A 83 14.12 -10.94 -15.33
N GLU A 84 15.10 -10.55 -16.14
CA GLU A 84 16.46 -11.03 -15.92
C GLU A 84 17.07 -10.48 -14.62
N VAL A 85 16.92 -9.18 -14.36
CA VAL A 85 17.53 -8.63 -13.15
C VAL A 85 16.77 -9.07 -11.90
N THR A 86 15.50 -9.44 -12.05
CA THR A 86 14.74 -9.97 -10.93
C THR A 86 15.22 -11.35 -10.54
N TYR A 87 15.57 -12.19 -11.52
CA TYR A 87 16.22 -13.45 -11.18
C TYR A 87 17.59 -13.21 -10.52
N GLU A 88 18.35 -12.25 -11.04
CA GLU A 88 19.70 -12.01 -10.55
C GLU A 88 19.69 -11.49 -9.11
N ALA A 89 18.65 -10.74 -8.73
CA ALA A 89 18.54 -10.24 -7.36
C ALA A 89 18.29 -11.34 -6.33
N ILE A 90 17.39 -12.27 -6.65
CA ILE A 90 17.12 -13.42 -5.79
C ILE A 90 18.37 -14.27 -5.64
N VAL A 91 19.08 -14.50 -6.74
CA VAL A 91 20.32 -15.28 -6.70
C VAL A 91 21.41 -14.56 -5.91
N ASP A 92 21.46 -13.22 -6.02
CA ASP A 92 22.39 -12.43 -5.22
C ASP A 92 22.10 -12.52 -3.73
N GLY A 93 20.84 -12.78 -3.36
CA GLY A 93 20.51 -12.92 -1.95
C GLY A 93 21.03 -14.20 -1.34
N GLY A 94 21.48 -15.15 -2.16
CA GLY A 94 21.87 -16.45 -1.70
C GLY A 94 20.72 -17.43 -1.60
N ILE A 95 19.54 -17.04 -2.10
CA ILE A 95 18.33 -17.84 -1.97
C ILE A 95 18.02 -18.47 -3.32
N ASN A 96 17.78 -19.78 -3.32
CA ASN A 96 17.26 -20.43 -4.50
C ASN A 96 15.84 -19.95 -4.76
N PRO A 97 15.49 -19.53 -5.98
CA PRO A 97 14.13 -19.03 -6.24
C PRO A 97 13.05 -20.09 -6.12
N ASP A 98 13.41 -21.38 -6.16
CA ASP A 98 12.43 -22.44 -6.01
C ASP A 98 11.91 -22.59 -4.60
N SER A 99 12.56 -21.96 -3.61
CA SER A 99 12.07 -21.99 -2.24
C SER A 99 11.00 -20.94 -1.98
N LEU A 100 10.67 -20.11 -2.96
CA LEU A 100 9.62 -19.12 -2.82
C LEU A 100 8.44 -19.38 -3.76
N ARG A 101 8.31 -20.61 -4.27
CA ARG A 101 7.36 -20.91 -5.34
C ARG A 101 5.91 -20.96 -4.89
N GLY A 102 5.63 -21.02 -3.59
CA GLY A 102 4.23 -21.08 -3.22
C GLY A 102 3.87 -20.05 -2.18
N THR A 103 4.84 -19.22 -1.83
CA THR A 103 4.74 -18.33 -0.70
C THR A 103 3.95 -17.09 -1.06
N HIS A 104 3.73 -16.24 -0.07
CA HIS A 104 2.91 -15.05 -0.19
C HIS A 104 3.73 -13.80 -0.43
N THR A 105 4.81 -13.89 -1.21
CA THR A 105 5.66 -12.73 -1.43
C THR A 105 5.07 -11.82 -2.49
N GLY A 106 5.25 -10.51 -2.31
CA GLY A 106 4.65 -9.52 -3.17
C GLY A 106 5.61 -8.88 -4.15
N VAL A 107 5.05 -8.23 -5.16
CA VAL A 107 5.81 -7.51 -6.18
C VAL A 107 5.28 -6.09 -6.25
N TRP A 108 6.17 -5.11 -6.18
CA TRP A 108 5.84 -3.70 -6.33
C TRP A 108 6.82 -3.08 -7.32
N VAL A 109 6.31 -2.58 -8.44
CA VAL A 109 7.15 -2.01 -9.50
C VAL A 109 6.76 -0.55 -9.71
N GLY A 110 7.75 0.33 -9.76
CA GLY A 110 7.53 1.72 -10.10
C GLY A 110 7.81 2.04 -11.56
N VAL A 111 6.74 2.25 -12.33
CA VAL A 111 6.89 2.59 -13.77
C VAL A 111 6.34 4.01 -13.95
N SER A 112 6.56 4.61 -15.13
CA SER A 112 5.98 5.95 -15.40
C SER A 112 5.59 6.05 -16.88
N GLY A 113 6.14 5.18 -17.74
CA GLY A 113 5.84 5.30 -19.15
C GLY A 113 5.70 3.97 -19.81
N SER A 114 4.87 3.92 -20.85
CA SER A 114 4.74 2.76 -21.72
C SER A 114 4.72 3.26 -23.16
N GLU A 115 5.89 3.45 -23.73
CA GLU A 115 6.01 3.89 -25.11
C GLU A 115 5.97 2.74 -26.11
N THR A 116 6.42 1.56 -25.70
CA THR A 116 6.33 0.37 -26.54
C THR A 116 4.88 -0.01 -26.80
N SER A 117 4.00 0.24 -25.85
CA SER A 117 2.59 -0.06 -26.02
C SER A 117 1.97 0.79 -27.11
N GLU A 118 2.32 2.08 -27.18
CA GLU A 118 1.74 2.92 -28.20
C GLU A 118 2.50 2.84 -29.52
N ALA A 119 3.73 2.34 -29.52
CA ALA A 119 4.39 2.08 -30.78
C ALA A 119 3.87 0.81 -31.43
N LEU A 120 3.46 -0.18 -30.64
CA LEU A 120 3.01 -1.46 -31.15
C LEU A 120 1.53 -1.46 -31.49
N SER A 121 0.80 -0.38 -31.23
CA SER A 121 -0.62 -0.31 -31.53
C SER A 121 -0.96 0.80 -32.51
N ARG A 122 0.00 1.23 -33.32
CA ARG A 122 -0.25 2.33 -34.25
C ARG A 122 -1.02 1.89 -35.49
N ASP A 123 -0.89 0.63 -35.89
CA ASP A 123 -1.54 0.16 -37.11
C ASP A 123 -2.66 -0.80 -36.73
N PRO A 124 -3.92 -0.40 -36.81
CA PRO A 124 -5.02 -1.28 -36.41
C PRO A 124 -5.36 -2.38 -37.39
N GLU A 125 -4.65 -2.48 -38.52
CA GLU A 125 -4.88 -3.55 -39.46
C GLU A 125 -3.90 -4.71 -39.29
N THR A 126 -2.70 -4.45 -38.77
CA THR A 126 -1.70 -5.49 -38.54
C THR A 126 -1.40 -5.68 -37.06
N LEU A 127 -2.38 -5.43 -36.20
CA LEU A 127 -2.21 -5.65 -34.77
C LEU A 127 -2.15 -7.13 -34.43
N VAL A 128 -1.56 -7.42 -33.28
CA VAL A 128 -1.60 -8.73 -32.67
C VAL A 128 -2.10 -8.57 -31.24
N GLY A 129 -2.69 -9.63 -30.70
CA GLY A 129 -3.20 -9.56 -29.34
C GLY A 129 -2.14 -9.63 -28.27
N TYR A 130 -0.95 -10.14 -28.61
CA TYR A 130 0.09 -10.34 -27.60
C TYR A 130 0.71 -9.02 -27.14
N SER A 131 0.51 -7.94 -27.89
CA SER A 131 1.05 -6.66 -27.48
C SER A 131 0.30 -6.10 -26.28
N MET A 132 -0.93 -6.55 -26.04
CA MET A 132 -1.61 -6.18 -24.81
C MET A 132 -1.01 -6.89 -23.62
N VAL A 133 -0.68 -8.17 -23.78
CA VAL A 133 -0.14 -8.98 -22.70
C VAL A 133 1.30 -8.58 -22.34
N GLY A 134 2.09 -8.17 -23.32
CA GLY A 134 3.48 -7.86 -23.03
C GLY A 134 3.81 -6.41 -22.77
N CYS A 135 2.86 -5.49 -22.93
CA CYS A 135 3.16 -4.07 -22.82
C CYS A 135 2.25 -3.28 -21.89
N GLN A 136 1.17 -3.87 -21.39
CA GLN A 136 0.31 -3.19 -20.43
C GLN A 136 1.06 -2.98 -19.12
N ARG A 137 0.82 -1.83 -18.47
CA ARG A 137 1.62 -1.42 -17.32
C ARG A 137 1.44 -2.33 -16.11
N ALA A 138 0.27 -2.96 -15.96
CA ALA A 138 0.08 -3.91 -14.86
C ALA A 138 0.86 -5.19 -15.08
N MET A 139 1.20 -5.48 -16.34
CA MET A 139 1.88 -6.74 -16.63
C MET A 139 3.34 -6.69 -16.23
N MET A 140 3.89 -5.49 -15.99
CA MET A 140 5.26 -5.35 -15.49
C MET A 140 5.43 -5.98 -14.11
N ALA A 141 4.37 -6.05 -13.31
CA ALA A 141 4.38 -6.82 -12.08
C ALA A 141 3.72 -8.18 -12.22
N ASN A 142 2.69 -8.30 -13.05
CA ASN A 142 1.96 -9.55 -13.13
C ASN A 142 2.76 -10.65 -13.83
N ARG A 143 3.61 -10.32 -14.80
CA ARG A 143 4.45 -11.34 -15.43
C ARG A 143 5.51 -11.86 -14.47
N LEU A 144 6.03 -10.99 -13.60
CA LEU A 144 6.97 -11.41 -12.58
C LEU A 144 6.32 -12.37 -11.60
N SER A 145 5.11 -12.02 -11.14
CA SER A 145 4.39 -12.91 -10.25
C SER A 145 4.00 -14.21 -10.94
N PHE A 146 3.75 -14.18 -12.25
CA PHE A 146 3.40 -15.39 -12.98
C PHE A 146 4.59 -16.31 -13.13
N PHE A 147 5.75 -15.78 -13.51
CA PHE A 147 6.91 -16.65 -13.73
C PHE A 147 7.46 -17.19 -12.42
N PHE A 148 7.60 -16.34 -11.41
CA PHE A 148 8.22 -16.79 -10.17
C PHE A 148 7.24 -17.48 -9.23
N ASP A 149 5.95 -17.53 -9.59
CA ASP A 149 4.88 -18.16 -8.81
C ASP A 149 4.74 -17.54 -7.43
N PHE A 150 4.42 -16.25 -7.42
CA PHE A 150 4.27 -15.48 -6.19
C PHE A 150 2.78 -15.25 -5.93
N ARG A 151 2.36 -15.48 -4.69
CA ARG A 151 0.95 -15.37 -4.34
C ARG A 151 0.58 -14.07 -3.64
N GLY A 152 1.52 -13.16 -3.44
CA GLY A 152 1.23 -11.93 -2.71
C GLY A 152 0.66 -10.86 -3.62
N PRO A 153 0.55 -9.63 -3.11
CA PRO A 153 0.07 -8.53 -3.95
C PRO A 153 1.01 -8.21 -5.09
N SER A 154 0.45 -7.84 -6.23
CA SER A 154 1.22 -7.59 -7.45
C SER A 154 0.76 -6.26 -8.04
N ILE A 155 1.45 -5.18 -7.71
CA ILE A 155 1.00 -3.82 -8.00
C ILE A 155 2.06 -3.07 -8.80
N ALA A 156 1.64 -2.39 -9.84
CA ALA A 156 2.45 -1.40 -10.54
C ALA A 156 1.92 -0.01 -10.21
N LEU A 157 2.80 0.88 -9.74
CA LEU A 157 2.36 2.18 -9.28
C LEU A 157 3.20 3.29 -9.90
N ASP A 158 2.58 4.44 -10.11
CA ASP A 158 3.22 5.61 -10.71
C ASP A 158 3.03 6.80 -9.80
N THR A 159 4.13 7.38 -9.34
CA THR A 159 4.09 8.48 -8.39
C THR A 159 5.16 9.50 -8.81
N ALA A 160 5.32 9.63 -10.12
CA ALA A 160 6.30 10.49 -10.83
C ALA A 160 7.71 10.05 -10.41
N CYS A 161 8.58 10.97 -9.99
CA CYS A 161 9.98 10.66 -9.75
C CYS A 161 10.21 9.82 -8.50
N SER A 162 9.29 9.78 -7.56
CA SER A 162 9.48 9.03 -6.32
C SER A 162 8.87 7.64 -6.40
N SER A 163 8.67 7.13 -7.62
CA SER A 163 7.85 5.93 -7.81
C SER A 163 8.57 4.68 -7.32
N SER A 164 9.88 4.63 -7.46
CA SER A 164 10.63 3.43 -7.08
C SER A 164 10.77 3.32 -5.56
N LEU A 165 10.96 4.45 -4.89
CA LEU A 165 11.10 4.43 -3.45
C LEU A 165 9.75 4.26 -2.76
N MET A 166 8.67 4.69 -3.42
CA MET A 166 7.33 4.46 -2.89
C MET A 166 6.99 2.97 -2.89
N ALA A 167 7.46 2.24 -3.91
CA ALA A 167 7.27 0.81 -3.96
C ALA A 167 8.04 0.11 -2.84
N LEU A 168 9.24 0.61 -2.55
CA LEU A 168 10.03 0.10 -1.43
C LEU A 168 9.34 0.37 -0.11
N GLN A 169 8.70 1.54 0.02
CA GLN A 169 8.00 1.88 1.26
C GLN A 169 6.79 0.97 1.48
N ASN A 170 6.03 0.67 0.43
CA ASN A 170 4.90 -0.24 0.55
C ASN A 170 5.32 -1.67 0.83
N ALA A 171 6.39 -2.14 0.20
CA ALA A 171 6.93 -3.46 0.48
C ALA A 171 7.44 -3.55 1.91
N TYR A 172 8.00 -2.45 2.44
CA TYR A 172 8.39 -2.39 3.85
C TYR A 172 7.21 -2.59 4.78
N GLN A 173 6.09 -1.93 4.48
CA GLN A 173 4.92 -2.04 5.34
C GLN A 173 4.28 -3.41 5.26
N ALA A 174 4.38 -4.07 4.11
CA ALA A 174 3.86 -5.44 4.01
C ALA A 174 4.66 -6.42 4.86
N ILE A 175 6.00 -6.33 4.85
CA ILE A 175 6.81 -7.24 5.67
C ILE A 175 6.67 -6.90 7.14
N HIS A 176 6.62 -5.61 7.46
CA HIS A 176 6.55 -5.15 8.85
C HIS A 176 5.27 -5.60 9.54
N SER A 177 4.16 -5.62 8.81
CA SER A 177 2.88 -6.02 9.38
C SER A 177 2.73 -7.52 9.50
N GLY A 178 3.63 -8.31 8.93
CA GLY A 178 3.47 -9.75 8.91
C GLY A 178 2.60 -10.26 7.79
N GLN A 179 2.19 -9.40 6.86
CA GLN A 179 1.38 -9.84 5.74
C GLN A 179 2.19 -10.70 4.77
N CYS A 180 3.42 -10.30 4.47
CA CYS A 180 4.24 -10.95 3.46
C CYS A 180 5.53 -11.44 4.10
N PRO A 181 6.07 -12.59 3.68
CA PRO A 181 7.39 -12.98 4.18
C PRO A 181 8.54 -12.32 3.42
N ALA A 182 8.36 -12.04 2.13
CA ALA A 182 9.39 -11.43 1.31
C ALA A 182 8.70 -10.52 0.30
N ALA A 183 9.51 -9.77 -0.44
CA ALA A 183 8.98 -8.85 -1.43
C ALA A 183 10.03 -8.57 -2.48
N ILE A 184 9.57 -8.09 -3.63
CA ILE A 184 10.45 -7.67 -4.72
C ILE A 184 10.05 -6.27 -5.13
N VAL A 185 11.01 -5.36 -5.14
CA VAL A 185 10.81 -3.97 -5.51
C VAL A 185 11.57 -3.70 -6.80
N GLY A 186 10.91 -3.10 -7.78
CA GLY A 186 11.53 -2.82 -9.05
C GLY A 186 11.36 -1.37 -9.46
N GLY A 187 12.20 -0.95 -10.40
CA GLY A 187 12.10 0.36 -11.00
C GLY A 187 12.67 0.38 -12.40
N ILE A 188 11.93 0.89 -13.38
CA ILE A 188 12.29 0.78 -14.77
C ILE A 188 12.06 2.12 -15.47
N ASN A 189 13.00 2.50 -16.34
CA ASN A 189 12.84 3.68 -17.18
C ASN A 189 13.66 3.48 -18.44
N VAL A 190 13.05 3.72 -19.61
CA VAL A 190 13.70 3.57 -20.89
C VAL A 190 13.28 4.74 -21.77
N LEU A 191 14.23 5.39 -22.43
CA LEU A 191 13.98 6.54 -23.30
C LEU A 191 13.82 6.07 -24.73
N LEU A 192 12.59 6.10 -25.25
CA LEU A 192 12.35 5.65 -26.63
C LEU A 192 11.81 6.74 -27.52
N LYS A 193 10.84 7.54 -27.07
CA LYS A 193 10.38 8.54 -28.03
C LYS A 193 10.79 9.94 -27.59
N PRO A 194 11.18 10.80 -28.53
CA PRO A 194 11.68 12.13 -28.17
C PRO A 194 10.60 13.15 -27.81
N ASN A 195 9.33 12.82 -28.01
CA ASN A 195 8.25 13.75 -27.72
C ASN A 195 8.13 14.02 -26.23
N THR A 196 8.40 13.02 -25.40
CA THR A 196 8.43 13.19 -23.95
C THR A 196 9.55 14.14 -23.53
N SER A 197 10.71 14.02 -24.16
CA SER A 197 11.80 14.95 -23.87
C SER A 197 11.48 16.36 -24.32
N VAL A 198 10.71 16.50 -25.41
CA VAL A 198 10.30 17.83 -25.84
C VAL A 198 9.31 18.43 -24.84
N GLN A 199 8.43 17.59 -24.28
CA GLN A 199 7.52 18.05 -23.22
C GLN A 199 8.29 18.54 -21.99
N PHE A 200 9.29 17.78 -21.58
CA PHE A 200 10.09 18.18 -20.43
C PHE A 200 10.93 19.42 -20.72
N LEU A 201 11.36 19.58 -21.97
CA LEU A 201 12.09 20.79 -22.36
C LEU A 201 11.19 22.02 -22.32
N ARG A 202 9.95 21.90 -22.79
CA ARG A 202 9.05 23.03 -22.77
C ARG A 202 8.56 23.36 -21.37
N LEU A 203 8.56 22.37 -20.47
CA LEU A 203 8.24 22.68 -19.08
C LEU A 203 9.36 23.43 -18.37
N GLY A 204 10.57 23.41 -18.91
CA GLY A 204 11.69 24.08 -18.28
C GLY A 204 12.47 23.25 -17.30
N MET A 205 12.36 21.93 -17.35
CA MET A 205 13.00 21.06 -16.37
C MET A 205 14.32 20.48 -16.85
N LEU A 206 14.63 20.54 -18.14
CA LEU A 206 15.83 19.93 -18.67
C LEU A 206 16.95 20.95 -18.77
N SER A 207 18.14 20.54 -18.35
CA SER A 207 19.31 21.38 -18.51
C SER A 207 19.72 21.44 -19.97
N PRO A 208 20.11 22.62 -20.48
CA PRO A 208 20.62 22.68 -21.85
C PRO A 208 21.93 21.95 -22.05
N GLU A 209 22.75 21.83 -21.01
CA GLU A 209 24.02 21.13 -21.11
C GLU A 209 23.90 19.63 -20.84
N GLY A 210 22.74 19.16 -20.41
CA GLY A 210 22.54 17.76 -20.11
C GLY A 210 23.33 17.26 -18.91
N THR A 211 23.40 18.05 -17.85
CA THR A 211 24.21 17.73 -16.68
C THR A 211 23.42 18.05 -15.42
N CYS A 212 23.47 17.17 -14.43
CA CYS A 212 22.92 17.44 -13.11
C CYS A 212 24.03 18.04 -12.26
N LYS A 213 24.13 19.37 -12.27
CA LYS A 213 25.11 20.07 -11.43
C LYS A 213 24.50 20.17 -10.03
N ALA A 214 24.63 19.09 -9.27
CA ALA A 214 23.99 19.02 -7.97
C ALA A 214 24.71 19.90 -6.96
N PHE A 215 23.92 20.69 -6.22
CA PHE A 215 24.37 21.61 -5.17
C PHE A 215 25.32 22.68 -5.69
N ASP A 216 25.25 22.99 -6.97
CA ASP A 216 26.19 23.88 -7.64
C ASP A 216 25.50 25.19 -7.99
N THR A 217 26.31 26.24 -8.15
CA THR A 217 25.77 27.54 -8.54
C THR A 217 25.22 27.53 -9.95
N ALA A 218 25.79 26.72 -10.83
CA ALA A 218 25.43 26.71 -12.24
C ALA A 218 24.34 25.70 -12.57
N GLY A 219 23.61 25.20 -11.58
CA GLY A 219 22.59 24.20 -11.85
C GLY A 219 21.37 24.81 -12.50
N ASN A 220 20.93 24.21 -13.61
CA ASN A 220 19.79 24.74 -14.34
C ASN A 220 18.85 23.65 -14.86
N GLY A 221 18.87 22.46 -14.29
CA GLY A 221 18.00 21.40 -14.75
C GLY A 221 18.68 20.06 -14.58
N TYR A 222 18.02 19.02 -15.08
CA TYR A 222 18.57 17.68 -14.97
C TYR A 222 18.73 17.06 -16.35
N CYS A 223 19.29 15.85 -16.35
CA CYS A 223 19.55 15.09 -17.56
C CYS A 223 18.78 13.78 -17.48
N ARG A 224 18.07 13.43 -18.54
CA ARG A 224 17.25 12.23 -18.54
C ARG A 224 18.10 10.98 -18.71
N SER A 225 17.73 9.92 -18.00
CA SER A 225 18.52 8.69 -18.00
C SER A 225 17.62 7.48 -18.00
N GLU A 226 18.24 6.31 -18.16
CA GLU A 226 17.57 5.02 -18.16
C GLU A 226 18.04 4.20 -16.97
N GLY A 227 17.37 3.08 -16.74
CA GLY A 227 17.78 2.19 -15.67
C GLY A 227 16.77 1.13 -15.29
N VAL A 228 17.25 -0.07 -14.98
CA VAL A 228 16.40 -1.20 -14.56
C VAL A 228 17.04 -1.77 -13.31
N VAL A 229 16.42 -1.56 -12.15
CA VAL A 229 16.94 -1.98 -10.85
C VAL A 229 15.91 -2.84 -10.15
N ALA A 230 16.36 -3.89 -9.46
CA ALA A 230 15.51 -4.70 -8.58
C ALA A 230 16.24 -5.03 -7.30
N VAL A 231 15.51 -5.02 -6.17
CA VAL A 231 16.05 -5.44 -4.88
C VAL A 231 15.10 -6.48 -4.28
N LEU A 232 15.65 -7.29 -3.38
CA LEU A 232 14.88 -8.31 -2.68
C LEU A 232 14.83 -7.96 -1.20
N LEU A 233 13.62 -7.85 -0.67
CA LEU A 233 13.38 -7.57 0.73
C LEU A 233 12.84 -8.81 1.41
N THR A 234 13.21 -9.01 2.67
CA THR A 234 12.76 -10.18 3.39
C THR A 234 12.77 -9.89 4.88
N LYS A 235 12.10 -10.75 5.64
CA LYS A 235 12.23 -10.72 7.09
C LYS A 235 13.61 -11.22 7.48
N LYS A 236 13.99 -10.95 8.73
CA LYS A 236 15.36 -11.18 9.18
C LYS A 236 15.71 -12.66 9.23
N SER A 237 14.74 -13.52 9.56
CA SER A 237 15.03 -14.93 9.74
C SER A 237 15.26 -15.66 8.41
N LEU A 238 14.79 -15.10 7.30
CA LEU A 238 14.99 -15.75 6.01
C LEU A 238 16.25 -15.31 5.30
N ALA A 239 16.96 -14.32 5.82
CA ALA A 239 18.04 -13.66 5.09
C ALA A 239 19.33 -14.44 5.24
N ARG A 240 19.92 -14.85 4.11
CA ARG A 240 21.26 -15.39 4.09
C ARG A 240 22.30 -14.28 4.01
N ARG A 241 21.94 -13.16 3.41
CA ARG A 241 22.82 -12.02 3.19
C ARG A 241 22.07 -10.75 3.57
N VAL A 242 22.74 -9.87 4.30
CA VAL A 242 22.15 -8.61 4.73
C VAL A 242 23.03 -7.47 4.28
N TYR A 243 22.48 -6.56 3.48
CA TYR A 243 23.17 -5.31 3.17
C TYR A 243 22.92 -4.26 4.22
N ALA A 244 21.66 -4.07 4.62
CA ALA A 244 21.28 -3.09 5.62
C ALA A 244 19.93 -3.47 6.19
N THR A 245 19.57 -2.85 7.31
CA THR A 245 18.28 -3.02 7.95
C THR A 245 17.50 -1.72 7.82
N ILE A 246 16.27 -1.81 7.32
CA ILE A 246 15.41 -0.64 7.17
C ILE A 246 14.85 -0.30 8.54
N LEU A 247 15.28 0.83 9.11
CA LEU A 247 14.77 1.22 10.42
C LEU A 247 13.37 1.81 10.31
N ASN A 248 13.12 2.64 9.30
CA ASN A 248 11.81 3.26 9.13
C ASN A 248 11.66 3.70 7.68
N ALA A 249 10.41 3.91 7.28
CA ALA A 249 10.08 4.35 5.94
C ALA A 249 8.70 4.99 5.96
N GLY A 250 8.56 6.11 5.26
CA GLY A 250 7.29 6.84 5.29
C GLY A 250 7.16 7.76 4.11
N THR A 251 5.98 8.39 4.02
CA THR A 251 5.67 9.25 2.89
C THR A 251 4.66 10.31 3.30
N ASN A 252 4.63 11.42 2.55
CA ASN A 252 3.57 12.41 2.65
C ASN A 252 3.48 13.15 1.32
N THR A 253 2.66 14.20 1.28
CA THR A 253 2.47 15.02 0.09
C THR A 253 2.46 16.48 0.51
N ASP A 254 2.86 17.36 -0.42
CA ASP A 254 2.99 18.78 -0.13
C ASP A 254 1.65 19.43 0.14
N GLY A 255 0.62 19.04 -0.60
CA GLY A 255 -0.67 19.70 -0.47
C GLY A 255 -0.75 20.94 -1.34
N PHE A 256 -1.47 21.94 -0.86
CA PHE A 256 -1.64 23.17 -1.62
C PHE A 256 -0.43 24.08 -1.45
N LYS A 257 0.04 24.64 -2.55
CA LYS A 257 1.13 25.59 -2.56
C LYS A 257 0.73 26.79 -3.40
N GLU A 258 1.05 27.99 -2.92
CA GLU A 258 0.71 29.20 -3.66
C GLU A 258 1.54 29.34 -4.93
N GLN A 259 2.73 28.75 -4.96
CA GLN A 259 3.66 28.96 -6.06
C GLN A 259 3.26 28.16 -7.29
N GLY A 260 2.65 27.00 -7.11
CA GLY A 260 2.26 26.19 -8.24
C GLY A 260 2.29 24.71 -7.87
N VAL A 261 1.91 23.85 -8.80
CA VAL A 261 1.91 22.39 -8.51
C VAL A 261 3.37 21.88 -8.57
N THR A 262 4.12 22.31 -9.59
CA THR A 262 5.52 21.86 -9.80
C THR A 262 6.46 22.27 -8.68
N PHE A 263 6.32 23.48 -8.11
CA PHE A 263 7.36 23.97 -7.17
C PHE A 263 7.52 23.12 -5.93
N PRO A 264 8.79 22.83 -5.52
CA PRO A 264 9.06 22.07 -4.30
C PRO A 264 8.81 22.82 -2.99
N SER A 265 8.40 22.12 -1.94
CA SER A 265 8.24 22.78 -0.61
C SER A 265 9.11 22.08 0.44
N GLY A 266 10.15 22.76 0.94
CA GLY A 266 11.04 22.10 1.88
C GLY A 266 10.49 21.91 3.28
N ASP A 267 9.41 22.61 3.62
CA ASP A 267 8.84 22.52 4.96
C ASP A 267 8.17 21.17 5.19
N ILE A 268 7.42 20.67 4.20
CA ILE A 268 6.77 19.37 4.32
C ILE A 268 7.80 18.25 4.30
N GLN A 269 8.88 18.42 3.52
CA GLN A 269 9.96 17.44 3.51
C GLN A 269 10.68 17.39 4.86
N GLU A 270 10.89 18.57 5.47
CA GLU A 270 11.48 18.63 6.80
C GLU A 270 10.60 17.95 7.84
N GLN A 271 9.28 18.15 7.73
CA GLN A 271 8.34 17.49 8.63
C GLN A 271 8.39 15.97 8.47
N LEU A 272 8.50 15.49 7.22
CA LEU A 272 8.57 14.06 6.97
C LEU A 272 9.84 13.45 7.59
N ILE A 273 10.98 14.12 7.42
CA ILE A 273 12.24 13.63 7.96
C ILE A 273 12.20 13.59 9.49
N ARG A 274 11.69 14.66 10.11
CA ARG A 274 11.65 14.71 11.58
C ARG A 274 10.66 13.70 12.16
N SER A 275 9.52 13.49 11.50
CA SER A 275 8.54 12.53 12.01
C SER A 275 9.06 11.10 11.90
N LEU A 276 9.80 10.82 10.82
CA LEU A 276 10.36 9.46 10.60
C LEU A 276 11.34 9.12 11.73
N TYR A 277 12.40 9.92 11.91
CA TYR A 277 13.45 9.54 12.91
C TYR A 277 12.84 9.52 14.33
N GLN A 278 11.88 10.41 14.59
CA GLN A 278 11.20 10.40 15.92
C GLN A 278 10.51 9.04 16.11
N SER A 279 9.57 8.71 15.21
CA SER A 279 8.90 7.43 15.28
C SER A 279 9.85 6.25 15.27
N ALA A 280 11.00 6.36 14.58
CA ALA A 280 11.98 5.28 14.62
C ALA A 280 12.76 5.21 15.92
N GLY A 281 12.87 6.32 16.65
CA GLY A 281 13.61 6.33 17.89
C GLY A 281 15.10 6.53 17.75
N VAL A 282 15.57 7.08 16.64
CA VAL A 282 16.99 7.31 16.41
C VAL A 282 17.29 8.79 16.59
N ALA A 283 18.43 9.08 17.16
CA ALA A 283 18.84 10.46 17.32
C ALA A 283 19.37 11.02 16.01
N PRO A 284 19.20 12.32 15.76
CA PRO A 284 19.79 12.92 14.55
C PRO A 284 21.31 13.03 14.59
N GLU A 285 21.95 12.80 15.74
CA GLU A 285 23.40 12.84 15.81
C GLU A 285 24.00 11.59 15.20
N SER A 286 23.23 10.50 15.12
CA SER A 286 23.74 9.20 14.70
C SER A 286 23.85 9.06 13.20
N PHE A 287 23.39 10.04 12.44
CA PHE A 287 23.53 10.02 11.00
C PHE A 287 24.93 10.43 10.57
N GLU A 288 25.41 9.83 9.49
CA GLU A 288 26.66 10.29 8.88
C GLU A 288 26.55 10.61 7.42
N TYR A 289 25.52 10.17 6.71
CA TYR A 289 25.40 10.43 5.29
C TYR A 289 23.93 10.53 4.95
N ILE A 290 23.60 11.42 4.03
CA ILE A 290 22.25 11.48 3.48
C ILE A 290 22.35 11.62 1.98
N GLU A 291 21.72 10.70 1.25
CA GLU A 291 21.62 10.80 -0.20
C GLU A 291 20.44 11.69 -0.52
N ALA A 292 20.72 12.90 -0.97
CA ALA A 292 19.69 13.87 -1.29
C ALA A 292 19.02 13.51 -2.61
N HIS A 293 17.90 14.16 -2.90
CA HIS A 293 17.29 14.05 -4.23
C HIS A 293 18.23 14.62 -5.28
N GLY A 294 18.69 15.85 -5.08
CA GLY A 294 19.84 16.40 -5.79
C GLY A 294 19.73 16.49 -7.29
N THR A 295 18.59 16.96 -7.79
CA THR A 295 18.37 16.97 -9.23
C THR A 295 19.08 18.10 -9.94
N GLY A 296 19.58 19.09 -9.22
CA GLY A 296 20.35 20.15 -9.84
C GLY A 296 19.54 21.32 -10.34
N THR A 297 18.31 21.48 -9.92
CA THR A 297 17.48 22.60 -10.37
C THR A 297 17.80 23.86 -9.57
N LYS A 298 17.30 24.98 -10.07
CA LYS A 298 17.63 26.28 -9.47
C LYS A 298 16.88 26.52 -8.17
N VAL A 299 15.63 26.10 -8.09
CA VAL A 299 14.81 26.34 -6.91
C VAL A 299 14.61 25.09 -6.06
N GLY A 300 14.95 23.92 -6.55
CA GLY A 300 14.72 22.71 -5.79
C GLY A 300 15.82 22.41 -4.79
N ASP A 301 17.07 22.65 -5.22
CA ASP A 301 18.22 22.36 -4.36
C ASP A 301 18.28 23.21 -3.09
N PRO A 302 18.09 24.56 -3.11
CA PRO A 302 18.05 25.26 -1.82
C PRO A 302 16.88 24.87 -0.92
N GLN A 303 15.72 24.55 -1.48
CA GLN A 303 14.59 24.13 -0.65
C GLN A 303 14.87 22.80 0.04
N GLU A 304 15.37 21.82 -0.70
CA GLU A 304 15.69 20.51 -0.12
C GLU A 304 16.81 20.61 0.89
N LEU A 305 17.88 21.34 0.58
CA LEU A 305 19.02 21.36 1.48
C LEU A 305 18.76 22.20 2.72
N ASN A 306 17.92 23.24 2.61
CA ASN A 306 17.55 24.00 3.79
C ASN A 306 16.58 23.22 4.67
N GLY A 307 15.71 22.40 4.06
CA GLY A 307 14.89 21.50 4.86
C GLY A 307 15.72 20.46 5.59
N ILE A 308 16.74 19.93 4.92
CA ILE A 308 17.64 18.96 5.56
C ILE A 308 18.41 19.60 6.71
N THR A 309 18.93 20.81 6.51
CA THR A 309 19.67 21.45 7.58
C THR A 309 18.79 21.99 8.70
N ARG A 310 17.48 22.13 8.49
CA ARG A 310 16.61 22.45 9.61
C ARG A 310 16.21 21.19 10.38
N ALA A 311 15.95 20.10 9.67
CA ALA A 311 15.53 18.87 10.35
C ALA A 311 16.68 18.15 11.03
N LEU A 312 17.90 18.31 10.55
CA LEU A 312 19.01 17.47 10.95
C LEU A 312 20.16 18.19 11.59
N CYS A 313 20.55 19.36 11.10
CA CYS A 313 21.79 20.02 11.51
C CYS A 313 21.56 21.08 12.56
N ALA A 314 20.59 20.87 13.46
CA ALA A 314 20.29 21.88 14.47
C ALA A 314 21.31 21.84 15.60
N THR A 315 21.37 20.74 16.33
CA THR A 315 22.37 20.53 17.39
C THR A 315 23.12 19.26 17.03
N ARG A 316 24.19 19.38 16.24
CA ARG A 316 24.81 18.18 15.70
C ARG A 316 26.30 18.10 16.07
N GLN A 317 26.99 19.24 16.00
CA GLN A 317 28.41 19.44 16.29
C GLN A 317 29.35 18.67 15.36
N GLU A 318 28.87 18.12 14.26
CA GLU A 318 29.68 17.39 13.28
C GLU A 318 29.17 17.74 11.89
N PRO A 319 30.04 17.72 10.89
CA PRO A 319 29.56 17.86 9.51
C PRO A 319 28.78 16.63 9.09
N LEU A 320 27.75 16.86 8.28
CA LEU A 320 26.92 15.80 7.73
C LEU A 320 27.24 15.66 6.25
N LEU A 321 27.63 14.46 5.83
CA LEU A 321 27.99 14.22 4.45
C LEU A 321 26.74 14.13 3.59
N ILE A 322 26.82 14.71 2.39
CA ILE A 322 25.69 14.74 1.47
C ILE A 322 26.21 14.42 0.07
N GLY A 323 25.40 13.71 -0.71
CA GLY A 323 25.79 13.36 -2.05
C GLY A 323 24.58 13.13 -2.93
N SER A 324 24.84 12.91 -4.22
CA SER A 324 23.78 12.69 -5.18
C SER A 324 24.34 11.89 -6.35
N THR A 325 23.72 10.74 -6.62
CA THR A 325 24.15 9.88 -7.72
C THR A 325 23.70 10.40 -9.09
N LYS A 326 22.81 11.38 -9.13
CA LYS A 326 22.38 11.92 -10.40
C LYS A 326 23.46 12.77 -11.05
N SER A 327 24.40 13.29 -10.27
CA SER A 327 25.56 13.96 -10.85
C SER A 327 26.48 13.00 -11.57
N ASN A 328 26.55 11.75 -11.14
CA ASN A 328 27.34 10.75 -11.83
C ASN A 328 26.60 10.13 -13.00
N MET A 329 25.29 9.96 -12.86
CA MET A 329 24.53 9.10 -13.74
C MET A 329 23.49 9.82 -14.59
N GLY A 330 22.98 10.96 -14.15
CA GLY A 330 21.77 11.49 -14.72
C GLY A 330 20.58 11.06 -13.89
N HIS A 331 19.40 11.46 -14.34
CA HIS A 331 18.19 11.27 -13.54
C HIS A 331 17.20 10.38 -14.28
N PRO A 332 17.12 9.10 -13.91
CA PRO A 332 15.99 8.29 -14.34
C PRO A 332 14.79 8.66 -13.50
N GLU A 333 13.66 8.97 -14.13
CA GLU A 333 12.58 9.55 -13.33
C GLU A 333 11.93 8.54 -12.39
N PRO A 334 11.24 7.47 -12.82
CA PRO A 334 10.62 6.60 -11.82
C PRO A 334 11.55 5.56 -11.21
N ALA A 335 12.86 5.63 -11.43
CA ALA A 335 13.77 4.62 -10.94
C ALA A 335 14.94 5.27 -10.21
N SER A 336 14.74 6.51 -9.78
CA SER A 336 15.80 7.27 -9.12
C SER A 336 16.08 6.81 -7.71
N GLY A 337 15.08 6.28 -7.01
CA GLY A 337 15.27 5.85 -5.64
C GLY A 337 16.12 4.60 -5.53
N LEU A 338 15.85 3.61 -6.37
CA LEU A 338 16.58 2.34 -6.26
C LEU A 338 17.98 2.46 -6.81
N ALA A 339 18.20 3.38 -7.76
CA ALA A 339 19.56 3.62 -8.24
C ALA A 339 20.43 4.27 -7.17
N ALA A 340 19.86 5.24 -6.44
CA ALA A 340 20.57 5.85 -5.32
C ALA A 340 20.80 4.86 -4.20
N LEU A 341 19.82 3.98 -3.95
CA LEU A 341 19.99 2.94 -2.95
C LEU A 341 21.09 1.96 -3.34
N ALA A 342 21.18 1.64 -4.64
CA ALA A 342 22.26 0.78 -5.13
C ALA A 342 23.63 1.42 -4.94
N LYS A 343 23.73 2.73 -5.21
CA LYS A 343 25.00 3.42 -4.99
C LYS A 343 25.38 3.43 -3.52
N VAL A 344 24.41 3.66 -2.64
CA VAL A 344 24.65 3.70 -1.20
C VAL A 344 25.09 2.33 -0.68
N LEU A 345 24.43 1.27 -1.14
CA LEU A 345 24.78 -0.07 -0.66
C LEU A 345 26.11 -0.55 -1.20
N LEU A 346 26.46 -0.17 -2.44
CA LEU A 346 27.78 -0.49 -2.97
C LEU A 346 28.87 0.27 -2.21
N SER A 347 28.61 1.54 -1.86
CA SER A 347 29.55 2.32 -1.08
C SER A 347 29.76 1.72 0.31
N LEU A 348 28.68 1.21 0.91
CA LEU A 348 28.82 0.58 2.22
C LEU A 348 29.56 -0.75 2.12
N GLU A 349 29.36 -1.48 1.03
CA GLU A 349 30.02 -2.77 0.89
C GLU A 349 31.52 -2.62 0.64
N HIS A 350 31.92 -1.57 -0.09
CA HIS A 350 33.33 -1.41 -0.40
C HIS A 350 34.06 -0.49 0.58
N GLY A 351 33.37 0.11 1.53
CA GLY A 351 34.01 0.90 2.55
C GLY A 351 34.35 2.34 2.18
N LEU A 352 33.99 2.78 0.99
CA LEU A 352 34.35 4.11 0.50
C LEU A 352 33.11 4.80 -0.05
N TRP A 353 32.95 6.08 0.26
CA TRP A 353 31.85 6.85 -0.30
C TRP A 353 32.21 7.33 -1.70
N ALA A 354 31.35 7.05 -2.66
CA ALA A 354 31.62 7.44 -4.05
C ALA A 354 31.43 8.94 -4.22
N PRO A 355 32.33 9.63 -4.91
CA PRO A 355 32.27 11.09 -4.96
C PRO A 355 31.21 11.59 -5.93
N ASN A 356 30.91 12.87 -5.80
CA ASN A 356 30.06 13.59 -6.72
C ASN A 356 30.88 14.14 -7.87
N LEU A 357 30.20 14.38 -9.00
CA LEU A 357 30.81 15.04 -10.14
C LEU A 357 30.19 16.42 -10.29
N HIS A 358 30.92 17.28 -11.03
CA HIS A 358 30.45 18.60 -11.45
C HIS A 358 30.12 19.53 -10.29
N PHE A 359 30.86 19.42 -9.20
CA PHE A 359 30.69 20.30 -8.05
C PHE A 359 31.92 21.17 -7.91
N HIS A 360 31.77 22.47 -8.14
CA HIS A 360 32.90 23.39 -8.09
C HIS A 360 32.72 24.47 -7.05
N SER A 361 31.59 25.16 -7.03
CA SER A 361 31.33 26.20 -6.05
C SER A 361 29.95 26.02 -5.45
N PRO A 362 29.78 26.30 -4.17
CA PRO A 362 28.48 26.09 -3.52
C PRO A 362 27.43 27.08 -3.98
N ASN A 363 26.18 26.67 -3.87
CA ASN A 363 25.06 27.56 -4.12
C ASN A 363 24.99 28.59 -3.00
N PRO A 364 24.98 29.90 -3.32
CA PRO A 364 24.96 30.92 -2.27
C PRO A 364 23.66 30.99 -1.48
N GLU A 365 22.58 30.42 -1.96
CA GLU A 365 21.31 30.42 -1.24
C GLU A 365 21.22 29.31 -0.21
N ILE A 366 22.23 28.47 -0.09
CA ILE A 366 22.26 27.42 0.93
C ILE A 366 23.35 27.77 1.93
N PRO A 367 23.00 28.39 3.06
CA PRO A 367 24.05 28.82 4.01
C PRO A 367 24.71 27.69 4.76
N ALA A 368 24.13 26.49 4.78
CA ALA A 368 24.76 25.38 5.46
C ALA A 368 25.95 24.82 4.70
N LEU A 369 26.02 25.09 3.39
CA LEU A 369 27.16 24.67 2.59
C LEU A 369 28.36 25.59 2.72
N LEU A 370 28.18 26.76 3.32
CA LEU A 370 29.24 27.76 3.40
C LEU A 370 29.92 27.80 4.75
N ASP A 371 29.35 27.16 5.78
CA ASP A 371 29.96 27.16 7.10
C ASP A 371 30.35 25.78 7.60
N GLY A 372 30.13 24.73 6.81
CA GLY A 372 30.63 23.42 7.12
C GLY A 372 29.65 22.48 7.79
N ARG A 373 28.39 22.89 7.97
CA ARG A 373 27.42 21.98 8.57
C ARG A 373 27.00 20.89 7.60
N LEU A 374 27.07 21.16 6.31
CA LEU A 374 26.87 20.16 5.28
C LEU A 374 28.13 20.07 4.44
N GLN A 375 28.57 18.86 4.14
CA GLN A 375 29.80 18.64 3.39
C GLN A 375 29.51 17.74 2.21
N VAL A 376 29.83 18.21 1.01
CA VAL A 376 29.62 17.44 -0.21
C VAL A 376 30.79 16.50 -0.41
N VAL A 377 30.49 15.24 -0.69
CA VAL A 377 31.52 14.24 -0.96
C VAL A 377 31.98 14.44 -2.40
N ASP A 378 33.14 15.08 -2.57
CA ASP A 378 33.73 15.25 -3.88
C ASP A 378 35.02 14.48 -4.05
N GLN A 379 35.51 13.81 -3.02
CA GLN A 379 36.66 12.92 -3.05
C GLN A 379 36.25 11.61 -2.39
N PRO A 380 36.91 10.50 -2.73
CA PRO A 380 36.60 9.24 -2.03
C PRO A 380 37.08 9.27 -0.59
N LEU A 381 36.17 9.21 0.37
CA LEU A 381 36.55 9.22 1.77
C LEU A 381 35.92 8.02 2.48
N PRO A 382 36.59 7.47 3.48
CA PRO A 382 36.15 6.18 4.05
C PRO A 382 34.88 6.30 4.88
N VAL A 383 34.19 5.17 4.99
CA VAL A 383 32.99 5.06 5.80
C VAL A 383 33.40 4.89 7.25
N ARG A 384 32.88 5.76 8.11
CA ARG A 384 33.20 5.76 9.53
C ARG A 384 32.19 4.99 10.37
N GLY A 385 30.91 5.34 10.26
CA GLY A 385 29.88 4.64 11.02
C GLY A 385 28.66 5.50 11.27
N GLY A 386 27.48 4.86 11.30
CA GLY A 386 26.24 5.60 11.56
C GLY A 386 25.14 5.27 10.57
N ASN A 387 24.08 6.09 10.51
CA ASN A 387 22.92 5.75 9.63
C ASN A 387 22.97 6.55 8.34
N VAL A 388 22.23 6.09 7.31
CA VAL A 388 22.20 6.80 6.00
C VAL A 388 20.74 7.09 5.63
N GLY A 389 20.43 8.33 5.25
CA GLY A 389 19.06 8.69 4.85
C GLY A 389 18.93 8.82 3.34
N ILE A 390 17.86 8.28 2.77
CA ILE A 390 17.64 8.36 1.29
C ILE A 390 16.26 8.97 1.04
N ASN A 391 16.20 10.10 0.35
CA ASN A 391 14.91 10.70 0.02
C ASN A 391 14.81 10.94 -1.47
N SER A 392 13.59 10.76 -2.00
CA SER A 392 13.29 11.05 -3.38
C SER A 392 11.93 11.74 -3.44
N PHE A 393 11.86 12.86 -4.16
CA PHE A 393 10.68 13.71 -4.20
C PHE A 393 10.19 13.80 -5.63
N GLY A 394 8.91 13.46 -5.85
CA GLY A 394 8.34 13.60 -7.16
C GLY A 394 7.94 15.03 -7.45
N PHE A 395 7.80 15.36 -8.73
CA PHE A 395 7.45 16.73 -9.08
C PHE A 395 5.96 17.00 -8.94
N GLY A 396 5.15 15.97 -8.72
CA GLY A 396 3.76 16.19 -8.36
C GLY A 396 3.59 16.58 -6.91
N GLY A 397 4.58 16.26 -6.08
CA GLY A 397 4.54 16.66 -4.69
C GLY A 397 4.64 15.52 -3.70
N SER A 398 4.90 14.31 -4.21
CA SER A 398 5.01 13.12 -3.34
C SER A 398 6.40 13.06 -2.71
N ASN A 399 6.48 12.95 -1.38
CA ASN A 399 7.79 12.92 -0.68
C ASN A 399 7.95 11.58 0.04
N VAL A 400 9.10 10.91 -0.15
CA VAL A 400 9.37 9.60 0.51
C VAL A 400 10.76 9.66 1.15
N HIS A 401 10.91 9.06 2.34
CA HIS A 401 12.20 9.06 3.02
C HIS A 401 12.44 7.71 3.67
N ILE A 402 13.68 7.23 3.61
CA ILE A 402 14.08 5.93 4.16
C ILE A 402 15.21 6.17 5.16
N ILE A 403 15.17 5.46 6.28
CA ILE A 403 16.29 5.38 7.21
C ILE A 403 16.76 3.94 7.24
N LEU A 404 18.04 3.72 6.97
CA LEU A 404 18.57 2.37 6.99
C LEU A 404 19.88 2.31 7.74
N ARG A 405 20.09 1.23 8.48
CA ARG A 405 21.25 1.01 9.31
C ARG A 405 22.13 -0.07 8.70
N PRO A 406 23.38 0.23 8.35
CA PRO A 406 24.23 -0.76 7.70
C PRO A 406 24.67 -1.83 8.69
N ASN A 407 24.91 -3.03 8.16
CA ASN A 407 25.37 -4.14 8.98
C ASN A 407 26.89 -4.12 8.99
N THR A 408 27.46 -4.41 10.16
CA THR A 408 28.90 -4.29 10.41
C THR A 408 29.38 -5.62 10.97
N GLN A 409 28.98 -6.71 10.32
CA GLN A 409 29.43 -8.00 10.79
C GLN A 409 30.87 -8.24 10.39
N PRO A 410 31.75 -8.50 11.35
CA PRO A 410 33.17 -8.72 11.03
C PRO A 410 33.37 -10.09 10.43
N PRO A 411 34.49 -10.32 9.75
CA PRO A 411 34.82 -11.66 9.29
C PRO A 411 35.07 -12.59 10.46
N PRO A 412 34.75 -13.88 10.33
CA PRO A 412 34.79 -14.77 11.49
C PRO A 412 36.21 -15.11 11.93
N ALA A 413 36.31 -15.60 13.16
CA ALA A 413 37.57 -16.06 13.69
C ALA A 413 38.01 -17.33 12.98
N PRO A 414 39.32 -17.52 12.79
CA PRO A 414 39.80 -18.74 12.14
C PRO A 414 39.53 -19.98 12.98
N ALA A 415 39.25 -21.07 12.30
CA ALA A 415 38.90 -22.35 12.89
C ALA A 415 39.69 -23.46 12.20
N PRO A 416 39.94 -24.58 12.89
CA PRO A 416 40.70 -25.68 12.26
C PRO A 416 40.01 -26.34 11.08
N HIS A 417 38.68 -26.24 10.97
CA HIS A 417 37.99 -26.81 9.82
C HIS A 417 38.06 -25.92 8.59
N ALA A 418 38.57 -24.71 8.71
CA ALA A 418 38.69 -23.81 7.56
C ALA A 418 39.87 -24.16 6.65
N THR A 419 40.79 -25.00 7.11
CA THR A 419 41.92 -25.44 6.29
C THR A 419 41.58 -26.66 5.45
N LEU A 420 40.45 -27.32 5.70
CA LEU A 420 40.07 -28.48 4.91
C LEU A 420 39.61 -28.03 3.53
N PRO A 421 39.83 -28.86 2.50
CA PRO A 421 39.31 -28.54 1.18
C PRO A 421 37.79 -28.60 1.13
N ARG A 422 37.22 -27.76 0.27
CA ARG A 422 35.78 -27.69 0.10
C ARG A 422 35.41 -28.02 -1.34
N LEU A 423 34.13 -28.25 -1.58
CA LEU A 423 33.56 -28.48 -2.89
C LEU A 423 32.76 -27.26 -3.33
N LEU A 424 32.79 -27.00 -4.64
CA LEU A 424 32.00 -25.91 -5.21
C LEU A 424 31.34 -26.46 -6.47
N ARG A 425 30.01 -26.41 -6.51
CA ARG A 425 29.26 -26.82 -7.68
C ARG A 425 28.60 -25.61 -8.33
N ALA A 426 28.37 -25.69 -9.64
CA ALA A 426 27.82 -24.57 -10.38
C ALA A 426 26.89 -25.08 -11.47
N SER A 427 26.03 -24.19 -11.95
CA SER A 427 25.11 -24.49 -13.05
C SER A 427 24.93 -23.24 -13.88
N GLY A 428 24.55 -23.40 -15.14
CA GLY A 428 24.37 -22.25 -16.00
C GLY A 428 23.76 -22.63 -17.33
N ARG A 429 23.37 -21.59 -18.08
CA ARG A 429 22.77 -21.82 -19.39
C ARG A 429 23.82 -22.16 -20.44
N THR A 430 25.05 -21.71 -20.26
CA THR A 430 26.14 -21.86 -21.21
C THR A 430 27.35 -22.38 -20.46
N PRO A 431 28.33 -22.97 -21.17
CA PRO A 431 29.60 -23.30 -20.51
C PRO A 431 30.35 -22.10 -19.95
N GLU A 432 30.18 -20.92 -20.53
CA GLU A 432 30.87 -19.73 -20.07
C GLU A 432 30.36 -19.27 -18.71
N ALA A 433 29.07 -19.47 -18.45
CA ALA A 433 28.50 -19.11 -17.14
C ALA A 433 29.06 -20.00 -16.04
N VAL A 434 29.17 -21.29 -16.29
CA VAL A 434 29.76 -22.22 -15.33
C VAL A 434 31.23 -21.92 -15.12
N GLN A 435 31.95 -21.58 -16.20
CA GLN A 435 33.35 -21.19 -16.09
C GLN A 435 33.52 -19.92 -15.26
N LYS A 436 32.63 -18.94 -15.46
CA LYS A 436 32.69 -17.70 -14.69
C LYS A 436 32.47 -17.95 -13.21
N LEU A 437 31.47 -18.76 -12.86
CA LEU A 437 31.21 -19.07 -11.46
C LEU A 437 32.35 -19.84 -10.82
N LEU A 438 32.93 -20.81 -11.56
CA LEU A 438 34.00 -21.61 -10.99
C LEU A 438 35.30 -20.81 -10.82
N GLU A 439 35.61 -19.91 -11.77
CA GLU A 439 36.82 -19.13 -11.63
C GLU A 439 36.67 -18.05 -10.55
N GLN A 440 35.45 -17.54 -10.34
CA GLN A 440 35.26 -16.60 -9.26
C GLN A 440 35.28 -17.29 -7.91
N GLY A 441 34.82 -18.53 -7.84
CA GLY A 441 34.99 -19.31 -6.63
C GLY A 441 36.44 -19.65 -6.35
N LEU A 442 37.23 -19.90 -7.39
CA LEU A 442 38.66 -20.12 -7.21
C LEU A 442 39.38 -18.88 -6.72
N ARG A 443 38.93 -17.70 -7.17
CA ARG A 443 39.56 -16.45 -6.74
C ARG A 443 39.32 -16.16 -5.26
N HIS A 444 38.23 -16.67 -4.69
CA HIS A 444 37.86 -16.37 -3.31
C HIS A 444 37.75 -17.65 -2.48
N SER A 445 38.76 -18.52 -2.57
CA SER A 445 38.70 -19.87 -2.02
C SER A 445 38.62 -19.91 -0.49
N GLN A 446 38.99 -18.83 0.18
CA GLN A 446 38.99 -18.82 1.65
C GLN A 446 37.73 -18.21 2.24
N ASP A 447 36.79 -17.75 1.41
CA ASP A 447 35.57 -17.11 1.88
C ASP A 447 34.48 -18.16 2.02
N LEU A 448 34.18 -18.55 3.25
CA LEU A 448 33.27 -19.67 3.49
C LEU A 448 31.81 -19.33 3.21
N ALA A 449 31.36 -18.13 3.57
CA ALA A 449 29.98 -17.74 3.34
C ALA A 449 29.68 -17.59 1.84
N PHE A 450 30.65 -17.06 1.09
CA PHE A 450 30.51 -16.92 -0.35
C PHE A 450 30.33 -18.28 -1.02
N LEU A 451 31.15 -19.26 -0.62
CA LEU A 451 31.03 -20.61 -1.17
C LEU A 451 29.75 -21.28 -0.73
N SER A 452 29.26 -20.99 0.48
CA SER A 452 27.99 -21.57 0.93
C SER A 452 26.81 -21.06 0.13
N MET A 453 26.75 -19.75 -0.15
CA MET A 453 25.64 -19.26 -0.98
C MET A 453 25.77 -19.71 -2.43
N LEU A 454 27.00 -19.83 -2.94
CA LEU A 454 27.18 -20.36 -4.29
C LEU A 454 26.76 -21.81 -4.39
N ASN A 455 27.00 -22.61 -3.35
CA ASN A 455 26.51 -23.99 -3.34
C ASN A 455 24.99 -24.03 -3.18
N ASP A 456 24.42 -23.05 -2.49
CA ASP A 456 22.96 -23.04 -2.30
C ASP A 456 22.22 -22.71 -3.60
N ILE A 457 22.78 -21.86 -4.45
CA ILE A 457 22.03 -21.43 -5.63
C ILE A 457 22.18 -22.39 -6.81
N ALA A 458 22.90 -23.49 -6.62
CA ALA A 458 23.25 -24.36 -7.74
C ALA A 458 22.27 -25.50 -7.98
N ALA A 459 21.22 -25.62 -7.18
CA ALA A 459 20.29 -26.75 -7.31
C ALA A 459 19.17 -26.39 -8.29
N VAL A 460 19.50 -26.39 -9.57
CA VAL A 460 18.55 -26.10 -10.64
C VAL A 460 18.40 -27.36 -11.47
N PRO A 461 17.19 -27.69 -11.94
CA PRO A 461 17.02 -28.85 -12.82
C PRO A 461 17.74 -28.71 -14.15
N ALA A 462 18.11 -29.85 -14.73
CA ALA A 462 18.90 -29.88 -15.95
C ALA A 462 18.11 -29.39 -17.16
N THR A 463 16.79 -29.37 -17.11
CA THR A 463 16.01 -28.81 -18.19
C THR A 463 16.10 -27.28 -18.22
N ALA A 464 16.29 -26.67 -17.05
CA ALA A 464 16.42 -25.21 -17.01
C ALA A 464 17.83 -24.77 -17.35
N MET A 465 18.83 -25.29 -16.64
CA MET A 465 20.23 -24.99 -16.94
C MET A 465 20.98 -26.26 -17.32
N PRO A 466 21.31 -26.45 -18.58
CA PRO A 466 21.84 -27.74 -19.05
C PRO A 466 23.33 -27.95 -18.90
N PHE A 467 24.06 -27.03 -18.28
CA PHE A 467 25.50 -27.16 -18.12
C PHE A 467 25.82 -27.06 -16.63
N ARG A 468 26.47 -28.08 -16.08
CA ARG A 468 26.87 -28.08 -14.69
C ARG A 468 28.37 -28.27 -14.60
N GLY A 469 28.95 -27.88 -13.46
CA GLY A 469 30.37 -27.98 -13.27
C GLY A 469 30.74 -28.04 -11.81
N TYR A 470 31.99 -28.42 -11.55
CA TYR A 470 32.48 -28.49 -10.18
C TYR A 470 33.96 -28.20 -10.15
N ALA A 471 34.44 -27.83 -8.96
CA ALA A 471 35.85 -27.59 -8.71
C ALA A 471 36.11 -27.81 -7.23
N VAL A 472 37.20 -28.49 -6.92
CA VAL A 472 37.61 -28.74 -5.54
C VAL A 472 38.61 -27.66 -5.14
N LEU A 473 38.25 -26.86 -4.15
CA LEU A 473 39.06 -25.73 -3.72
C LEU A 473 39.80 -26.07 -2.43
N GLY A 474 40.99 -25.48 -2.29
CA GLY A 474 41.81 -25.75 -1.13
C GLY A 474 42.65 -27.00 -1.23
N GLY A 475 42.55 -27.76 -2.33
CA GLY A 475 43.39 -28.90 -2.57
C GLY A 475 44.65 -28.50 -3.31
N GLU A 476 45.40 -29.51 -3.75
CA GLU A 476 46.61 -29.20 -4.48
C GLU A 476 46.47 -29.45 -5.97
N ARG A 477 45.54 -30.31 -6.38
CA ARG A 477 45.37 -30.55 -7.81
C ARG A 477 44.54 -29.47 -8.48
N GLY A 478 43.27 -29.35 -8.08
CA GLY A 478 42.39 -28.37 -8.66
C GLY A 478 41.96 -28.71 -10.08
N GLY A 479 41.29 -27.78 -10.74
CA GLY A 479 40.87 -27.97 -12.10
C GLY A 479 39.37 -28.04 -12.23
N PRO A 480 38.77 -27.04 -12.88
CA PRO A 480 37.33 -27.09 -13.14
C PRO A 480 36.98 -28.13 -14.18
N GLU A 481 35.83 -28.77 -13.99
CA GLU A 481 35.32 -29.79 -14.90
C GLU A 481 33.91 -29.40 -15.31
N VAL A 482 33.71 -29.11 -16.59
CA VAL A 482 32.42 -28.65 -17.11
C VAL A 482 31.94 -29.62 -18.17
N GLN A 483 30.68 -30.05 -18.07
CA GLN A 483 30.09 -30.91 -19.08
C GLN A 483 28.59 -30.67 -19.14
N GLN A 484 27.99 -31.12 -20.23
CA GLN A 484 26.55 -30.99 -20.42
C GLN A 484 25.83 -32.19 -19.83
N VAL A 485 24.84 -31.93 -18.99
CA VAL A 485 24.11 -33.00 -18.31
C VAL A 485 22.92 -33.41 -19.17
N PRO A 486 22.73 -34.72 -19.41
CA PRO A 486 21.51 -35.16 -20.09
C PRO A 486 20.28 -34.98 -19.21
N ALA A 487 19.18 -34.62 -19.85
CA ALA A 487 17.95 -34.36 -19.13
C ALA A 487 17.28 -35.66 -18.70
N GLY A 488 16.45 -35.56 -17.68
CA GLY A 488 15.74 -36.70 -17.14
C GLY A 488 16.26 -37.12 -15.78
N GLU A 489 15.61 -38.14 -15.23
CA GLU A 489 15.97 -38.71 -13.94
C GLU A 489 16.86 -39.92 -14.18
N ARG A 490 17.88 -40.07 -13.36
CA ARG A 490 18.77 -41.22 -13.41
C ARG A 490 18.75 -41.91 -12.04
N PRO A 491 18.54 -43.22 -11.98
CA PRO A 491 18.51 -43.90 -10.69
C PRO A 491 19.90 -44.00 -10.07
N LEU A 492 19.92 -43.95 -8.74
CA LEU A 492 21.16 -44.00 -7.98
C LEU A 492 21.27 -45.34 -7.30
N TRP A 493 22.39 -46.03 -7.49
CA TRP A 493 22.59 -47.38 -6.99
C TRP A 493 23.81 -47.46 -6.10
N PHE A 494 23.71 -48.24 -5.04
CA PHE A 494 24.77 -48.39 -4.05
C PHE A 494 25.35 -49.79 -4.19
N ILE A 495 26.66 -49.88 -4.39
CA ILE A 495 27.37 -51.16 -4.39
C ILE A 495 28.52 -51.06 -3.41
N CYS A 496 28.52 -51.95 -2.43
CA CYS A 496 29.58 -51.99 -1.43
C CYS A 496 30.29 -53.35 -1.49
N SER A 497 31.61 -53.31 -1.61
CA SER A 497 32.40 -54.49 -1.87
C SER A 497 32.66 -55.28 -0.60
N GLY A 498 33.38 -56.39 -0.73
CA GLY A 498 33.64 -57.25 0.39
C GLY A 498 35.03 -57.08 0.97
N MET A 499 35.70 -58.21 1.22
CA MET A 499 37.00 -58.19 1.87
C MET A 499 38.11 -58.10 0.82
N GLY A 500 39.35 -58.02 1.28
CA GLY A 500 40.48 -57.88 0.40
C GLY A 500 40.77 -56.46 -0.07
N THR A 501 40.12 -55.47 0.52
CA THR A 501 40.30 -54.07 0.10
C THR A 501 40.86 -53.20 1.21
N GLN A 502 41.39 -53.80 2.28
CA GLN A 502 41.96 -53.02 3.37
C GLN A 502 43.41 -52.66 3.07
N TRP A 503 43.89 -51.62 3.76
CA TRP A 503 45.26 -51.16 3.60
C TRP A 503 45.70 -50.44 4.87
N ARG A 504 46.87 -49.82 4.82
CA ARG A 504 47.43 -49.16 5.99
C ARG A 504 46.96 -47.73 6.06
N GLY A 505 46.04 -47.44 6.99
CA GLY A 505 45.46 -46.09 7.09
C GLY A 505 44.12 -46.03 6.38
N MET A 506 43.10 -46.71 6.93
CA MET A 506 41.77 -46.78 6.25
C MET A 506 40.89 -45.58 6.64
N GLY A 507 40.76 -44.57 5.76
CA GLY A 507 39.83 -43.45 6.02
C GLY A 507 40.38 -42.35 6.92
N LEU A 508 41.67 -42.40 7.25
CA LEU A 508 42.29 -41.38 8.13
C LEU A 508 42.07 -39.97 7.56
N SER A 509 42.37 -39.77 6.27
CA SER A 509 42.26 -38.45 5.66
C SER A 509 40.90 -37.82 5.88
N LEU A 510 39.83 -38.61 5.85
CA LEU A 510 38.50 -38.09 6.10
C LEU A 510 38.02 -38.38 7.51
N MET A 511 38.94 -38.62 8.45
CA MET A 511 38.60 -38.57 9.86
C MET A 511 38.45 -37.14 10.34
N ARG A 512 38.97 -36.17 9.59
CA ARG A 512 38.80 -34.75 9.91
C ARG A 512 37.37 -34.28 9.77
N LEU A 513 36.55 -34.95 8.96
CA LEU A 513 35.14 -34.64 8.91
C LEU A 513 34.47 -35.05 10.21
N ASP A 514 33.54 -34.24 10.69
CA ASP A 514 32.99 -34.44 12.02
C ASP A 514 32.00 -35.60 12.06
N ARG A 515 31.19 -35.75 11.01
CA ARG A 515 30.17 -36.78 11.03
C ARG A 515 30.75 -38.17 10.84
N PHE A 516 31.81 -38.29 10.02
CA PHE A 516 32.51 -39.55 9.88
C PHE A 516 33.17 -39.95 11.20
N ARG A 517 33.77 -38.98 11.90
CA ARG A 517 34.39 -39.27 13.18
C ARG A 517 33.35 -39.66 14.22
N ASP A 518 32.17 -39.04 14.17
CA ASP A 518 31.09 -39.39 15.09
C ASP A 518 30.59 -40.82 14.83
N SER A 519 30.48 -41.21 13.55
CA SER A 519 30.09 -42.58 13.23
C SER A 519 31.14 -43.58 13.68
N ILE A 520 32.43 -43.24 13.50
CA ILE A 520 33.51 -44.11 13.92
C ILE A 520 33.51 -44.29 15.44
N LEU A 521 33.29 -43.20 16.19
CA LEU A 521 33.24 -43.32 17.64
C LEU A 521 31.98 -44.03 18.13
N ARG A 522 30.88 -43.93 17.39
CA ARG A 522 29.69 -44.71 17.72
C ARG A 522 29.94 -46.20 17.56
N SER A 523 30.58 -46.60 16.45
CA SER A 523 30.98 -47.99 16.29
C SER A 523 32.01 -48.40 17.32
N ASP A 524 32.85 -47.45 17.74
CA ASP A 524 33.86 -47.72 18.76
C ASP A 524 33.23 -48.05 20.11
N GLU A 525 32.27 -47.24 20.53
CA GLU A 525 31.63 -47.47 21.86
C GLU A 525 30.79 -48.75 21.77
N ALA A 526 30.36 -49.13 20.56
CA ALA A 526 29.58 -50.37 20.37
C ALA A 526 30.49 -51.58 20.58
N VAL A 527 31.72 -51.52 20.06
CA VAL A 527 32.67 -52.67 20.17
C VAL A 527 33.56 -52.47 21.41
N LYS A 528 33.45 -51.31 22.06
CA LYS A 528 34.30 -51.00 23.25
C LYS A 528 34.23 -52.15 24.27
N PRO A 529 33.05 -52.60 24.74
CA PRO A 529 32.98 -53.64 25.76
C PRO A 529 33.61 -54.94 25.26
N PHE A 530 33.52 -55.19 23.96
CA PHE A 530 34.06 -56.47 23.39
C PHE A 530 35.58 -56.36 23.25
N GLY A 531 36.26 -55.90 24.31
CA GLY A 531 37.72 -55.84 24.27
C GLY A 531 38.31 -55.31 22.98
N LEU A 532 37.62 -54.39 22.30
CA LEU A 532 38.12 -53.86 21.04
C LEU A 532 37.79 -52.38 20.92
N LYS A 533 38.63 -51.66 20.19
CA LYS A 533 38.37 -50.28 19.79
C LYS A 533 39.04 -50.03 18.45
N VAL A 534 38.25 -49.54 17.48
CA VAL A 534 38.74 -49.39 16.11
C VAL A 534 39.52 -48.10 15.91
N SER A 535 39.64 -47.27 16.96
CA SER A 535 40.40 -46.03 16.84
C SER A 535 41.91 -46.31 16.73
N GLN A 536 42.43 -47.28 17.50
CA GLN A 536 43.83 -47.65 17.30
C GLN A 536 44.02 -48.45 16.03
N LEU A 537 42.98 -49.13 15.54
CA LEU A 537 43.08 -49.77 14.23
C LEU A 537 43.08 -48.75 13.10
N LEU A 538 42.66 -47.52 13.39
CA LEU A 538 42.68 -46.42 12.43
C LEU A 538 43.99 -45.63 12.52
N LEU A 539 44.30 -45.12 13.72
CA LEU A 539 45.49 -44.28 13.91
C LEU A 539 46.77 -45.08 14.08
N SER A 540 46.75 -46.12 14.91
CA SER A 540 47.97 -46.83 15.29
C SER A 540 48.18 -48.07 14.46
N THR A 541 47.81 -48.01 13.19
CA THR A 541 47.90 -49.17 12.31
C THR A 541 49.36 -49.44 11.93
N ASP A 542 49.75 -50.71 12.02
CA ASP A 542 50.95 -51.22 11.39
C ASP A 542 50.58 -52.53 10.70
N GLU A 543 51.59 -53.27 10.25
CA GLU A 543 51.34 -54.49 9.50
C GLU A 543 51.10 -55.70 10.39
N SER A 544 51.06 -55.53 11.71
CA SER A 544 50.70 -56.60 12.61
C SER A 544 49.21 -56.59 12.96
N THR A 545 48.43 -55.69 12.38
CA THR A 545 47.03 -55.51 12.80
C THR A 545 46.03 -56.00 11.77
N PHE A 546 46.20 -55.64 10.50
CA PHE A 546 45.21 -55.95 9.49
C PHE A 546 45.43 -57.31 8.83
N ASP A 547 46.52 -58.00 9.15
CA ASP A 547 46.65 -59.40 8.79
C ASP A 547 45.71 -60.27 9.63
N ASP A 548 45.34 -59.81 10.82
CA ASP A 548 44.21 -60.37 11.52
C ASP A 548 42.93 -60.08 10.74
N ILE A 549 41.98 -60.99 10.86
CA ILE A 549 40.75 -60.93 10.09
C ILE A 549 39.60 -60.32 10.89
N VAL A 550 39.70 -60.33 12.22
CA VAL A 550 38.68 -59.67 13.05
C VAL A 550 38.76 -58.16 12.89
N HIS A 551 39.99 -57.63 12.98
CA HIS A 551 40.22 -56.19 12.83
C HIS A 551 39.87 -55.74 11.42
N SER A 552 40.16 -56.57 10.42
CA SER A 552 39.79 -56.26 9.04
C SER A 552 38.28 -56.21 8.87
N PHE A 553 37.56 -57.10 9.55
CA PHE A 553 36.11 -57.15 9.44
C PHE A 553 35.47 -55.89 10.04
N VAL A 554 35.90 -55.52 11.26
CA VAL A 554 35.29 -54.35 11.88
C VAL A 554 35.74 -53.07 11.19
N SER A 555 36.98 -53.02 10.68
CA SER A 555 37.49 -51.86 9.98
C SER A 555 37.01 -51.77 8.55
N LEU A 556 36.38 -52.80 8.04
CA LEU A 556 35.60 -52.64 6.82
C LEU A 556 34.20 -52.15 7.09
N THR A 557 33.50 -52.76 8.07
CA THR A 557 32.11 -52.42 8.29
C THR A 557 31.96 -51.01 8.85
N ALA A 558 32.88 -50.58 9.71
CA ALA A 558 32.80 -49.22 10.28
C ALA A 558 33.03 -48.16 9.22
N ILE A 559 33.98 -48.37 8.31
CA ILE A 559 34.25 -47.42 7.25
C ILE A 559 33.08 -47.34 6.28
N GLN A 560 32.48 -48.49 5.95
CA GLN A 560 31.33 -48.49 5.06
C GLN A 560 30.12 -47.83 5.70
N ILE A 561 29.92 -48.03 7.01
CA ILE A 561 28.83 -47.40 7.74
C ILE A 561 29.04 -45.88 7.79
N GLY A 562 30.28 -45.45 8.00
CA GLY A 562 30.57 -44.01 8.01
C GLY A 562 30.38 -43.36 6.65
N LEU A 563 30.75 -44.06 5.59
CA LEU A 563 30.50 -43.55 4.24
C LEU A 563 29.00 -43.45 3.95
N ILE A 564 28.23 -44.45 4.38
CA ILE A 564 26.79 -44.43 4.16
C ILE A 564 26.15 -43.30 4.99
N ASP A 565 26.67 -43.04 6.19
CA ASP A 565 26.18 -41.92 7.00
C ASP A 565 26.50 -40.57 6.36
N LEU A 566 27.70 -40.43 5.79
CA LEU A 566 28.04 -39.21 5.06
C LEU A 566 27.14 -39.01 3.86
N LEU A 567 26.84 -40.09 3.14
CA LEU A 567 25.93 -40.00 1.99
C LEU A 567 24.49 -39.73 2.43
N SER A 568 24.11 -40.17 3.63
CA SER A 568 22.76 -39.95 4.11
C SER A 568 22.54 -38.52 4.57
N CYS A 569 23.54 -37.92 5.24
CA CYS A 569 23.43 -36.50 5.57
C CYS A 569 23.57 -35.61 4.37
N MET A 570 24.11 -36.15 3.27
CA MET A 570 24.28 -35.43 2.02
C MET A 570 22.93 -35.14 1.36
N GLY A 571 21.88 -35.85 1.76
CA GLY A 571 20.57 -35.72 1.20
C GLY A 571 20.16 -36.82 0.25
N LEU A 572 20.94 -37.89 0.13
CA LEU A 572 20.79 -38.87 -0.93
C LEU A 572 20.15 -40.15 -0.42
N ARG A 573 19.15 -40.61 -1.16
CA ARG A 573 18.37 -41.80 -0.83
C ARG A 573 18.51 -42.79 -1.97
N PRO A 574 19.09 -43.98 -1.74
CA PRO A 574 19.38 -44.88 -2.85
C PRO A 574 18.13 -45.53 -3.42
N ASP A 575 18.20 -45.86 -4.71
CA ASP A 575 17.12 -46.55 -5.40
C ASP A 575 17.34 -48.06 -5.48
N GLY A 576 18.59 -48.50 -5.46
CA GLY A 576 18.88 -49.93 -5.49
C GLY A 576 20.16 -50.24 -4.75
N ILE A 577 20.13 -51.29 -3.92
CA ILE A 577 21.27 -51.69 -3.11
C ILE A 577 21.63 -53.12 -3.47
N VAL A 578 22.92 -53.36 -3.72
CA VAL A 578 23.43 -54.70 -3.99
C VAL A 578 24.86 -54.78 -3.47
N GLY A 579 25.14 -55.79 -2.65
CA GLY A 579 26.42 -55.90 -2.01
C GLY A 579 27.15 -57.18 -2.37
N HIS A 580 28.25 -57.41 -1.65
CA HIS A 580 29.16 -58.51 -1.91
C HIS A 580 29.71 -58.97 -0.57
N SER A 581 29.12 -60.04 -0.02
CA SER A 581 29.53 -60.70 1.24
C SER A 581 29.44 -59.59 2.28
N LEU A 582 30.50 -59.31 3.03
CA LEU A 582 30.46 -58.24 4.03
C LEU A 582 29.89 -56.91 3.57
N GLY A 583 30.01 -56.63 2.27
CA GLY A 583 29.23 -55.55 1.69
C GLY A 583 27.73 -55.79 1.83
N GLU A 584 27.30 -57.05 1.67
CA GLU A 584 25.89 -57.35 1.86
C GLU A 584 25.50 -57.30 3.33
N VAL A 585 26.49 -57.47 4.22
CA VAL A 585 26.23 -57.20 5.64
C VAL A 585 25.98 -55.71 5.87
N ALA A 586 26.81 -54.84 5.27
CA ALA A 586 26.58 -53.39 5.38
C ALA A 586 25.35 -52.92 4.61
N CYS A 587 24.84 -53.74 3.69
CA CYS A 587 23.60 -53.42 2.97
C CYS A 587 22.40 -53.36 3.89
N GLY A 588 22.48 -54.05 5.03
CA GLY A 588 21.41 -53.95 6.01
C GLY A 588 21.29 -52.56 6.61
N TYR A 589 22.42 -51.95 6.95
CA TYR A 589 22.40 -50.57 7.39
C TYR A 589 22.08 -49.62 6.24
N ALA A 590 22.49 -49.98 5.02
CA ALA A 590 22.14 -49.15 3.86
C ALA A 590 20.64 -49.14 3.61
N ASP A 591 19.97 -50.27 3.83
CA ASP A 591 18.53 -50.41 3.62
C ASP A 591 17.71 -49.90 4.78
N GLY A 592 18.30 -49.77 5.96
CA GLY A 592 17.57 -49.38 7.15
C GLY A 592 17.01 -50.54 7.95
N CYS A 593 17.18 -51.77 7.48
CA CYS A 593 16.70 -52.93 8.24
C CYS A 593 17.66 -53.31 9.36
N LEU A 594 18.86 -52.75 9.37
CA LEU A 594 19.82 -52.93 10.46
C LEU A 594 20.14 -51.57 11.07
N SER A 595 20.80 -51.60 12.22
CA SER A 595 21.33 -50.40 12.84
C SER A 595 22.86 -50.52 12.94
N GLN A 596 23.48 -49.56 13.62
CA GLN A 596 24.93 -49.53 13.76
C GLN A 596 25.44 -50.72 14.55
N GLU A 597 24.89 -50.92 15.76
CA GLU A 597 25.44 -51.88 16.70
C GLU A 597 25.27 -53.32 16.22
N GLU A 598 24.12 -53.64 15.62
CA GLU A 598 23.90 -54.99 15.13
C GLU A 598 24.84 -55.32 13.97
N ALA A 599 25.09 -54.36 13.09
CA ALA A 599 25.99 -54.57 11.97
C ALA A 599 27.44 -54.77 12.44
N VAL A 600 27.90 -53.94 13.37
CA VAL A 600 29.28 -54.05 13.84
C VAL A 600 29.48 -55.34 14.65
N LEU A 601 28.53 -55.68 15.52
CA LEU A 601 28.65 -56.93 16.26
C LEU A 601 28.49 -58.16 15.37
N ALA A 602 27.69 -58.08 14.31
CA ALA A 602 27.58 -59.20 13.38
C ALA A 602 28.88 -59.43 12.63
N ALA A 603 29.52 -58.36 12.17
CA ALA A 603 30.82 -58.48 11.51
C ALA A 603 31.88 -59.02 12.46
N TYR A 604 31.90 -58.51 13.70
CA TYR A 604 32.91 -58.97 14.65
C TYR A 604 32.66 -60.42 15.04
N TRP A 605 31.39 -60.83 15.13
CA TRP A 605 31.11 -62.21 15.52
C TRP A 605 31.39 -63.18 14.39
N ARG A 606 31.23 -62.75 13.14
CA ARG A 606 31.68 -63.54 12.00
C ARG A 606 33.18 -63.77 12.07
N GLY A 607 33.93 -62.69 12.31
CA GLY A 607 35.38 -62.82 12.46
C GLY A 607 35.78 -63.65 13.66
N GLN A 608 35.04 -63.52 14.77
CA GLN A 608 35.38 -64.23 15.99
C GLN A 608 35.11 -65.73 15.87
N CYS A 609 33.99 -66.11 15.24
CA CYS A 609 33.71 -67.51 15.03
C CYS A 609 34.67 -68.14 14.03
N ILE A 610 35.04 -67.37 12.99
CA ILE A 610 36.01 -67.87 12.01
C ILE A 610 37.38 -68.07 12.66
N LYS A 611 37.78 -67.13 13.52
CA LYS A 611 39.12 -67.21 14.16
C LYS A 611 39.05 -68.19 15.34
N GLU A 612 37.85 -68.48 15.83
CA GLU A 612 37.69 -69.46 16.96
C GLU A 612 38.05 -70.85 16.45
N ALA A 613 37.23 -71.41 15.56
CA ALA A 613 37.51 -72.75 15.00
C ALA A 613 38.64 -72.65 13.96
N HIS A 614 39.22 -73.79 13.57
CA HIS A 614 40.34 -73.79 12.60
C HIS A 614 40.09 -74.85 11.52
N LEU A 615 40.22 -74.46 10.25
CA LEU A 615 40.02 -75.42 9.12
C LEU A 615 41.24 -75.37 8.21
N PRO A 616 41.47 -76.37 7.33
CA PRO A 616 42.67 -76.39 6.48
C PRO A 616 42.83 -75.08 5.70
N PRO A 617 44.06 -74.51 5.60
CA PRO A 617 44.26 -73.23 4.93
C PRO A 617 43.62 -73.25 3.53
N GLY A 618 42.89 -72.20 3.18
CA GLY A 618 42.18 -72.18 1.89
C GLY A 618 42.82 -71.26 0.87
N ALA A 619 42.27 -71.21 -0.34
CA ALA A 619 42.79 -70.36 -1.41
C ALA A 619 41.68 -69.66 -2.16
N MET A 620 42.04 -68.52 -2.77
CA MET A 620 41.17 -67.74 -3.65
C MET A 620 41.91 -67.37 -4.94
N ALA A 621 42.41 -68.38 -5.63
CA ALA A 621 42.89 -68.20 -6.98
C ALA A 621 41.73 -67.75 -7.89
N ALA A 622 42.05 -66.87 -8.83
CA ALA A 622 41.07 -66.36 -9.78
C ALA A 622 41.50 -66.79 -11.18
N VAL A 623 40.55 -67.31 -11.95
CA VAL A 623 40.84 -67.89 -13.25
C VAL A 623 40.06 -67.15 -14.33
N GLY A 624 40.55 -67.24 -15.55
CA GLY A 624 39.89 -66.63 -16.69
C GLY A 624 38.92 -67.58 -17.36
N LEU A 625 37.93 -68.05 -16.61
CA LEU A 625 36.96 -69.01 -17.11
C LEU A 625 35.57 -68.56 -16.67
N SER A 626 34.55 -69.03 -17.40
CA SER A 626 33.19 -68.66 -17.08
C SER A 626 32.66 -69.52 -15.93
N TRP A 627 31.41 -69.25 -15.54
CA TRP A 627 30.79 -69.94 -14.42
C TRP A 627 30.52 -71.41 -14.73
N GLU A 628 30.09 -71.70 -15.96
CA GLU A 628 29.77 -73.07 -16.33
C GLU A 628 31.00 -73.92 -16.59
N GLU A 629 32.08 -73.35 -17.12
CA GLU A 629 33.28 -74.14 -17.39
C GLU A 629 34.05 -74.45 -16.11
N CYS A 630 33.83 -73.65 -15.06
CA CYS A 630 34.55 -73.89 -13.81
C CYS A 630 34.02 -75.09 -13.04
N LYS A 631 32.75 -75.44 -13.21
CA LYS A 631 32.20 -76.59 -12.50
C LYS A 631 32.71 -77.90 -13.04
N GLN A 632 33.04 -77.96 -14.33
CA GLN A 632 33.46 -79.20 -14.97
C GLN A 632 34.96 -79.39 -14.99
N ARG A 633 35.74 -78.39 -14.57
CA ARG A 633 37.19 -78.47 -14.62
C ARG A 633 37.82 -78.44 -13.22
N CYS A 634 37.03 -78.29 -12.18
CA CYS A 634 37.56 -78.37 -10.82
C CYS A 634 37.62 -79.82 -10.39
N PRO A 635 38.54 -80.19 -9.50
CA PRO A 635 38.47 -81.50 -8.85
C PRO A 635 37.29 -81.56 -7.89
N PRO A 636 36.80 -82.76 -7.56
CA PRO A 636 35.76 -82.86 -6.53
C PRO A 636 36.23 -82.38 -5.17
N GLY A 637 35.33 -81.75 -4.44
CA GLY A 637 35.67 -81.06 -3.21
C GLY A 637 36.16 -79.65 -3.40
N VAL A 638 36.16 -79.13 -4.63
CA VAL A 638 36.61 -77.78 -4.93
C VAL A 638 35.47 -77.07 -5.65
N VAL A 639 35.00 -75.96 -5.07
CA VAL A 639 33.78 -75.30 -5.50
C VAL A 639 34.13 -73.90 -6.02
N PRO A 640 33.53 -73.45 -7.12
CA PRO A 640 33.64 -72.03 -7.47
C PRO A 640 32.98 -71.14 -6.43
N ALA A 641 33.57 -69.98 -6.19
CA ALA A 641 33.19 -69.15 -5.07
C ALA A 641 32.52 -67.84 -5.48
N CYS A 642 33.14 -67.07 -6.36
CA CYS A 642 32.66 -65.73 -6.67
C CYS A 642 32.37 -65.60 -8.15
N HIS A 643 31.13 -65.22 -8.48
CA HIS A 643 30.74 -64.96 -9.87
C HIS A 643 30.77 -63.45 -10.13
N ASN A 644 31.98 -62.93 -10.29
CA ASN A 644 32.16 -61.49 -10.51
C ASN A 644 31.67 -61.09 -11.90
N SER A 645 32.11 -61.81 -12.93
CA SER A 645 31.79 -61.44 -14.30
C SER A 645 31.72 -62.70 -15.14
N LYS A 646 31.57 -62.54 -16.45
CA LYS A 646 31.47 -63.68 -17.34
C LYS A 646 32.84 -64.31 -17.60
N ASP A 647 33.91 -63.60 -17.27
CA ASP A 647 35.26 -64.09 -17.52
C ASP A 647 36.09 -64.24 -16.25
N THR A 648 35.61 -63.74 -15.11
CA THR A 648 36.35 -63.79 -13.86
C THR A 648 35.54 -64.57 -12.84
N VAL A 649 36.05 -65.73 -12.43
CA VAL A 649 35.41 -66.57 -11.43
C VAL A 649 36.48 -67.00 -10.42
N THR A 650 36.22 -66.78 -9.14
CA THR A 650 37.16 -67.14 -8.09
C THR A 650 36.92 -68.56 -7.63
N ILE A 651 37.99 -69.35 -7.55
CA ILE A 651 37.94 -70.74 -7.10
C ILE A 651 38.32 -70.78 -5.63
N SER A 652 37.88 -71.81 -4.93
CA SER A 652 38.14 -71.97 -3.51
C SER A 652 38.55 -73.40 -3.19
N GLY A 653 39.60 -73.55 -2.38
CA GLY A 653 40.07 -74.87 -2.00
C GLY A 653 41.41 -74.84 -1.30
N PRO A 654 41.98 -76.02 -1.03
CA PRO A 654 43.26 -76.09 -0.32
C PRO A 654 44.44 -75.73 -1.22
N GLN A 655 45.64 -75.93 -0.67
CA GLN A 655 46.87 -75.53 -1.35
C GLN A 655 47.16 -76.39 -2.57
N ALA A 656 46.90 -77.69 -2.46
CA ALA A 656 47.19 -78.58 -3.58
C ALA A 656 46.22 -78.43 -4.76
N PRO A 657 44.91 -78.19 -4.59
CA PRO A 657 44.13 -77.69 -5.75
C PRO A 657 44.56 -76.31 -6.22
N VAL A 658 45.09 -75.47 -5.33
CA VAL A 658 45.62 -74.18 -5.76
C VAL A 658 46.88 -74.38 -6.58
N PHE A 659 47.72 -75.34 -6.20
CA PHE A 659 48.91 -75.64 -6.98
C PHE A 659 48.57 -76.35 -8.28
N GLU A 660 47.39 -76.97 -8.34
CA GLU A 660 46.96 -77.67 -9.55
C GLU A 660 46.74 -76.71 -10.71
N PHE A 661 46.15 -75.54 -10.45
CA PHE A 661 45.80 -74.63 -11.53
C PHE A 661 46.91 -73.63 -11.81
N VAL A 662 48.06 -73.77 -11.14
CA VAL A 662 49.24 -73.01 -11.53
C VAL A 662 49.70 -73.44 -12.93
N GLU A 663 49.69 -74.74 -13.18
CA GLU A 663 50.13 -75.26 -14.48
C GLU A 663 49.15 -74.92 -15.58
N GLN A 664 47.85 -74.91 -15.26
CA GLN A 664 46.86 -74.56 -16.27
C GLN A 664 46.81 -73.06 -16.52
N LEU A 665 47.36 -72.27 -15.59
CA LEU A 665 47.50 -70.84 -15.82
C LEU A 665 48.54 -70.54 -16.89
N ARG A 666 49.54 -71.42 -17.01
CA ARG A 666 50.49 -71.34 -18.12
C ARG A 666 49.81 -71.64 -19.45
N LYS A 667 48.81 -72.51 -19.46
CA LYS A 667 48.13 -72.95 -20.66
C LYS A 667 47.14 -71.87 -21.08
N GLU A 668 47.28 -71.40 -22.33
CA GLU A 668 46.46 -70.37 -22.95
C GLU A 668 46.47 -69.01 -22.27
N GLY A 669 45.33 -68.32 -22.25
CA GLY A 669 45.24 -67.06 -21.52
C GLY A 669 44.39 -67.31 -20.29
N VAL A 670 45.05 -67.63 -19.18
CA VAL A 670 44.39 -67.88 -17.91
C VAL A 670 45.09 -67.05 -16.85
N PHE A 671 44.32 -66.27 -16.10
CA PHE A 671 44.84 -65.45 -15.02
C PHE A 671 45.35 -66.34 -13.89
N ALA A 672 46.45 -65.91 -13.28
CA ALA A 672 47.04 -66.65 -12.17
C ALA A 672 47.01 -65.81 -10.90
N LYS A 673 45.99 -64.97 -10.77
CA LYS A 673 45.82 -64.15 -9.57
C LYS A 673 45.38 -65.01 -8.41
N GLU A 674 46.29 -65.23 -7.46
CA GLU A 674 46.05 -66.07 -6.30
C GLU A 674 46.04 -65.26 -5.01
N VAL A 675 45.38 -64.10 -5.01
CA VAL A 675 45.34 -63.27 -3.82
C VAL A 675 44.46 -63.93 -2.76
N ARG A 676 45.02 -64.08 -1.56
CA ARG A 676 44.32 -64.68 -0.44
C ARG A 676 44.18 -63.67 0.68
N THR A 677 43.26 -63.95 1.59
CA THR A 677 43.07 -63.14 2.77
C THR A 677 43.17 -64.01 4.03
N GLY A 678 44.38 -64.19 4.54
CA GLY A 678 44.60 -65.02 5.70
C GLY A 678 44.63 -66.51 5.44
N GLY A 679 44.54 -66.93 4.18
CA GLY A 679 44.54 -68.34 3.85
C GLY A 679 43.32 -69.09 4.36
N MET A 680 42.13 -68.54 4.14
CA MET A 680 40.90 -69.14 4.62
C MET A 680 39.93 -69.24 3.45
N ALA A 681 39.23 -70.37 3.34
CA ALA A 681 38.37 -70.64 2.19
C ALA A 681 36.93 -70.22 2.50
N PHE A 682 36.68 -68.91 2.43
CA PHE A 682 35.33 -68.38 2.46
C PHE A 682 34.54 -68.82 1.22
N HIS A 683 33.21 -68.87 1.38
CA HIS A 683 32.24 -69.27 0.36
C HIS A 683 32.55 -70.67 -0.18
N SER A 684 32.58 -71.64 0.73
CA SER A 684 33.07 -72.97 0.41
C SER A 684 32.35 -73.98 1.29
N TYR A 685 32.69 -75.26 1.12
CA TYR A 685 32.08 -76.32 1.91
C TYR A 685 32.83 -76.58 3.21
N PHE A 686 33.99 -75.95 3.39
CA PHE A 686 34.76 -76.14 4.62
C PHE A 686 34.15 -75.44 5.82
N MET A 687 33.22 -74.50 5.62
CA MET A 687 32.53 -73.86 6.73
C MET A 687 31.08 -74.27 6.86
N GLU A 688 30.72 -75.49 6.48
CA GLU A 688 29.38 -75.98 6.83
C GLU A 688 29.25 -76.20 8.32
N ALA A 689 30.35 -76.47 9.02
CA ALA A 689 30.33 -76.61 10.46
C ALA A 689 30.56 -75.30 11.20
N ILE A 690 30.93 -74.24 10.50
CA ILE A 690 31.20 -72.95 11.14
C ILE A 690 29.88 -72.27 11.53
N ALA A 691 28.83 -72.46 10.73
CA ALA A 691 27.55 -71.81 10.98
C ALA A 691 26.84 -72.18 12.29
N PRO A 692 26.77 -73.43 12.76
CA PRO A 692 26.00 -73.70 14.02
C PRO A 692 26.58 -73.04 15.28
N PRO A 693 27.92 -72.89 15.47
CA PRO A 693 28.40 -72.12 16.60
C PRO A 693 28.08 -70.64 16.35
N LEU A 694 28.29 -70.18 15.12
CA LEU A 694 28.05 -68.76 14.76
C LEU A 694 26.57 -68.40 14.94
N LEU A 695 25.67 -69.25 14.43
CA LEU A 695 24.21 -68.95 14.48
C LEU A 695 23.81 -68.71 15.95
N GLN A 696 24.30 -69.54 16.86
CA GLN A 696 23.94 -69.40 18.30
C GLN A 696 24.28 -67.97 18.77
N GLU A 697 25.49 -67.51 18.49
CA GLU A 697 25.93 -66.15 18.94
C GLU A 697 25.06 -65.07 18.28
N LEU A 698 24.67 -65.27 17.02
CA LEU A 698 23.93 -64.21 16.28
C LEU A 698 22.52 -64.03 16.85
N LYS A 699 21.84 -65.10 17.27
CA LYS A 699 20.46 -64.97 17.71
C LYS A 699 20.31 -63.96 18.84
N LYS A 700 21.42 -63.57 19.49
CA LYS A 700 21.37 -62.66 20.61
C LYS A 700 21.58 -61.20 20.22
N VAL A 701 21.71 -60.91 18.92
CA VAL A 701 21.97 -59.55 18.46
C VAL A 701 20.91 -59.08 17.47
N ILE A 702 20.53 -59.92 16.51
CA ILE A 702 19.60 -59.51 15.47
C ILE A 702 18.31 -60.30 15.76
N ARG A 703 18.03 -60.45 17.05
CA ARG A 703 16.69 -60.87 17.48
C ARG A 703 15.66 -59.83 17.03
N GLU A 704 14.42 -60.32 16.83
CA GLU A 704 13.26 -59.69 16.18
C GLU A 704 13.66 -58.94 14.92
N PRO A 705 13.97 -59.64 13.82
CA PRO A 705 14.48 -58.97 12.62
C PRO A 705 13.39 -58.22 11.86
N LYS A 706 13.82 -57.34 10.97
CA LYS A 706 13.00 -56.50 10.11
C LYS A 706 13.05 -57.02 8.67
N PRO A 707 11.97 -56.87 7.89
CA PRO A 707 11.98 -57.41 6.52
C PRO A 707 12.83 -56.58 5.58
N ARG A 708 13.43 -57.27 4.62
CA ARG A 708 14.21 -56.60 3.58
C ARG A 708 13.29 -55.92 2.59
N SER A 709 13.80 -54.85 1.97
CA SER A 709 13.03 -54.08 1.01
C SER A 709 13.23 -54.62 -0.39
N ALA A 710 12.41 -54.11 -1.32
CA ALA A 710 12.51 -54.54 -2.71
C ALA A 710 13.71 -53.93 -3.41
N ARG A 711 14.28 -52.86 -2.87
CA ARG A 711 15.46 -52.24 -3.48
C ARG A 711 16.71 -53.07 -3.25
N TRP A 712 16.78 -53.76 -2.12
CA TRP A 712 17.93 -54.62 -1.83
C TRP A 712 17.84 -55.88 -2.67
N LEU A 713 18.83 -56.08 -3.54
CA LEU A 713 18.93 -57.26 -4.38
C LEU A 713 19.91 -58.23 -3.74
N SER A 714 19.43 -59.40 -3.36
CA SER A 714 20.28 -60.36 -2.66
C SER A 714 21.31 -60.97 -3.60
N THR A 715 22.49 -61.24 -3.08
CA THR A 715 23.55 -61.86 -3.84
C THR A 715 23.95 -63.24 -3.34
N SER A 716 23.45 -63.66 -2.19
CA SER A 716 23.67 -65.00 -1.68
C SER A 716 22.47 -65.92 -1.91
N ILE A 717 21.38 -65.39 -2.46
CA ILE A 717 20.16 -66.13 -2.70
C ILE A 717 19.92 -66.16 -4.21
N PRO A 718 19.65 -67.31 -4.81
CA PRO A 718 19.34 -67.34 -6.23
C PRO A 718 17.99 -66.69 -6.52
N GLU A 719 17.78 -66.39 -7.81
CA GLU A 719 16.64 -65.60 -8.26
C GLU A 719 15.31 -66.28 -7.98
N ALA A 720 15.24 -67.60 -8.15
CA ALA A 720 13.99 -68.31 -7.95
C ALA A 720 13.61 -68.45 -6.47
N GLN A 721 14.55 -68.22 -5.56
CA GLN A 721 14.28 -68.28 -4.13
C GLN A 721 14.12 -66.89 -3.50
N TRP A 722 13.87 -65.86 -4.32
CA TRP A 722 13.79 -64.50 -3.78
C TRP A 722 12.51 -64.27 -2.98
N HIS A 723 11.47 -65.06 -3.23
CA HIS A 723 10.21 -64.90 -2.50
C HIS A 723 10.10 -65.82 -1.30
N SER A 724 11.14 -66.57 -0.97
CA SER A 724 11.07 -67.56 0.10
C SER A 724 11.06 -66.88 1.46
N SER A 725 10.81 -67.69 2.50
CA SER A 725 10.76 -67.16 3.86
C SER A 725 12.13 -66.82 4.42
N LEU A 726 13.20 -67.35 3.80
CA LEU A 726 14.54 -67.06 4.30
C LEU A 726 15.04 -65.69 3.81
N ALA A 727 14.59 -65.26 2.63
CA ALA A 727 15.11 -64.06 1.99
C ALA A 727 14.17 -62.87 2.07
N ARG A 728 13.16 -62.93 2.94
CA ARG A 728 12.30 -61.75 3.11
C ARG A 728 12.82 -60.85 4.24
N THR A 729 13.34 -61.45 5.29
CA THR A 729 13.88 -60.70 6.42
C THR A 729 15.39 -60.88 6.50
N SER A 730 16.05 -59.92 7.15
CA SER A 730 17.50 -59.97 7.33
C SER A 730 17.82 -60.53 8.71
N SER A 731 17.51 -61.81 8.88
CA SER A 731 17.63 -62.47 10.17
C SER A 731 19.04 -62.99 10.37
N ALA A 732 19.22 -63.76 11.45
CA ALA A 732 20.49 -64.41 11.72
C ALA A 732 20.77 -65.54 10.75
N GLU A 733 19.73 -66.24 10.27
CA GLU A 733 19.94 -67.31 9.30
C GLU A 733 20.29 -66.75 7.92
N TYR A 734 19.88 -65.50 7.65
CA TYR A 734 20.27 -64.85 6.40
C TYR A 734 21.76 -64.58 6.36
N ASN A 735 22.35 -64.20 7.49
CA ASN A 735 23.76 -63.85 7.52
C ASN A 735 24.66 -65.08 7.52
N VAL A 736 24.24 -66.17 8.17
CA VAL A 736 25.07 -67.37 8.16
C VAL A 736 24.97 -68.12 6.84
N ASN A 737 23.92 -67.87 6.05
CA ASN A 737 23.83 -68.49 4.74
C ASN A 737 24.76 -67.77 3.77
N ASN A 738 25.06 -66.49 4.05
CA ASN A 738 25.98 -65.72 3.22
C ASN A 738 27.38 -66.31 3.24
N LEU A 739 27.80 -66.85 4.39
CA LEU A 739 29.14 -67.42 4.50
C LEU A 739 29.25 -68.76 3.80
N VAL A 740 28.18 -69.54 3.76
CA VAL A 740 28.22 -70.92 3.27
C VAL A 740 27.71 -71.05 1.85
N SER A 741 27.44 -69.93 1.17
CA SER A 741 26.95 -70.00 -0.19
C SER A 741 27.83 -69.16 -1.09
N PRO A 742 27.96 -69.52 -2.37
CA PRO A 742 28.72 -68.67 -3.30
C PRO A 742 28.00 -67.36 -3.58
N VAL A 743 28.78 -66.32 -3.81
CA VAL A 743 28.22 -64.99 -4.09
C VAL A 743 27.91 -64.87 -5.57
N LEU A 744 26.66 -64.53 -5.88
CA LEU A 744 26.17 -64.42 -7.24
C LEU A 744 26.13 -62.94 -7.61
N PHE A 745 27.27 -62.44 -8.08
CA PHE A 745 27.44 -61.01 -8.37
C PHE A 745 27.24 -60.69 -9.85
N GLN A 746 26.61 -61.58 -10.60
CA GLN A 746 26.34 -61.33 -12.01
C GLN A 746 24.87 -61.17 -12.32
N GLU A 747 24.02 -62.06 -11.81
CA GLU A 747 22.59 -61.98 -12.06
C GLU A 747 21.96 -60.81 -11.32
N ALA A 748 22.57 -60.34 -10.24
CA ALA A 748 22.11 -59.11 -9.61
C ALA A 748 22.43 -57.89 -10.48
N LEU A 749 23.54 -57.93 -11.20
CA LEU A 749 23.98 -56.81 -12.01
C LEU A 749 23.15 -56.61 -13.28
N TRP A 750 22.48 -57.65 -13.78
CA TRP A 750 21.66 -57.47 -14.97
C TRP A 750 20.31 -56.84 -14.67
N HIS A 751 19.95 -56.69 -13.40
CA HIS A 751 18.71 -56.01 -13.05
C HIS A 751 18.90 -54.51 -12.90
N VAL A 752 20.13 -54.01 -13.03
CA VAL A 752 20.40 -52.58 -12.94
C VAL A 752 19.89 -51.90 -14.22
N PRO A 753 19.16 -50.79 -14.13
CA PRO A 753 18.60 -50.16 -15.32
C PRO A 753 19.65 -49.52 -16.21
N GLU A 754 19.16 -48.89 -17.27
CA GLU A 754 19.99 -48.47 -18.39
C GLU A 754 20.90 -47.30 -18.03
N HIS A 755 20.35 -46.26 -17.39
CA HIS A 755 21.08 -45.03 -17.16
C HIS A 755 21.36 -44.79 -15.69
N ALA A 756 21.67 -45.85 -14.96
CA ALA A 756 21.90 -45.73 -13.52
C ALA A 756 23.26 -45.12 -13.24
N VAL A 757 23.33 -44.44 -12.09
CA VAL A 757 24.58 -43.91 -11.57
C VAL A 757 24.99 -44.78 -10.40
N VAL A 758 26.14 -45.41 -10.51
CA VAL A 758 26.57 -46.44 -9.58
C VAL A 758 27.62 -45.85 -8.65
N LEU A 759 27.39 -45.94 -7.35
CA LEU A 759 28.31 -45.45 -6.34
C LEU A 759 28.96 -46.65 -5.66
N GLU A 760 30.28 -46.63 -5.54
CA GLU A 760 31.01 -47.71 -4.91
C GLU A 760 31.39 -47.31 -3.50
N ILE A 761 30.90 -48.05 -2.51
CA ILE A 761 31.16 -47.78 -1.11
C ILE A 761 32.21 -48.78 -0.66
N ALA A 762 33.48 -48.36 -0.67
CA ALA A 762 34.59 -49.23 -0.33
C ALA A 762 35.76 -48.37 0.09
N PRO A 763 36.61 -48.84 1.00
CA PRO A 763 37.86 -48.12 1.29
C PRO A 763 38.87 -48.15 0.17
N HIS A 764 38.72 -49.06 -0.79
CA HIS A 764 39.49 -49.01 -2.03
C HIS A 764 38.65 -49.67 -3.11
N ALA A 765 38.45 -48.98 -4.22
CA ALA A 765 37.55 -49.42 -5.28
C ALA A 765 38.29 -50.40 -6.19
N LEU A 766 38.42 -51.63 -5.72
CA LEU A 766 39.00 -52.70 -6.51
C LEU A 766 37.98 -53.42 -7.37
N LEU A 767 36.70 -53.12 -7.20
CA LEU A 767 35.63 -53.68 -8.01
C LEU A 767 35.24 -52.78 -9.17
N GLN A 768 36.03 -51.74 -9.44
CA GLN A 768 35.67 -50.79 -10.49
C GLN A 768 35.83 -51.41 -11.88
N ALA A 769 36.87 -52.22 -12.07
CA ALA A 769 37.05 -52.87 -13.37
C ALA A 769 36.03 -53.97 -13.60
N VAL A 770 35.59 -54.64 -12.54
CA VAL A 770 34.56 -55.67 -12.66
C VAL A 770 33.23 -55.04 -13.05
N LEU A 771 32.88 -53.91 -12.44
CA LEU A 771 31.62 -53.25 -12.73
C LEU A 771 31.57 -52.61 -14.11
N LYS A 772 32.72 -52.29 -14.69
CA LYS A 772 32.74 -51.66 -16.01
C LYS A 772 32.32 -52.66 -17.09
N ARG A 773 32.89 -53.87 -17.06
CA ARG A 773 32.54 -54.87 -18.05
C ARG A 773 31.28 -55.64 -17.67
N GLY A 774 30.86 -55.54 -16.41
CA GLY A 774 29.70 -56.29 -15.96
C GLY A 774 28.38 -55.57 -16.12
N LEU A 775 28.42 -54.25 -16.27
CA LEU A 775 27.20 -53.47 -16.40
C LEU A 775 27.03 -52.95 -17.82
N LYS A 776 25.87 -52.35 -18.06
CA LYS A 776 25.57 -51.75 -19.35
C LYS A 776 26.46 -50.52 -19.58
N PRO A 777 26.81 -50.22 -20.83
CA PRO A 777 27.74 -49.10 -21.08
C PRO A 777 27.13 -47.72 -20.89
N SER A 778 25.83 -47.60 -20.62
CA SER A 778 25.20 -46.32 -20.34
C SER A 778 25.13 -46.03 -18.84
N CYS A 779 26.03 -46.62 -18.06
CA CYS A 779 26.07 -46.42 -16.63
C CYS A 779 27.38 -45.73 -16.24
N THR A 780 27.31 -44.95 -15.18
CA THR A 780 28.46 -44.23 -14.64
C THR A 780 28.86 -44.86 -13.31
N ILE A 781 30.15 -45.17 -13.17
CA ILE A 781 30.68 -45.77 -11.96
C ILE A 781 31.57 -44.75 -11.28
N ILE A 782 31.26 -44.39 -10.04
CA ILE A 782 32.01 -43.40 -9.30
C ILE A 782 32.65 -44.04 -8.07
N PRO A 783 33.97 -44.09 -7.99
CA PRO A 783 34.62 -44.53 -6.75
C PRO A 783 34.60 -43.43 -5.70
N LEU A 784 34.78 -43.84 -4.45
CA LEU A 784 34.79 -42.91 -3.34
C LEU A 784 36.11 -42.86 -2.59
N MET A 785 36.86 -43.95 -2.54
CA MET A 785 38.17 -43.96 -1.90
C MET A 785 39.16 -44.69 -2.79
N LYS A 786 40.43 -44.35 -2.63
CA LYS A 786 41.51 -44.94 -3.40
C LYS A 786 42.62 -45.33 -2.44
N LYS A 787 43.16 -46.54 -2.61
CA LYS A 787 44.21 -47.05 -1.74
C LYS A 787 45.50 -46.26 -1.93
N ASP A 788 46.13 -45.89 -0.81
CA ASP A 788 47.40 -45.17 -0.75
C ASP A 788 47.34 -43.82 -1.47
N HIS A 789 46.26 -43.09 -1.18
CA HIS A 789 46.08 -41.72 -1.64
C HIS A 789 46.47 -40.78 -0.51
N ARG A 790 47.20 -39.71 -0.85
CA ARG A 790 47.73 -38.80 0.16
C ARG A 790 46.62 -38.00 0.84
N ASP A 791 45.64 -37.54 0.06
CA ASP A 791 44.47 -36.84 0.60
C ASP A 791 43.24 -37.53 0.03
N ASN A 792 42.67 -38.46 0.81
CA ASN A 792 41.50 -39.18 0.38
C ASN A 792 40.23 -38.35 0.54
N LEU A 793 40.30 -37.25 1.27
CA LEU A 793 39.17 -36.34 1.36
C LEU A 793 38.95 -35.59 0.05
N GLU A 794 40.03 -35.26 -0.66
CA GLU A 794 39.90 -34.66 -1.98
C GLU A 794 39.34 -35.65 -2.99
N PHE A 795 39.66 -36.94 -2.82
CA PHE A 795 39.13 -37.96 -3.71
C PHE A 795 37.64 -38.17 -3.47
N PHE A 796 37.21 -38.08 -2.20
CA PHE A 796 35.79 -38.19 -1.89
C PHE A 796 35.01 -37.00 -2.43
N LEU A 797 35.60 -35.80 -2.33
CA LEU A 797 34.90 -34.61 -2.77
C LEU A 797 34.81 -34.53 -4.29
N ALA A 798 35.77 -35.13 -4.99
CA ALA A 798 35.67 -35.19 -6.44
C ALA A 798 34.58 -36.16 -6.89
N GLY A 799 34.34 -37.22 -6.10
CA GLY A 799 33.24 -38.12 -6.43
C GLY A 799 31.88 -37.48 -6.25
N ILE A 800 31.73 -36.65 -5.21
CA ILE A 800 30.50 -35.90 -5.02
C ILE A 800 30.33 -34.86 -6.12
N GLY A 801 31.45 -34.28 -6.58
CA GLY A 801 31.38 -33.29 -7.63
C GLY A 801 30.95 -33.86 -8.97
N ARG A 802 31.44 -35.04 -9.32
CA ARG A 802 31.00 -35.67 -10.57
C ARG A 802 29.66 -36.35 -10.41
N LEU A 803 29.18 -36.51 -9.18
CA LEU A 803 27.80 -36.92 -8.96
C LEU A 803 26.84 -35.77 -9.28
N HIS A 804 27.29 -34.53 -9.10
CA HIS A 804 26.52 -33.37 -9.53
C HIS A 804 26.49 -33.27 -11.05
N LEU A 805 27.57 -33.72 -11.71
CA LEU A 805 27.66 -33.60 -13.19
C LEU A 805 26.82 -34.69 -13.86
N SER A 806 26.41 -35.71 -13.11
CA SER A 806 25.55 -36.79 -13.68
C SER A 806 24.10 -36.31 -13.71
N GLY A 807 23.67 -35.59 -12.69
CA GLY A 807 22.30 -35.09 -12.62
C GLY A 807 21.64 -35.22 -11.27
N ILE A 808 22.33 -35.83 -10.30
CA ILE A 808 21.78 -36.03 -8.97
C ILE A 808 22.14 -34.83 -8.10
N ASP A 809 21.13 -34.22 -7.49
CA ASP A 809 21.35 -33.05 -6.65
C ASP A 809 21.89 -33.47 -5.29
N ALA A 810 22.99 -32.86 -4.88
CA ALA A 810 23.69 -33.23 -3.66
C ALA A 810 24.48 -32.03 -3.16
N ASN A 811 24.06 -31.48 -2.01
CA ASN A 811 24.59 -30.22 -1.51
C ASN A 811 25.74 -30.46 -0.55
N PRO A 812 26.98 -30.10 -0.88
CA PRO A 812 28.10 -30.43 0.03
C PRO A 812 28.22 -29.51 1.22
N ASN A 813 27.28 -28.59 1.44
CA ASN A 813 27.32 -27.75 2.63
C ASN A 813 27.01 -28.57 3.89
N ALA A 814 26.34 -29.70 3.74
CA ALA A 814 25.93 -30.49 4.89
C ALA A 814 27.10 -31.26 5.49
N LEU A 815 28.20 -31.38 4.75
CA LEU A 815 29.35 -32.13 5.23
C LEU A 815 30.11 -31.36 6.31
N PHE A 816 30.14 -30.04 6.18
CA PHE A 816 30.95 -29.17 7.01
C PHE A 816 30.07 -28.48 8.05
N PRO A 817 30.67 -27.89 9.10
CA PRO A 817 29.89 -27.07 10.03
C PRO A 817 29.24 -25.88 9.35
N PRO A 818 28.02 -25.52 9.74
CA PRO A 818 27.30 -24.45 9.04
C PRO A 818 27.87 -23.07 9.35
N VAL A 819 27.63 -22.16 8.41
CA VAL A 819 28.10 -20.78 8.51
C VAL A 819 27.03 -19.99 9.26
N GLU A 820 27.47 -19.01 10.06
CA GLU A 820 26.57 -18.14 10.82
C GLU A 820 25.68 -17.32 9.91
N PHE A 821 24.46 -17.01 10.39
CA PHE A 821 23.37 -16.64 9.49
C PHE A 821 23.57 -15.31 8.75
N PRO A 822 23.98 -14.20 9.39
CA PRO A 822 24.34 -13.04 8.56
C PRO A 822 25.75 -13.18 8.00
N ALA A 823 25.87 -13.04 6.70
CA ALA A 823 27.18 -13.04 6.09
C ALA A 823 27.90 -11.73 6.42
N PRO A 824 29.21 -11.76 6.66
CA PRO A 824 29.94 -10.52 6.96
C PRO A 824 30.00 -9.62 5.74
N ARG A 825 30.09 -8.31 5.99
CA ARG A 825 30.12 -7.38 4.87
C ARG A 825 31.46 -7.42 4.17
N GLY A 826 31.45 -7.08 2.90
CA GLY A 826 32.59 -7.31 2.03
C GLY A 826 32.60 -8.66 1.37
N THR A 827 31.57 -9.47 1.61
CA THR A 827 31.39 -10.70 0.87
C THR A 827 31.13 -10.36 -0.59
N PRO A 828 31.80 -11.03 -1.54
CA PRO A 828 31.70 -10.62 -2.94
C PRO A 828 30.30 -10.80 -3.53
N LEU A 829 30.00 -9.95 -4.50
CA LEU A 829 28.69 -9.92 -5.12
C LEU A 829 28.49 -11.15 -5.99
N ILE A 830 27.23 -11.58 -6.11
CA ILE A 830 26.88 -12.77 -6.89
C ILE A 830 26.15 -12.40 -8.18
N SER A 831 25.30 -11.38 -8.14
CA SER A 831 24.57 -10.97 -9.35
C SER A 831 25.40 -10.55 -10.57
N PRO A 832 26.64 -10.04 -10.48
CA PRO A 832 27.43 -9.91 -11.71
C PRO A 832 27.97 -11.21 -12.28
N LEU A 833 27.84 -12.33 -11.58
CA LEU A 833 28.40 -13.60 -12.03
C LEU A 833 27.42 -14.44 -12.82
N ILE A 834 26.21 -13.96 -13.07
CA ILE A 834 25.19 -14.72 -13.76
C ILE A 834 25.18 -14.31 -15.21
N LYS A 835 25.36 -15.28 -16.10
CA LYS A 835 25.38 -15.04 -17.54
C LYS A 835 24.28 -15.83 -18.21
N TRP A 836 23.71 -15.25 -19.25
CA TRP A 836 22.55 -15.82 -19.93
C TRP A 836 22.93 -16.22 -21.35
N ASP A 837 21.98 -16.87 -22.02
CA ASP A 837 22.08 -17.22 -23.43
C ASP A 837 21.54 -16.05 -24.23
N HIS A 838 22.43 -15.16 -24.66
CA HIS A 838 22.06 -13.94 -25.35
C HIS A 838 22.47 -13.95 -26.81
N SER A 839 22.31 -15.09 -27.48
CA SER A 839 22.73 -15.19 -28.88
C SER A 839 21.72 -14.62 -29.86
N LEU A 840 20.51 -14.31 -29.42
CA LEU A 840 19.46 -13.81 -30.30
C LEU A 840 19.19 -12.34 -30.03
N ALA A 841 18.65 -11.67 -31.04
CA ALA A 841 18.29 -10.26 -30.96
C ALA A 841 16.80 -10.10 -31.17
N TRP A 842 16.17 -9.29 -30.33
CA TRP A 842 14.72 -9.10 -30.36
C TRP A 842 14.39 -7.68 -30.77
N ASP A 843 13.12 -7.47 -31.10
CA ASP A 843 12.69 -6.19 -31.65
C ASP A 843 12.65 -5.10 -30.59
N VAL A 844 13.11 -3.91 -30.97
CA VAL A 844 13.07 -2.73 -30.12
C VAL A 844 12.46 -1.61 -30.98
N PRO A 845 11.52 -0.84 -30.46
CA PRO A 845 10.96 0.27 -31.25
C PRO A 845 11.98 1.35 -31.55
N ALA A 846 11.87 1.91 -32.74
CA ALA A 846 12.73 2.98 -33.20
C ALA A 846 12.02 4.32 -33.05
N ALA A 847 12.74 5.40 -33.31
CA ALA A 847 12.15 6.73 -33.24
C ALA A 847 11.20 7.02 -34.37
N GLU A 848 11.23 6.24 -35.45
CA GLU A 848 10.36 6.43 -36.59
C GLU A 848 8.98 5.84 -36.39
N ASP A 849 8.78 5.05 -35.33
CA ASP A 849 7.48 4.45 -35.04
C ASP A 849 6.61 5.34 -34.16
N PHE A 850 6.95 6.61 -34.05
CA PHE A 850 6.23 7.56 -33.21
C PHE A 850 5.84 8.76 -34.06
N PRO A 851 4.74 9.43 -33.73
CA PRO A 851 4.27 10.55 -34.58
C PRO A 851 5.22 11.73 -34.53
N ASN A 852 5.58 12.24 -35.70
CA ASN A 852 6.46 13.39 -35.81
C ASN A 852 5.74 14.62 -36.38
N GLY A 853 4.42 14.61 -36.38
CA GLY A 853 3.67 15.76 -36.84
C GLY A 853 3.45 15.77 -38.34
N SER A 854 3.68 14.63 -38.98
CA SER A 854 3.49 14.52 -40.43
C SER A 854 2.02 14.33 -40.78
N MET B 1 -6.76 -1.20 14.15
CA MET B 1 -7.47 -1.13 15.41
C MET B 1 -8.61 -0.11 15.35
N GLU B 2 -8.78 0.52 14.19
CA GLU B 2 -9.84 1.51 14.00
C GLU B 2 -10.87 0.92 13.05
N GLU B 3 -12.14 1.22 13.27
CA GLU B 3 -13.18 0.82 12.33
C GLU B 3 -13.24 1.76 11.15
N VAL B 4 -13.39 1.19 9.96
CA VAL B 4 -13.39 1.94 8.71
C VAL B 4 -14.79 1.87 8.11
N VAL B 5 -15.34 3.02 7.73
CA VAL B 5 -16.69 3.11 7.21
C VAL B 5 -16.65 3.83 5.86
N ILE B 6 -17.68 3.59 5.06
CA ILE B 6 -17.85 4.34 3.81
C ILE B 6 -18.78 5.52 4.08
N ALA B 7 -18.29 6.72 3.84
CA ALA B 7 -18.97 7.93 4.26
C ALA B 7 -19.62 8.68 3.10
N GLY B 8 -18.97 8.68 1.94
CA GLY B 8 -19.46 9.45 0.82
C GLY B 8 -19.38 8.71 -0.50
N MET B 9 -20.17 9.14 -1.47
CA MET B 9 -20.27 8.47 -2.76
C MET B 9 -20.68 9.47 -3.83
N SER B 10 -20.02 9.40 -4.98
CA SER B 10 -20.45 10.14 -6.15
C SER B 10 -19.93 9.43 -7.39
N GLY B 11 -20.54 9.71 -8.53
CA GLY B 11 -20.12 9.01 -9.72
C GLY B 11 -20.74 9.56 -10.98
N LYS B 12 -20.11 9.21 -12.09
CA LYS B 12 -20.62 9.49 -13.44
C LYS B 12 -20.50 8.20 -14.22
N LEU B 13 -21.65 7.59 -14.52
CA LEU B 13 -21.64 6.27 -15.21
C LEU B 13 -22.49 6.38 -16.49
N PRO B 14 -22.41 5.44 -17.45
CA PRO B 14 -23.14 5.56 -18.71
C PRO B 14 -24.62 5.88 -18.58
N GLU B 15 -25.05 6.95 -19.27
CA GLU B 15 -26.47 7.38 -19.20
C GLU B 15 -26.81 7.68 -17.73
N SER B 16 -25.78 7.93 -16.93
CA SER B 16 -25.99 8.19 -15.48
C SER B 16 -25.14 9.39 -15.04
N GLU B 17 -25.60 10.61 -15.31
CA GLU B 17 -24.85 11.83 -14.92
C GLU B 17 -24.70 11.86 -13.39
N ASN B 18 -25.78 11.54 -12.66
CA ASN B 18 -25.74 11.57 -11.17
C ASN B 18 -25.89 10.14 -10.64
N LEU B 19 -25.65 9.94 -9.34
CA LEU B 19 -25.71 8.58 -8.75
C LEU B 19 -27.17 8.08 -8.77
N GLN B 20 -28.12 9.00 -8.65
CA GLN B 20 -29.55 8.61 -8.67
C GLN B 20 -29.92 8.15 -10.08
N GLU B 21 -29.54 8.92 -11.11
CA GLU B 21 -29.80 8.45 -12.50
C GLU B 21 -29.22 7.03 -12.65
N PHE B 22 -28.02 6.79 -12.13
CA PHE B 22 -27.42 5.43 -12.19
C PHE B 22 -28.40 4.43 -11.59
N TRP B 23 -28.77 4.63 -10.32
CA TRP B 23 -29.68 3.69 -9.63
C TRP B 23 -30.93 3.46 -10.48
N ASP B 24 -31.54 4.53 -10.99
CA ASP B 24 -32.81 4.41 -11.74
C ASP B 24 -32.57 3.49 -12.95
N ASN B 25 -31.51 3.76 -13.73
CA ASN B 25 -31.22 2.94 -14.93
C ASN B 25 -31.00 1.49 -14.50
N LEU B 26 -30.33 1.29 -13.37
CA LEU B 26 -30.03 -0.08 -12.86
C LEU B 26 -31.32 -0.84 -12.53
N ILE B 27 -32.25 -0.20 -11.80
CA ILE B 27 -33.50 -0.90 -11.38
C ILE B 27 -34.52 -0.81 -12.52
N GLY B 28 -34.35 0.15 -13.43
CA GLY B 28 -35.27 0.28 -14.58
C GLY B 28 -35.06 -0.85 -15.57
N GLY B 29 -33.91 -1.52 -15.50
CA GLY B 29 -33.60 -2.62 -16.43
C GLY B 29 -33.23 -2.09 -17.79
N VAL B 30 -32.88 -0.80 -17.87
CA VAL B 30 -32.50 -0.17 -19.18
C VAL B 30 -31.10 -0.65 -19.57
N ASP B 31 -30.88 -0.91 -20.86
CA ASP B 31 -29.53 -1.32 -21.34
C ASP B 31 -28.67 -0.06 -21.49
N MET B 32 -27.90 0.27 -20.45
CA MET B 32 -27.08 1.47 -20.47
C MET B 32 -26.03 1.46 -21.56
N VAL B 33 -25.90 0.37 -22.31
CA VAL B 33 -25.00 0.32 -23.45
C VAL B 33 -25.77 0.66 -24.71
N THR B 34 -25.15 1.42 -25.59
CA THR B 34 -25.82 2.00 -26.74
C THR B 34 -25.02 1.76 -28.01
N ASP B 35 -25.66 1.97 -29.15
CA ASP B 35 -24.96 1.80 -30.46
C ASP B 35 -24.97 3.17 -31.16
N ASP B 36 -24.13 4.10 -30.69
CA ASP B 36 -24.11 5.46 -31.27
C ASP B 36 -22.67 5.86 -31.62
N ASP B 37 -22.48 6.68 -32.64
CA ASP B 37 -21.11 7.16 -33.00
C ASP B 37 -20.77 8.35 -32.09
N ARG B 38 -20.56 8.09 -30.80
CA ARG B 38 -20.29 9.19 -29.83
C ARG B 38 -18.77 9.33 -29.64
N ARG B 39 -17.99 8.35 -30.10
CA ARG B 39 -16.55 8.41 -29.96
C ARG B 39 -15.81 7.99 -31.21
N TRP B 40 -16.27 6.96 -31.90
CA TRP B 40 -15.79 6.67 -33.23
C TRP B 40 -16.98 6.18 -34.04
N LYS B 41 -16.72 5.57 -35.20
CA LYS B 41 -17.79 5.11 -36.07
C LYS B 41 -18.50 3.89 -35.48
N ALA B 42 -19.48 3.38 -36.22
CA ALA B 42 -20.32 2.31 -35.69
C ALA B 42 -19.55 1.00 -35.59
N GLY B 43 -18.96 0.55 -36.68
CA GLY B 43 -18.31 -0.74 -36.66
C GLY B 43 -16.98 -0.79 -37.38
N LEU B 44 -16.21 0.29 -37.30
CA LEU B 44 -14.95 0.34 -38.04
C LEU B 44 -13.93 -0.61 -37.41
N TYR B 45 -13.05 -1.14 -38.26
CA TYR B 45 -12.06 -2.18 -37.96
C TYR B 45 -12.70 -3.47 -37.47
N GLY B 46 -13.97 -3.70 -37.77
CA GLY B 46 -14.66 -4.88 -37.27
C GLY B 46 -15.01 -4.85 -35.81
N LEU B 47 -15.02 -3.69 -35.17
CA LEU B 47 -15.31 -3.59 -33.76
C LEU B 47 -16.80 -3.81 -33.51
N PRO B 48 -17.17 -4.25 -32.30
CA PRO B 48 -18.60 -4.31 -31.95
C PRO B 48 -19.21 -2.93 -31.91
N ARG B 49 -20.49 -2.86 -32.32
CA ARG B 49 -21.14 -1.56 -32.41
C ARG B 49 -21.60 -1.03 -31.06
N ARG B 50 -21.71 -1.90 -30.06
CA ARG B 50 -22.31 -1.50 -28.79
C ARG B 50 -21.24 -1.25 -27.75
N SER B 51 -21.43 -0.18 -26.98
CA SER B 51 -20.52 0.18 -25.90
C SER B 51 -21.27 1.10 -24.95
N GLY B 52 -20.79 1.17 -23.71
CA GLY B 52 -21.35 2.05 -22.71
C GLY B 52 -20.49 3.29 -22.56
N LYS B 53 -21.10 4.45 -22.78
CA LYS B 53 -20.33 5.68 -22.75
C LYS B 53 -21.07 6.75 -21.94
N LEU B 54 -20.28 7.70 -21.43
CA LEU B 54 -20.80 8.78 -20.61
C LEU B 54 -21.62 9.74 -21.44
N LYS B 55 -22.46 10.52 -20.76
CA LYS B 55 -23.37 11.42 -21.45
C LYS B 55 -22.63 12.62 -22.03
N ASP B 56 -21.74 13.22 -21.25
CA ASP B 56 -20.96 14.37 -21.70
C ASP B 56 -19.52 14.22 -21.21
N LEU B 57 -18.61 14.87 -21.91
CA LEU B 57 -17.20 14.74 -21.61
C LEU B 57 -16.45 16.06 -21.66
N SER B 58 -17.11 17.17 -21.96
CA SER B 58 -16.44 18.44 -22.24
C SER B 58 -16.83 19.54 -21.25
N ARG B 59 -17.37 19.19 -20.10
CA ARG B 59 -17.87 20.16 -19.14
C ARG B 59 -16.96 20.17 -17.92
N PHE B 60 -16.58 21.37 -17.48
CA PHE B 60 -15.67 21.52 -16.35
C PHE B 60 -15.80 22.93 -15.80
N ASP B 61 -15.87 23.04 -14.49
CA ASP B 61 -15.96 24.33 -13.79
C ASP B 61 -14.53 24.74 -13.46
N ALA B 62 -13.88 25.39 -14.42
CA ALA B 62 -12.44 25.63 -14.31
C ALA B 62 -12.12 26.72 -13.29
N SER B 63 -13.01 27.68 -13.10
CA SER B 63 -12.74 28.78 -12.17
C SER B 63 -12.79 28.35 -10.73
N PHE B 64 -13.65 27.38 -10.39
CA PHE B 64 -13.75 26.89 -9.03
C PHE B 64 -12.48 26.16 -8.60
N PHE B 65 -11.94 25.34 -9.47
CA PHE B 65 -10.77 24.54 -9.15
C PHE B 65 -9.48 25.27 -9.44
N GLY B 66 -9.57 26.51 -9.90
CA GLY B 66 -8.42 27.38 -10.07
C GLY B 66 -7.46 26.97 -11.15
N VAL B 67 -7.95 26.48 -12.28
CA VAL B 67 -7.08 26.16 -13.41
C VAL B 67 -7.28 27.23 -14.48
N HIS B 68 -6.19 27.57 -15.15
CA HIS B 68 -6.22 28.57 -16.21
C HIS B 68 -6.95 27.98 -17.41
N PRO B 69 -7.71 28.80 -18.14
CA PRO B 69 -8.45 28.27 -19.31
C PRO B 69 -7.58 27.67 -20.39
N LYS B 70 -6.36 28.15 -20.56
CA LYS B 70 -5.45 27.54 -21.50
C LYS B 70 -4.90 26.20 -20.98
N GLN B 71 -4.76 26.06 -19.67
CA GLN B 71 -4.41 24.77 -19.07
C GLN B 71 -5.58 23.79 -19.04
N ALA B 72 -6.82 24.29 -18.99
CA ALA B 72 -7.98 23.41 -18.95
C ALA B 72 -8.25 22.72 -20.28
N HIS B 73 -7.88 23.34 -21.40
CA HIS B 73 -8.07 22.71 -22.70
C HIS B 73 -7.12 21.54 -22.90
N THR B 74 -5.94 21.60 -22.32
CA THR B 74 -4.92 20.56 -22.48
C THR B 74 -4.88 19.61 -21.29
N MET B 75 -6.00 19.41 -20.64
CA MET B 75 -6.15 18.51 -19.50
C MET B 75 -6.83 17.23 -19.94
N ASP B 76 -6.58 16.14 -19.22
CA ASP B 76 -7.26 14.86 -19.43
C ASP B 76 -8.70 15.06 -18.99
N PRO B 77 -9.71 14.73 -19.82
CA PRO B 77 -11.12 14.91 -19.39
C PRO B 77 -11.48 14.12 -18.16
N GLN B 78 -10.86 12.96 -18.01
CA GLN B 78 -11.12 12.08 -16.88
C GLN B 78 -10.61 12.67 -15.57
N LEU B 79 -9.57 13.51 -15.63
CA LEU B 79 -9.13 14.22 -14.44
C LEU B 79 -10.09 15.35 -14.05
N ARG B 80 -10.65 16.04 -15.05
CA ARG B 80 -11.65 17.08 -14.78
C ARG B 80 -12.90 16.50 -14.13
N LEU B 81 -13.39 15.39 -14.68
CA LEU B 81 -14.53 14.71 -14.10
C LEU B 81 -14.23 14.16 -12.72
N LEU B 82 -13.00 13.67 -12.51
CA LEU B 82 -12.63 13.16 -11.19
C LEU B 82 -12.55 14.26 -10.15
N LEU B 83 -12.09 15.46 -10.51
CA LEU B 83 -12.11 16.60 -9.59
C LEU B 83 -13.53 16.96 -9.16
N GLU B 84 -14.46 17.01 -10.11
CA GLU B 84 -15.84 17.34 -9.75
C GLU B 84 -16.50 16.26 -8.89
N VAL B 85 -16.36 14.98 -9.25
CA VAL B 85 -17.01 13.93 -8.45
C VAL B 85 -16.31 13.74 -7.12
N THR B 86 -15.03 14.13 -7.02
CA THR B 86 -14.33 14.07 -5.75
C THR B 86 -14.86 15.11 -4.78
N TYR B 87 -15.17 16.31 -5.28
CA TYR B 87 -15.85 17.29 -4.43
C TYR B 87 -17.24 16.79 -4.02
N GLU B 88 -17.95 16.18 -4.96
CA GLU B 88 -19.32 15.75 -4.69
C GLU B 88 -19.38 14.63 -3.65
N ALA B 89 -18.36 13.77 -3.62
CA ALA B 89 -18.30 12.69 -2.64
C ALA B 89 -18.12 13.20 -1.20
N ILE B 90 -17.21 14.16 -1.02
CA ILE B 90 -17.00 14.76 0.29
C ILE B 90 -18.26 15.46 0.76
N VAL B 91 -18.91 16.20 -0.15
CA VAL B 91 -20.16 16.88 0.21
C VAL B 91 -21.28 15.88 0.51
N ASP B 92 -21.31 14.75 -0.20
CA ASP B 92 -22.26 13.68 0.10
C ASP B 92 -22.04 13.08 1.47
N GLY B 93 -20.80 13.13 1.97
CA GLY B 93 -20.55 12.59 3.29
C GLY B 93 -21.11 13.44 4.42
N GLY B 94 -21.53 14.67 4.11
CA GLY B 94 -21.94 15.62 5.11
C GLY B 94 -20.81 16.42 5.70
N ILE B 95 -19.62 16.29 5.12
CA ILE B 95 -18.42 16.93 5.66
C ILE B 95 -18.06 18.12 4.78
N ASN B 96 -17.83 19.27 5.40
CA ASN B 96 -17.26 20.39 4.68
C ASN B 96 -15.83 20.06 4.29
N PRO B 97 -15.43 20.25 3.03
CA PRO B 97 -14.05 19.91 2.63
C PRO B 97 -12.99 20.79 3.27
N ASP B 98 -13.36 21.95 3.82
CA ASP B 98 -12.40 22.81 4.49
C ASP B 98 -11.94 22.28 5.84
N SER B 99 -12.63 21.28 6.38
CA SER B 99 -12.21 20.66 7.63
C SER B 99 -11.14 19.60 7.44
N LEU B 100 -10.75 19.31 6.19
CA LEU B 100 -9.69 18.36 5.90
C LEU B 100 -8.48 19.01 5.25
N ARG B 101 -8.34 20.33 5.38
CA ARG B 101 -7.34 21.08 4.61
C ARG B 101 -5.92 20.90 5.09
N GLY B 102 -5.69 20.35 6.27
CA GLY B 102 -4.32 20.21 6.70
C GLY B 102 -3.99 18.82 7.16
N THR B 103 -4.98 17.93 7.04
CA THR B 103 -4.92 16.62 7.64
C THR B 103 -4.09 15.67 6.77
N HIS B 104 -3.90 14.45 7.28
CA HIS B 104 -3.06 13.46 6.65
C HIS B 104 -3.86 12.46 5.82
N THR B 105 -4.90 12.91 5.12
CA THR B 105 -5.74 12.01 4.35
C THR B 105 -5.08 11.68 3.01
N GLY B 106 -5.25 10.43 2.57
CA GLY B 106 -4.61 9.96 1.37
C GLY B 106 -5.53 9.85 0.17
N VAL B 107 -4.91 9.74 -1.01
CA VAL B 107 -5.60 9.58 -2.28
C VAL B 107 -5.06 8.35 -2.98
N TRP B 108 -5.95 7.46 -3.41
CA TRP B 108 -5.59 6.27 -4.18
C TRP B 108 -6.51 6.19 -5.39
N VAL B 109 -5.96 6.25 -6.59
CA VAL B 109 -6.73 6.26 -7.82
C VAL B 109 -6.32 5.07 -8.66
N GLY B 110 -7.31 4.32 -9.17
CA GLY B 110 -7.05 3.24 -10.10
C GLY B 110 -7.26 3.64 -11.55
N VAL B 111 -6.15 3.80 -12.28
CA VAL B 111 -6.23 4.16 -13.72
C VAL B 111 -5.65 2.99 -14.52
N SER B 112 -5.81 3.00 -15.84
CA SER B 112 -5.21 1.93 -16.69
C SER B 112 -4.75 2.53 -18.02
N GLY B 113 -5.27 3.70 -18.40
CA GLY B 113 -4.91 4.23 -19.70
C GLY B 113 -4.75 5.73 -19.65
N SER B 114 -3.87 6.24 -20.52
CA SER B 114 -3.71 7.68 -20.74
C SER B 114 -3.61 7.90 -22.24
N GLU B 115 -4.76 8.01 -22.89
CA GLU B 115 -4.81 8.26 -24.33
C GLU B 115 -4.75 9.73 -24.68
N THR B 116 -5.23 10.60 -23.77
CA THR B 116 -5.11 12.04 -23.97
C THR B 116 -3.66 12.49 -23.96
N SER B 117 -2.82 11.81 -23.19
CA SER B 117 -1.40 12.13 -23.14
C SER B 117 -0.72 11.88 -24.47
N GLU B 118 -1.06 10.78 -25.14
CA GLU B 118 -0.42 10.50 -26.41
C GLU B 118 -1.11 11.19 -27.58
N ALA B 119 -2.35 11.64 -27.40
CA ALA B 119 -2.96 12.48 -28.43
C ALA B 119 -2.42 13.90 -28.39
N LEU B 120 -2.07 14.39 -27.21
CA LEU B 120 -1.60 15.77 -27.06
C LEU B 120 -0.11 15.91 -27.28
N SER B 121 0.62 14.81 -27.52
CA SER B 121 2.05 14.88 -27.75
C SER B 121 2.44 14.35 -29.12
N ARG B 122 1.53 14.36 -30.08
CA ARG B 122 1.84 13.80 -31.39
C ARG B 122 2.65 14.76 -32.26
N ASP B 123 2.53 16.06 -32.05
CA ASP B 123 3.23 17.04 -32.86
C ASP B 123 4.32 17.71 -32.04
N PRO B 124 5.59 17.36 -32.24
CA PRO B 124 6.66 17.95 -31.42
C PRO B 124 7.03 19.37 -31.77
N GLU B 125 6.38 19.99 -32.74
CA GLU B 125 6.64 21.39 -33.07
C GLU B 125 5.64 22.33 -32.43
N THR B 126 4.42 21.89 -32.14
CA THR B 126 3.40 22.70 -31.51
C THR B 126 3.02 22.20 -30.11
N LEU B 127 3.96 21.56 -29.43
CA LEU B 127 3.73 21.10 -28.08
C LEU B 127 3.64 22.25 -27.09
N VAL B 128 3.00 21.97 -25.96
CA VAL B 128 3.00 22.86 -24.82
C VAL B 128 3.42 22.05 -23.61
N GLY B 129 3.99 22.72 -22.60
CA GLY B 129 4.43 22.03 -21.41
C GLY B 129 3.32 21.61 -20.48
N TYR B 130 2.14 22.23 -20.58
CA TYR B 130 1.05 21.95 -19.66
C TYR B 130 0.43 20.58 -19.89
N SER B 131 0.67 19.97 -21.05
CA SER B 131 0.13 18.64 -21.31
C SER B 131 0.82 17.59 -20.46
N MET B 132 2.04 17.86 -19.99
CA MET B 132 2.68 16.96 -19.05
C MET B 132 2.01 17.05 -17.68
N VAL B 133 1.68 18.26 -17.25
CA VAL B 133 1.07 18.46 -15.94
C VAL B 133 -0.37 17.97 -15.88
N GLY B 134 -1.12 18.07 -16.96
CA GLY B 134 -2.51 17.69 -16.93
C GLY B 134 -2.85 16.28 -17.38
N CYS B 135 -1.87 15.53 -17.90
CA CYS B 135 -2.17 14.22 -18.47
C CYS B 135 -1.28 13.08 -17.98
N GLN B 136 -0.24 13.35 -17.21
CA GLN B 136 0.58 12.29 -16.64
C GLN B 136 -0.22 11.51 -15.61
N ARG B 137 0.00 10.18 -15.56
CA ARG B 137 -0.85 9.29 -14.77
C ARG B 137 -0.73 9.55 -13.26
N ALA B 138 0.42 10.03 -12.79
CA ALA B 138 0.55 10.35 -11.37
C ALA B 138 -0.23 11.60 -11.01
N MET B 139 -0.52 12.45 -11.99
CA MET B 139 -1.19 13.69 -11.71
C MET B 139 -2.67 13.48 -11.44
N MET B 140 -3.23 12.32 -11.81
CA MET B 140 -4.60 11.98 -11.49
C MET B 140 -4.85 11.90 -9.99
N ALA B 141 -3.82 11.59 -9.20
CA ALA B 141 -3.90 11.69 -7.75
C ALA B 141 -3.26 12.95 -7.21
N ASN B 142 -2.19 13.43 -7.85
CA ASN B 142 -1.46 14.57 -7.31
C ASN B 142 -2.24 15.88 -7.45
N ARG B 143 -3.05 16.05 -8.50
CA ARG B 143 -3.87 17.25 -8.62
C ARG B 143 -4.98 17.28 -7.58
N LEU B 144 -5.52 16.11 -7.24
CA LEU B 144 -6.52 16.02 -6.19
C LEU B 144 -5.93 16.40 -4.84
N SER B 145 -4.74 15.87 -4.54
CA SER B 145 -4.06 16.24 -3.31
C SER B 145 -3.64 17.71 -3.30
N PHE B 146 -3.35 18.28 -4.46
CA PHE B 146 -2.97 19.68 -4.53
C PHE B 146 -4.17 20.59 -4.29
N PHE B 147 -5.31 20.31 -4.93
CA PHE B 147 -6.46 21.19 -4.78
C PHE B 147 -7.08 21.07 -3.39
N PHE B 148 -7.24 19.85 -2.89
CA PHE B 148 -7.93 19.69 -1.62
C PHE B 148 -7.01 19.85 -0.43
N ASP B 149 -5.70 20.04 -0.65
CA ASP B 149 -4.67 20.24 0.37
C ASP B 149 -4.59 19.03 1.32
N PHE B 150 -4.25 17.89 0.75
CA PHE B 150 -4.16 16.62 1.48
C PHE B 150 -2.69 16.29 1.67
N ARG B 151 -2.31 15.91 2.88
CA ARG B 151 -0.92 15.64 3.21
C ARG B 151 -0.57 14.16 3.25
N GLY B 152 -1.50 13.26 2.96
CA GLY B 152 -1.25 11.85 3.04
C GLY B 152 -0.61 11.30 1.78
N PRO B 153 -0.53 9.98 1.66
CA PRO B 153 0.02 9.38 0.43
C PRO B 153 -0.88 9.64 -0.77
N SER B 154 -0.26 9.83 -1.92
CA SER B 154 -0.96 10.18 -3.15
C SER B 154 -0.47 9.29 -4.27
N ILE B 155 -1.16 8.18 -4.51
CA ILE B 155 -0.69 7.09 -5.37
C ILE B 155 -1.69 6.82 -6.48
N ALA B 156 -1.21 6.69 -7.71
CA ALA B 156 -1.99 6.15 -8.82
C ALA B 156 -1.46 4.76 -9.14
N LEU B 157 -2.35 3.77 -9.18
CA LEU B 157 -1.92 2.39 -9.35
C LEU B 157 -2.72 1.71 -10.46
N ASP B 158 -2.08 0.77 -11.15
CA ASP B 158 -2.67 0.03 -12.25
C ASP B 158 -2.51 -1.46 -11.99
N THR B 159 -3.62 -2.16 -11.91
CA THR B 159 -3.62 -3.58 -11.56
C THR B 159 -4.66 -4.27 -12.46
N ALA B 160 -4.75 -3.78 -13.69
CA ALA B 160 -5.70 -4.20 -14.77
C ALA B 160 -7.12 -3.99 -14.25
N CYS B 161 -7.99 -5.00 -14.35
CA CYS B 161 -9.41 -4.82 -14.05
C CYS B 161 -9.71 -4.64 -12.56
N SER B 162 -8.83 -5.06 -11.68
CA SER B 162 -9.09 -4.96 -10.25
C SER B 162 -8.50 -3.70 -9.64
N SER B 163 -8.24 -2.69 -10.46
CA SER B 163 -7.43 -1.54 -10.04
C SER B 163 -8.17 -0.66 -9.05
N SER B 164 -9.49 -0.53 -9.22
CA SER B 164 -10.26 0.36 -8.36
C SER B 164 -10.48 -0.24 -6.98
N LEU B 165 -10.68 -1.56 -6.92
CA LEU B 165 -10.88 -2.20 -5.64
C LEU B 165 -9.57 -2.39 -4.89
N MET B 166 -8.46 -2.48 -5.61
CA MET B 166 -7.15 -2.53 -4.99
C MET B 166 -6.84 -1.21 -4.28
N ALA B 167 -7.25 -0.09 -4.87
CA ALA B 167 -7.08 1.20 -4.23
C ALA B 167 -7.91 1.31 -2.96
N LEU B 168 -9.11 0.75 -2.98
CA LEU B 168 -9.96 0.69 -1.79
C LEU B 168 -9.33 -0.17 -0.71
N GLN B 169 -8.68 -1.28 -1.11
CA GLN B 169 -8.03 -2.16 -0.15
C GLN B 169 -6.85 -1.47 0.53
N ASN B 170 -6.05 -0.72 -0.23
CA ASN B 170 -4.92 0.01 0.35
C ASN B 170 -5.37 1.16 1.24
N ALA B 171 -6.43 1.87 0.84
CA ALA B 171 -6.99 2.92 1.68
C ALA B 171 -7.56 2.34 2.97
N TYR B 172 -8.13 1.13 2.92
CA TYR B 172 -8.59 0.43 4.10
C TYR B 172 -7.46 0.16 5.08
N GLN B 173 -6.31 -0.30 4.56
CA GLN B 173 -5.18 -0.62 5.42
C GLN B 173 -4.55 0.63 6.01
N ALA B 174 -4.62 1.75 5.30
CA ALA B 174 -4.11 3.00 5.86
C ALA B 174 -4.96 3.49 7.04
N ILE B 175 -6.29 3.43 6.93
CA ILE B 175 -7.15 3.86 8.03
C ILE B 175 -7.08 2.87 9.19
N HIS B 176 -7.03 1.58 8.87
CA HIS B 176 -7.02 0.53 9.89
C HIS B 176 -5.78 0.60 10.77
N SER B 177 -4.64 0.94 10.19
CA SER B 177 -3.39 1.01 10.94
C SER B 177 -3.24 2.29 11.75
N GLY B 178 -4.14 3.26 11.56
CA GLY B 178 -3.98 4.53 12.22
C GLY B 178 -3.08 5.51 11.51
N GLN B 179 -2.61 5.17 10.31
CA GLN B 179 -1.76 6.07 9.55
C GLN B 179 -2.53 7.29 9.06
N CYS B 180 -3.74 7.09 8.55
CA CYS B 180 -4.52 8.14 7.92
C CYS B 180 -5.85 8.30 8.65
N PRO B 181 -6.38 9.52 8.79
CA PRO B 181 -7.73 9.65 9.35
C PRO B 181 -8.82 9.43 8.32
N ALA B 182 -8.59 9.77 7.06
CA ALA B 182 -9.57 9.63 6.00
C ALA B 182 -8.84 9.28 4.72
N ALA B 183 -9.59 8.95 3.68
CA ALA B 183 -9.00 8.61 2.39
C ALA B 183 -10.01 8.86 1.29
N ILE B 184 -9.49 8.96 0.07
CA ILE B 184 -10.31 9.11 -1.12
C ILE B 184 -9.87 8.05 -2.12
N VAL B 185 -10.83 7.25 -2.59
CA VAL B 185 -10.60 6.19 -3.55
C VAL B 185 -11.29 6.57 -4.85
N GLY B 186 -10.58 6.47 -5.97
CA GLY B 186 -11.14 6.82 -7.25
C GLY B 186 -10.93 5.73 -8.28
N GLY B 187 -11.73 5.80 -9.35
CA GLY B 187 -11.59 4.92 -10.48
C GLY B 187 -12.09 5.56 -11.75
N ILE B 188 -11.30 5.54 -12.82
CA ILE B 188 -11.61 6.29 -14.02
C ILE B 188 -11.33 5.43 -15.25
N ASN B 189 -12.22 5.51 -16.24
CA ASN B 189 -12.01 4.85 -17.53
C ASN B 189 -12.77 5.62 -18.58
N VAL B 190 -12.11 5.94 -19.69
CA VAL B 190 -12.70 6.68 -20.80
C VAL B 190 -12.21 6.04 -22.09
N LEU B 191 -13.14 5.78 -23.02
CA LEU B 191 -12.83 5.17 -24.31
C LEU B 191 -12.61 6.25 -25.36
N LEU B 192 -11.36 6.44 -25.77
CA LEU B 192 -11.06 7.48 -26.77
C LEU B 192 -10.47 6.92 -28.04
N LYS B 193 -9.51 5.99 -27.97
CA LYS B 193 -9.00 5.54 -29.25
C LYS B 193 -9.42 4.10 -29.54
N PRO B 194 -9.75 3.78 -30.79
CA PRO B 194 -10.25 2.44 -31.11
C PRO B 194 -9.18 1.37 -31.22
N ASN B 195 -7.90 1.73 -31.18
CA ASN B 195 -6.83 0.76 -31.30
C ASN B 195 -6.78 -0.18 -30.10
N THR B 196 -7.10 0.34 -28.92
CA THR B 196 -7.18 -0.49 -27.72
C THR B 196 -8.31 -1.52 -27.83
N SER B 197 -9.45 -1.11 -28.40
CA SER B 197 -10.55 -2.04 -28.61
C SER B 197 -10.18 -3.09 -29.65
N VAL B 198 -9.37 -2.72 -30.64
CA VAL B 198 -8.92 -3.70 -31.63
C VAL B 198 -7.96 -4.71 -30.99
N GLN B 199 -7.12 -4.24 -30.06
CA GLN B 199 -6.26 -5.15 -29.29
C GLN B 199 -7.07 -6.13 -28.46
N PHE B 200 -8.11 -5.64 -27.78
CA PHE B 200 -8.96 -6.53 -26.99
C PHE B 200 -9.77 -7.48 -27.86
N LEU B 201 -10.13 -7.04 -29.07
CA LEU B 201 -10.83 -7.91 -30.00
C LEU B 201 -9.93 -9.04 -30.49
N ARG B 202 -8.66 -8.72 -30.79
CA ARG B 202 -7.75 -9.75 -31.27
C ARG B 202 -7.33 -10.69 -30.16
N LEU B 203 -7.38 -10.23 -28.90
CA LEU B 203 -7.12 -11.16 -27.79
C LEU B 203 -8.26 -12.14 -27.57
N GLY B 204 -9.45 -11.86 -28.10
CA GLY B 204 -10.58 -12.73 -27.90
C GLY B 204 -11.42 -12.44 -26.68
N MET B 205 -11.31 -11.24 -26.10
CA MET B 205 -12.02 -10.93 -24.87
C MET B 205 -13.32 -10.17 -25.08
N LEU B 206 -13.57 -9.62 -26.27
CA LEU B 206 -14.74 -8.82 -26.51
C LEU B 206 -15.85 -9.66 -27.12
N SER B 207 -17.07 -9.48 -26.61
CA SER B 207 -18.22 -10.14 -27.19
C SER B 207 -18.56 -9.50 -28.54
N PRO B 208 -18.90 -10.31 -29.55
CA PRO B 208 -19.36 -9.74 -30.82
C PRO B 208 -20.67 -8.99 -30.72
N GLU B 209 -21.53 -9.35 -29.78
CA GLU B 209 -22.81 -8.67 -29.59
C GLU B 209 -22.71 -7.47 -28.66
N GLY B 210 -21.57 -7.26 -28.01
CA GLY B 210 -21.41 -6.15 -27.08
C GLY B 210 -22.26 -6.26 -25.83
N THR B 211 -22.37 -7.46 -25.26
CA THR B 211 -23.23 -7.71 -24.12
C THR B 211 -22.49 -8.58 -23.11
N CYS B 212 -22.61 -8.25 -21.83
CA CYS B 212 -22.11 -9.12 -20.76
C CYS B 212 -23.25 -10.03 -20.32
N LYS B 213 -23.35 -11.19 -20.96
CA LYS B 213 -24.34 -12.20 -20.58
C LYS B 213 -23.81 -12.95 -19.38
N ALA B 214 -23.98 -12.33 -18.21
CA ALA B 214 -23.39 -12.88 -16.99
C ALA B 214 -24.15 -14.12 -16.54
N PHE B 215 -23.39 -15.17 -16.22
CA PHE B 215 -23.88 -16.47 -15.72
C PHE B 215 -24.80 -17.17 -16.72
N ASP B 216 -24.66 -16.85 -18.01
CA ASP B 216 -25.55 -17.31 -19.05
C ASP B 216 -24.84 -18.32 -19.93
N THR B 217 -25.63 -19.17 -20.60
CA THR B 217 -25.06 -20.15 -21.53
C THR B 217 -24.44 -19.49 -22.74
N ALA B 218 -24.98 -18.36 -23.18
CA ALA B 218 -24.55 -17.70 -24.39
C ALA B 218 -23.46 -16.66 -24.18
N GLY B 219 -22.79 -16.69 -23.03
CA GLY B 219 -21.77 -15.69 -22.75
C GLY B 219 -20.51 -15.94 -23.57
N ASN B 220 -20.02 -14.90 -24.24
CA ASN B 220 -18.84 -15.04 -25.08
C ASN B 220 -17.90 -13.85 -24.99
N GLY B 221 -17.95 -13.05 -23.94
CA GLY B 221 -17.07 -11.91 -23.82
C GLY B 221 -17.78 -10.80 -23.08
N TYR B 222 -17.10 -9.66 -23.01
CA TYR B 222 -17.68 -8.51 -22.31
C TYR B 222 -17.78 -7.32 -23.25
N CYS B 223 -18.35 -6.25 -22.73
CA CYS B 223 -18.56 -5.00 -23.45
C CYS B 223 -17.82 -3.88 -22.73
N ARG B 224 -17.06 -3.10 -23.49
CA ARG B 224 -16.25 -2.05 -22.89
C ARG B 224 -17.11 -0.85 -22.51
N SER B 225 -16.79 -0.24 -21.36
CA SER B 225 -17.59 0.85 -20.82
C SER B 225 -16.69 1.91 -20.22
N GLU B 226 -17.33 3.03 -19.86
CA GLU B 226 -16.67 4.17 -19.23
C GLU B 226 -17.21 4.36 -17.82
N GLY B 227 -16.56 5.24 -17.06
CA GLY B 227 -17.03 5.53 -15.72
C GLY B 227 -16.05 6.28 -14.85
N VAL B 228 -16.55 7.20 -14.03
CA VAL B 228 -15.74 8.00 -13.11
C VAL B 228 -16.44 7.94 -11.76
N VAL B 229 -15.86 7.20 -10.80
CA VAL B 229 -16.46 6.97 -9.48
C VAL B 229 -15.46 7.40 -8.42
N ALA B 230 -15.96 8.01 -7.34
CA ALA B 230 -15.16 8.31 -6.15
C ALA B 230 -15.95 8.02 -4.90
N VAL B 231 -15.27 7.48 -3.87
CA VAL B 231 -15.88 7.28 -2.55
C VAL B 231 -14.97 7.90 -1.50
N LEU B 232 -15.57 8.20 -0.35
CA LEU B 232 -14.84 8.77 0.78
C LEU B 232 -14.86 7.78 1.92
N LEU B 233 -13.67 7.43 2.40
CA LEU B 233 -13.49 6.51 3.52
C LEU B 233 -12.99 7.29 4.72
N THR B 234 -13.43 6.90 5.91
CA THR B 234 -13.02 7.60 7.11
C THR B 234 -13.10 6.64 8.30
N LYS B 235 -12.48 7.04 9.39
CA LYS B 235 -12.66 6.35 10.65
C LYS B 235 -14.08 6.63 11.18
N LYS B 236 -14.51 5.81 12.14
CA LYS B 236 -15.90 5.83 12.58
C LYS B 236 -16.27 7.12 13.29
N SER B 237 -15.32 7.72 14.03
CA SER B 237 -15.63 8.89 14.83
C SER B 237 -15.80 10.15 13.98
N LEU B 238 -15.28 10.17 12.75
CA LEU B 238 -15.42 11.34 11.91
C LEU B 238 -16.66 11.30 11.02
N ALA B 239 -17.38 10.19 10.99
CA ALA B 239 -18.41 9.95 9.98
C ALA B 239 -19.72 10.59 10.42
N ARG B 240 -20.25 11.48 9.59
CA ARG B 240 -21.61 11.98 9.76
C ARG B 240 -22.63 11.05 9.12
N ARG B 241 -22.21 10.33 8.08
CA ARG B 241 -23.08 9.44 7.33
C ARG B 241 -22.34 8.13 7.12
N VAL B 242 -23.03 7.01 7.32
CA VAL B 242 -22.44 5.69 7.14
C VAL B 242 -23.29 4.90 6.17
N TYR B 243 -22.71 4.45 5.07
CA TYR B 243 -23.35 3.51 4.18
C TYR B 243 -23.15 2.07 4.64
N ALA B 244 -21.90 1.71 4.96
CA ALA B 244 -21.56 0.37 5.41
C ALA B 244 -20.24 0.43 6.15
N THR B 245 -19.93 -0.64 6.86
CA THR B 245 -18.67 -0.80 7.58
C THR B 245 -17.87 -1.89 6.90
N ILE B 246 -16.61 -1.60 6.54
CA ILE B 246 -15.74 -2.58 5.91
C ILE B 246 -15.23 -3.52 6.99
N LEU B 247 -15.68 -4.77 6.96
CA LEU B 247 -15.23 -5.74 7.95
C LEU B 247 -13.82 -6.24 7.66
N ASN B 248 -13.52 -6.50 6.38
CA ASN B 248 -12.19 -6.99 6.01
C ASN B 248 -11.97 -6.70 4.53
N ALA B 249 -10.69 -6.72 4.13
CA ALA B 249 -10.30 -6.50 2.75
C ALA B 249 -8.91 -7.08 2.53
N GLY B 250 -8.73 -7.76 1.41
CA GLY B 250 -7.46 -8.43 1.16
C GLY B 250 -7.26 -8.70 -0.32
N THR B 251 -6.08 -9.23 -0.63
CA THR B 251 -5.71 -9.48 -2.01
C THR B 251 -4.70 -10.62 -2.09
N ASN B 252 -4.63 -11.25 -3.27
CA ASN B 252 -3.57 -12.19 -3.60
C ASN B 252 -3.39 -12.23 -5.12
N THR B 253 -2.58 -13.15 -5.60
CA THR B 253 -2.32 -13.32 -7.02
C THR B 253 -2.31 -14.81 -7.33
N ASP B 254 -2.66 -15.15 -8.58
CA ASP B 254 -2.79 -16.55 -8.99
C ASP B 254 -1.45 -17.27 -8.99
N GLY B 255 -0.39 -16.59 -9.41
CA GLY B 255 0.90 -17.25 -9.54
C GLY B 255 1.03 -17.94 -10.88
N PHE B 256 1.73 -19.06 -10.89
CA PHE B 256 1.96 -19.80 -12.12
C PHE B 256 0.75 -20.67 -12.45
N LYS B 257 0.34 -20.65 -13.71
CA LYS B 257 -0.75 -21.48 -14.21
C LYS B 257 -0.29 -22.15 -15.48
N GLU B 258 -0.62 -23.43 -15.63
CA GLU B 258 -0.24 -24.17 -16.84
C GLU B 258 -1.01 -23.70 -18.06
N GLN B 259 -2.20 -23.15 -17.87
CA GLN B 259 -3.07 -22.81 -18.98
C GLN B 259 -2.62 -21.53 -19.68
N GLY B 260 -2.04 -20.60 -18.96
CA GLY B 260 -1.60 -19.36 -19.56
C GLY B 260 -1.66 -18.24 -18.55
N VAL B 261 -1.25 -17.03 -18.96
CA VAL B 261 -1.29 -15.87 -18.01
C VAL B 261 -2.74 -15.39 -17.91
N THR B 262 -3.44 -15.28 -19.03
CA THR B 262 -4.83 -14.77 -19.08
C THR B 262 -5.82 -15.64 -18.33
N PHE B 263 -5.70 -16.96 -18.38
CA PHE B 263 -6.77 -17.84 -17.82
C PHE B 263 -7.00 -17.65 -16.33
N PRO B 264 -8.28 -17.57 -15.89
CA PRO B 264 -8.62 -17.46 -14.48
C PRO B 264 -8.42 -18.73 -13.65
N SER B 265 -8.07 -18.61 -12.37
CA SER B 265 -7.96 -19.81 -11.50
C SER B 265 -8.89 -19.67 -10.29
N GLY B 266 -9.94 -20.48 -10.19
CA GLY B 266 -10.87 -20.33 -9.10
C GLY B 266 -10.39 -20.81 -7.76
N ASP B 267 -9.33 -21.60 -7.73
CA ASP B 267 -8.82 -22.14 -6.47
C ASP B 267 -8.19 -21.06 -5.62
N ILE B 268 -7.39 -20.18 -6.22
CA ILE B 268 -6.76 -19.09 -5.49
C ILE B 268 -7.80 -18.08 -5.04
N GLN B 269 -8.83 -17.85 -5.85
CA GLN B 269 -9.93 -16.97 -5.46
C GLN B 269 -10.71 -17.55 -4.28
N GLU B 270 -10.93 -18.86 -4.29
CA GLU B 270 -11.60 -19.52 -3.17
C GLU B 270 -10.76 -19.42 -1.90
N GLN B 271 -9.43 -19.56 -2.02
CA GLN B 271 -8.55 -19.40 -0.88
C GLN B 271 -8.60 -17.98 -0.32
N LEU B 272 -8.67 -16.97 -1.20
CA LEU B 272 -8.74 -15.58 -0.76
C LEU B 272 -10.03 -15.31 0.01
N ILE B 273 -11.16 -15.82 -0.51
CA ILE B 273 -12.45 -15.63 0.14
C ILE B 273 -12.48 -16.30 1.52
N ARG B 274 -11.99 -17.54 1.60
CA ARG B 274 -12.02 -18.27 2.87
C ARG B 274 -11.07 -17.65 3.90
N SER B 275 -9.89 -17.18 3.47
CA SER B 275 -8.95 -16.57 4.40
C SER B 275 -9.49 -15.26 4.95
N LEU B 276 -10.18 -14.50 4.09
CA LEU B 276 -10.74 -13.18 4.50
C LEU B 276 -11.78 -13.38 5.61
N TYR B 277 -12.84 -14.16 5.35
CA TYR B 277 -13.93 -14.28 6.37
C TYR B 277 -13.39 -14.92 7.65
N GLN B 278 -12.43 -15.86 7.53
CA GLN B 278 -11.81 -16.46 8.74
C GLN B 278 -11.14 -15.36 9.55
N SER B 279 -10.17 -14.66 8.96
CA SER B 279 -9.52 -13.57 9.65
C SER B 279 -10.49 -12.50 10.14
N ALA B 280 -11.58 -12.27 9.43
CA ALA B 280 -12.58 -11.32 9.92
C ALA B 280 -13.42 -11.85 11.07
N GLY B 281 -13.55 -13.17 11.19
CA GLY B 281 -14.36 -13.75 12.24
C GLY B 281 -15.84 -13.85 11.97
N VAL B 282 -16.24 -13.81 10.70
CA VAL B 282 -17.65 -13.89 10.33
C VAL B 282 -17.94 -15.28 9.78
N ALA B 283 -19.10 -15.80 10.11
CA ALA B 283 -19.51 -17.09 9.60
C ALA B 283 -19.97 -16.95 8.14
N PRO B 284 -19.78 -18.01 7.33
CA PRO B 284 -20.30 -17.97 5.96
C PRO B 284 -21.82 -18.06 5.87
N GLU B 285 -22.51 -18.39 6.96
CA GLU B 285 -23.97 -18.43 6.94
C GLU B 285 -24.55 -17.04 6.97
N SER B 286 -23.79 -16.05 7.44
CA SER B 286 -24.29 -14.70 7.63
C SER B 286 -24.33 -13.87 6.36
N PHE B 287 -23.83 -14.40 5.26
CA PHE B 287 -23.91 -13.70 3.99
C PHE B 287 -25.28 -13.86 3.36
N GLU B 288 -25.72 -12.82 2.65
CA GLU B 288 -26.93 -12.93 1.85
C GLU B 288 -26.75 -12.54 0.40
N TYR B 289 -25.69 -11.83 0.04
CA TYR B 289 -25.51 -11.41 -1.33
C TYR B 289 -24.02 -11.34 -1.62
N ILE B 290 -23.64 -11.71 -2.83
CA ILE B 290 -22.26 -11.52 -3.28
C ILE B 290 -22.29 -10.96 -4.69
N GLU B 291 -21.64 -9.81 -4.87
CA GLU B 291 -21.48 -9.23 -6.20
C GLU B 291 -20.27 -9.89 -6.83
N ALA B 292 -20.53 -10.75 -7.81
CA ALA B 292 -19.46 -11.47 -8.49
C ALA B 292 -18.74 -10.54 -9.47
N HIS B 293 -17.59 -11.00 -9.98
CA HIS B 293 -16.93 -10.29 -11.06
C HIS B 293 -17.82 -10.29 -12.30
N GLY B 294 -18.27 -11.47 -12.72
CA GLY B 294 -19.38 -11.61 -13.65
C GLY B 294 -19.20 -11.01 -15.03
N THR B 295 -18.04 -11.20 -15.63
CA THR B 295 -17.75 -10.54 -16.89
C THR B 295 -18.42 -11.20 -18.08
N GLY B 296 -18.94 -12.41 -17.93
CA GLY B 296 -19.66 -13.06 -19.00
C GLY B 296 -18.82 -13.88 -19.95
N THR B 297 -17.59 -14.23 -19.60
CA THR B 297 -16.76 -15.01 -20.48
C THR B 297 -17.09 -16.50 -20.37
N LYS B 298 -16.55 -17.28 -21.31
CA LYS B 298 -16.91 -18.68 -21.40
C LYS B 298 -16.21 -19.51 -20.32
N VAL B 299 -14.96 -19.20 -19.99
CA VAL B 299 -14.20 -19.97 -19.02
C VAL B 299 -14.04 -19.26 -17.69
N GLY B 300 -14.38 -17.98 -17.59
CA GLY B 300 -14.20 -17.28 -16.34
C GLY B 300 -15.35 -17.46 -15.37
N ASP B 301 -16.57 -17.46 -15.92
CA ASP B 301 -17.77 -17.58 -15.08
C ASP B 301 -17.87 -18.92 -14.35
N PRO B 302 -17.66 -20.10 -14.98
CA PRO B 302 -17.67 -21.33 -14.17
C PRO B 302 -16.57 -21.42 -13.13
N GLN B 303 -15.38 -20.89 -13.43
CA GLN B 303 -14.29 -20.91 -12.44
C GLN B 303 -14.61 -20.05 -11.23
N GLU B 304 -15.10 -18.82 -11.47
CA GLU B 304 -15.45 -17.94 -10.36
C GLU B 304 -16.62 -18.47 -9.56
N LEU B 305 -17.67 -18.97 -10.22
CA LEU B 305 -18.84 -19.39 -9.49
C LEU B 305 -18.62 -20.72 -8.77
N ASN B 306 -17.78 -21.59 -9.31
CA ASN B 306 -17.45 -22.82 -8.60
C ASN B 306 -16.53 -22.54 -7.41
N GLY B 307 -15.65 -21.56 -7.53
CA GLY B 307 -14.87 -21.13 -6.37
C GLY B 307 -15.74 -20.53 -5.28
N ILE B 308 -16.75 -19.75 -5.67
CA ILE B 308 -17.68 -19.17 -4.70
C ILE B 308 -18.49 -20.27 -4.02
N THR B 309 -18.99 -21.25 -4.78
CA THR B 309 -19.78 -22.29 -4.16
C THR B 309 -18.93 -23.30 -3.37
N ARG B 310 -17.61 -23.33 -3.57
CA ARG B 310 -16.79 -24.15 -2.68
C ARG B 310 -16.44 -23.40 -1.41
N ALA B 311 -16.17 -22.10 -1.51
CA ALA B 311 -15.79 -21.34 -0.33
C ALA B 311 -16.98 -21.01 0.57
N LEU B 312 -18.17 -20.91 0.00
CA LEU B 312 -19.30 -20.33 0.70
C LEU B 312 -20.49 -21.27 0.88
N CYS B 313 -20.83 -22.06 -0.12
CA CYS B 313 -22.09 -22.82 -0.11
C CYS B 313 -21.88 -24.25 0.34
N ALA B 314 -20.97 -24.49 1.27
CA ALA B 314 -20.70 -25.85 1.71
C ALA B 314 -21.78 -26.35 2.68
N THR B 315 -21.88 -25.70 3.83
CA THR B 315 -22.92 -25.99 4.82
C THR B 315 -23.67 -24.68 5.06
N ARG B 316 -24.70 -24.42 4.26
CA ARG B 316 -25.31 -23.11 4.30
C ARG B 316 -26.81 -23.18 4.60
N GLN B 317 -27.49 -24.15 3.98
CA GLN B 317 -28.93 -24.45 4.08
C GLN B 317 -29.84 -23.33 3.57
N GLU B 318 -29.31 -22.33 2.87
CA GLU B 318 -30.07 -21.22 2.31
C GLU B 318 -29.51 -20.89 0.94
N PRO B 319 -30.33 -20.40 0.02
CA PRO B 319 -29.78 -19.89 -1.24
C PRO B 319 -28.99 -18.62 -1.01
N LEU B 320 -27.92 -18.45 -1.79
CA LEU B 320 -27.08 -17.27 -1.74
C LEU B 320 -27.34 -16.45 -3.00
N LEU B 321 -27.72 -15.20 -2.82
CA LEU B 321 -28.02 -14.34 -3.96
C LEU B 321 -26.74 -13.88 -4.63
N ILE B 322 -26.74 -13.83 -5.96
CA ILE B 322 -25.58 -13.44 -6.73
C ILE B 322 -26.04 -12.50 -7.84
N GLY B 323 -25.20 -11.53 -8.17
CA GLY B 323 -25.54 -10.58 -9.22
C GLY B 323 -24.29 -10.00 -9.83
N SER B 324 -24.49 -9.20 -10.87
CA SER B 324 -23.39 -8.56 -11.58
C SER B 324 -23.90 -7.31 -12.27
N THR B 325 -23.29 -6.17 -11.95
CA THR B 325 -23.67 -4.90 -12.54
C THR B 325 -23.15 -4.72 -13.96
N LYS B 326 -22.25 -5.58 -14.42
CA LYS B 326 -21.75 -5.49 -15.78
C LYS B 326 -22.80 -5.92 -16.80
N SER B 327 -23.77 -6.73 -16.38
CA SER B 327 -24.88 -7.05 -17.26
C SER B 327 -25.79 -5.86 -17.50
N ASN B 328 -25.89 -4.94 -16.54
CA ASN B 328 -26.67 -3.72 -16.72
C ASN B 328 -25.87 -2.65 -17.45
N MET B 329 -24.57 -2.57 -17.17
CA MET B 329 -23.77 -1.41 -17.53
C MET B 329 -22.69 -1.67 -18.56
N GLY B 330 -22.19 -2.89 -18.67
CA GLY B 330 -20.96 -3.11 -19.37
C GLY B 330 -19.81 -3.12 -18.38
N HIS B 331 -18.60 -3.29 -18.91
CA HIS B 331 -17.43 -3.50 -18.06
C HIS B 331 -16.41 -2.38 -18.25
N PRO B 332 -16.37 -1.42 -17.33
CA PRO B 332 -15.23 -0.50 -17.29
C PRO B 332 -14.07 -1.25 -16.65
N GLU B 333 -12.91 -1.23 -17.31
CA GLU B 333 -11.86 -2.14 -16.82
C GLU B 333 -11.26 -1.68 -15.49
N PRO B 334 -10.58 -0.55 -15.35
CA PRO B 334 -10.01 -0.25 -14.03
C PRO B 334 -10.97 0.40 -13.04
N ALA B 335 -12.26 0.45 -13.34
CA ALA B 335 -13.21 1.15 -12.48
C ALA B 335 -14.39 0.24 -12.19
N SER B 336 -14.22 -1.07 -12.37
CA SER B 336 -15.29 -2.03 -12.19
C SER B 336 -15.63 -2.28 -10.74
N GLY B 337 -14.68 -2.15 -9.83
CA GLY B 337 -14.95 -2.40 -8.42
C GLY B 337 -15.80 -1.34 -7.78
N LEU B 338 -15.51 -0.06 -8.06
CA LEU B 338 -16.25 1.01 -7.40
C LEU B 338 -17.64 1.18 -8.01
N ALA B 339 -17.80 0.81 -9.28
CA ALA B 339 -19.13 0.83 -9.90
C ALA B 339 -20.04 -0.23 -9.28
N ALA B 340 -19.49 -1.43 -9.06
CA ALA B 340 -20.24 -2.49 -8.39
C ALA B 340 -20.54 -2.13 -6.94
N LEU B 341 -19.59 -1.47 -6.28
CA LEU B 341 -19.81 -1.01 -4.91
C LEU B 341 -20.90 0.06 -4.86
N ALA B 342 -20.94 0.94 -5.86
CA ALA B 342 -22.00 1.94 -5.94
C ALA B 342 -23.36 1.30 -6.14
N LYS B 343 -23.44 0.27 -6.99
CA LYS B 343 -24.72 -0.43 -7.17
C LYS B 343 -25.16 -1.12 -5.89
N VAL B 344 -24.22 -1.74 -5.18
CA VAL B 344 -24.54 -2.43 -3.93
C VAL B 344 -25.01 -1.46 -2.86
N LEU B 345 -24.35 -0.31 -2.73
CA LEU B 345 -24.72 0.65 -1.70
C LEU B 345 -26.05 1.34 -2.03
N LEU B 346 -26.33 1.59 -3.32
CA LEU B 346 -27.62 2.12 -3.69
C LEU B 346 -28.74 1.12 -3.43
N SER B 347 -28.48 -0.17 -3.69
CA SER B 347 -29.45 -1.21 -3.40
C SER B 347 -29.72 -1.33 -1.91
N LEU B 348 -28.69 -1.17 -1.09
CA LEU B 348 -28.89 -1.21 0.35
C LEU B 348 -29.64 0.02 0.85
N GLU B 349 -29.40 1.18 0.24
CA GLU B 349 -30.07 2.39 0.68
C GLU B 349 -31.54 2.39 0.31
N HIS B 350 -31.91 1.80 -0.84
CA HIS B 350 -33.30 1.81 -1.25
C HIS B 350 -34.06 0.56 -0.85
N GLY B 351 -33.41 -0.42 -0.25
CA GLY B 351 -34.10 -1.59 0.26
C GLY B 351 -34.40 -2.69 -0.75
N LEU B 352 -33.98 -2.53 -1.99
CA LEU B 352 -34.30 -3.48 -3.06
C LEU B 352 -33.03 -3.85 -3.81
N TRP B 353 -32.87 -5.13 -4.12
CA TRP B 353 -31.73 -5.57 -4.92
C TRP B 353 -32.03 -5.33 -6.40
N ALA B 354 -31.12 -4.65 -7.08
CA ALA B 354 -31.33 -4.35 -8.50
C ALA B 354 -31.11 -5.60 -9.33
N PRO B 355 -31.97 -5.88 -10.31
CA PRO B 355 -31.89 -7.15 -11.03
C PRO B 355 -30.78 -7.16 -12.07
N ASN B 356 -30.48 -8.37 -12.53
CA ASN B 356 -29.58 -8.58 -13.64
C ASN B 356 -30.33 -8.52 -14.96
N LEU B 357 -29.61 -8.22 -16.03
CA LEU B 357 -30.15 -8.27 -17.37
C LEU B 357 -29.52 -9.43 -18.13
N HIS B 358 -30.20 -9.84 -19.20
CA HIS B 358 -29.70 -10.82 -20.17
C HIS B 358 -29.40 -12.18 -19.55
N PHE B 359 -30.20 -12.59 -18.58
CA PHE B 359 -30.06 -13.90 -17.96
C PHE B 359 -31.30 -14.72 -18.30
N HIS B 360 -31.13 -15.76 -19.10
CA HIS B 360 -32.25 -16.59 -19.52
C HIS B 360 -32.11 -18.04 -19.09
N SER B 361 -30.96 -18.68 -19.36
CA SER B 361 -30.75 -20.05 -18.96
C SER B 361 -29.39 -20.18 -18.28
N PRO B 362 -29.28 -21.03 -17.26
CA PRO B 362 -28.02 -21.15 -16.53
C PRO B 362 -26.93 -21.84 -17.36
N ASN B 363 -25.70 -21.53 -17.01
CA ASN B 363 -24.56 -22.22 -17.59
C ASN B 363 -24.51 -23.66 -17.07
N PRO B 364 -24.48 -24.66 -17.96
CA PRO B 364 -24.51 -26.06 -17.50
C PRO B 364 -23.24 -26.50 -16.77
N GLU B 365 -22.13 -25.78 -16.90
CA GLU B 365 -20.92 -26.13 -16.20
C GLU B 365 -20.87 -25.64 -14.76
N ILE B 366 -21.91 -24.92 -14.31
CA ILE B 366 -21.98 -24.47 -12.93
C ILE B 366 -23.11 -25.23 -12.26
N PRO B 367 -22.82 -26.31 -11.52
CA PRO B 367 -23.90 -27.12 -10.95
C PRO B 367 -24.61 -26.47 -9.77
N ALA B 368 -24.04 -25.42 -9.18
CA ALA B 368 -24.71 -24.73 -8.08
C ALA B 368 -25.88 -23.87 -8.57
N LEU B 369 -25.88 -23.50 -9.84
CA LEU B 369 -26.98 -22.74 -10.41
C LEU B 369 -28.18 -23.61 -10.78
N LEU B 370 -28.02 -24.93 -10.78
CA LEU B 370 -29.07 -25.83 -11.22
C LEU B 370 -29.81 -26.49 -10.07
N ASP B 371 -29.30 -26.41 -8.85
CA ASP B 371 -29.97 -27.02 -7.70
C ASP B 371 -30.40 -26.01 -6.64
N GLY B 372 -30.15 -24.72 -6.84
CA GLY B 372 -30.67 -23.70 -5.98
C GLY B 372 -29.73 -23.19 -4.91
N ARG B 373 -28.49 -23.65 -4.88
CA ARG B 373 -27.55 -23.13 -3.89
C ARG B 373 -27.10 -21.72 -4.22
N LEU B 374 -27.11 -21.36 -5.49
CA LEU B 374 -26.87 -20.00 -5.92
C LEU B 374 -28.09 -19.51 -6.69
N GLN B 375 -28.52 -18.30 -6.41
CA GLN B 375 -29.72 -17.74 -7.02
C GLN B 375 -29.38 -16.40 -7.64
N VAL B 376 -29.66 -16.26 -8.93
CA VAL B 376 -29.40 -15.02 -9.65
C VAL B 376 -30.57 -14.08 -9.45
N VAL B 377 -30.27 -12.83 -9.09
CA VAL B 377 -31.29 -11.80 -8.92
C VAL B 377 -31.69 -11.31 -10.30
N ASP B 378 -32.83 -11.79 -10.80
CA ASP B 378 -33.36 -11.33 -12.07
C ASP B 378 -34.65 -10.53 -11.92
N GLN B 379 -35.19 -10.43 -10.72
CA GLN B 379 -36.35 -9.61 -10.38
C GLN B 379 -35.99 -8.76 -9.17
N PRO B 380 -36.63 -7.60 -8.98
CA PRO B 380 -36.37 -6.83 -7.78
C PRO B 380 -36.92 -7.51 -6.54
N LEU B 381 -36.05 -7.92 -5.63
CA LEU B 381 -36.49 -8.57 -4.41
C LEU B 381 -35.91 -7.84 -3.20
N PRO B 382 -36.64 -7.81 -2.07
CA PRO B 382 -36.24 -6.94 -0.96
C PRO B 382 -35.01 -7.45 -0.22
N VAL B 383 -34.34 -6.50 0.43
CA VAL B 383 -33.17 -6.79 1.25
C VAL B 383 -33.65 -7.31 2.60
N ARG B 384 -33.16 -8.48 2.98
CA ARG B 384 -33.56 -9.13 4.22
C ARG B 384 -32.59 -8.86 5.36
N GLY B 385 -31.29 -9.13 5.17
CA GLY B 385 -30.31 -8.88 6.21
C GLY B 385 -29.09 -9.76 6.09
N GLY B 386 -27.92 -9.23 6.46
CA GLY B 386 -26.68 -10.03 6.42
C GLY B 386 -25.54 -9.28 5.73
N ASN B 387 -24.48 -9.98 5.35
CA ASN B 387 -23.29 -9.29 4.79
C ASN B 387 -23.26 -9.41 3.26
N VAL B 388 -22.49 -8.53 2.60
CA VAL B 388 -22.38 -8.55 1.12
C VAL B 388 -20.91 -8.65 0.73
N GLY B 389 -20.57 -9.58 -0.17
CA GLY B 389 -19.18 -9.73 -0.63
C GLY B 389 -18.98 -9.14 -2.01
N ILE B 390 -17.88 -8.42 -2.22
CA ILE B 390 -17.60 -7.80 -3.56
C ILE B 390 -16.20 -8.24 -4.00
N ASN B 391 -16.09 -8.93 -5.14
CA ASN B 391 -14.79 -9.32 -5.64
C ASN B 391 -14.61 -8.84 -7.07
N SER B 392 -13.38 -8.46 -7.40
CA SER B 392 -13.01 -8.08 -8.75
C SER B 392 -11.63 -8.67 -9.06
N PHE B 393 -11.53 -9.34 -10.21
CA PHE B 393 -10.33 -10.08 -10.58
C PHE B 393 -9.77 -9.50 -11.86
N GLY B 394 -8.50 -9.12 -11.84
CA GLY B 394 -7.86 -8.64 -13.05
C GLY B 394 -7.44 -9.78 -13.95
N PHE B 395 -7.24 -9.48 -15.24
CA PHE B 395 -6.85 -10.53 -16.16
C PHE B 395 -5.37 -10.85 -16.09
N GLY B 396 -4.58 -10.05 -15.37
CA GLY B 396 -3.20 -10.43 -15.10
C GLY B 396 -3.10 -11.45 -13.99
N GLY B 397 -4.14 -11.54 -13.15
CA GLY B 397 -4.15 -12.54 -12.10
C GLY B 397 -4.30 -11.98 -10.70
N SER B 398 -4.56 -10.67 -10.61
CA SER B 398 -4.71 -10.02 -9.28
C SER B 398 -6.14 -10.24 -8.77
N ASN B 399 -6.28 -10.75 -7.54
CA ASN B 399 -7.62 -11.05 -6.97
C ASN B 399 -7.84 -10.19 -5.71
N VAL B 400 -8.97 -9.50 -5.63
CA VAL B 400 -9.29 -8.64 -4.45
C VAL B 400 -10.71 -8.96 -3.98
N HIS B 401 -10.92 -8.98 -2.65
CA HIS B 401 -12.23 -9.29 -2.11
C HIS B 401 -12.52 -8.38 -0.92
N ILE B 402 -13.76 -7.92 -0.81
CA ILE B 402 -14.20 -7.03 0.26
C ILE B 402 -15.37 -7.69 0.99
N ILE B 403 -15.39 -7.58 2.31
CA ILE B 403 -16.55 -7.93 3.12
C ILE B 403 -17.05 -6.66 3.80
N LEU B 404 -18.32 -6.33 3.60
CA LEU B 404 -18.85 -5.13 4.22
C LEU B 404 -20.20 -5.41 4.85
N ARG B 405 -20.45 -4.78 6.00
CA ARG B 405 -21.66 -4.96 6.77
C ARG B 405 -22.51 -3.71 6.69
N PRO B 406 -23.74 -3.81 6.19
CA PRO B 406 -24.58 -2.62 6.04
C PRO B 406 -25.07 -2.12 7.38
N ASN B 407 -25.30 -0.81 7.46
CA ASN B 407 -25.81 -0.21 8.68
C ASN B 407 -27.33 -0.21 8.62
N THR B 408 -27.95 -0.48 9.75
CA THR B 408 -29.39 -0.69 9.85
C THR B 408 -29.92 0.23 10.94
N GLN B 409 -29.50 1.49 10.90
CA GLN B 409 -29.98 2.43 11.89
C GLN B 409 -31.42 2.84 11.58
N PRO B 410 -32.34 2.63 12.51
CA PRO B 410 -33.74 2.99 12.27
C PRO B 410 -33.93 4.49 12.36
N PRO B 411 -35.02 5.02 11.80
CA PRO B 411 -35.34 6.43 12.01
C PRO B 411 -35.66 6.71 13.46
N PRO B 412 -35.35 7.91 13.96
CA PRO B 412 -35.45 8.16 15.40
C PRO B 412 -36.88 8.28 15.88
N ALA B 413 -37.04 8.14 17.20
CA ALA B 413 -38.34 8.32 17.82
C ALA B 413 -38.76 9.78 17.76
N PRO B 414 -40.06 10.05 17.62
CA PRO B 414 -40.52 11.43 17.60
C PRO B 414 -40.31 12.14 18.93
N ALA B 415 -40.01 13.43 18.83
CA ALA B 415 -39.70 14.28 19.96
C ALA B 415 -40.46 15.59 19.83
N PRO B 416 -40.76 16.27 20.95
CA PRO B 416 -41.51 17.54 20.86
C PRO B 416 -40.77 18.66 20.16
N HIS B 417 -39.43 18.61 20.08
CA HIS B 417 -38.70 19.64 19.36
C HIS B 417 -38.70 19.43 17.85
N ALA B 418 -39.21 18.30 17.37
CA ALA B 418 -39.26 18.04 15.94
C ALA B 418 -40.39 18.79 15.24
N THR B 419 -41.36 19.32 15.99
CA THR B 419 -42.44 20.11 15.43
C THR B 419 -42.09 21.58 15.26
N LEU B 420 -40.98 22.03 15.83
CA LEU B 420 -40.57 23.41 15.69
C LEU B 420 -40.04 23.66 14.28
N PRO B 421 -40.22 24.87 13.75
CA PRO B 421 -39.64 25.19 12.45
C PRO B 421 -38.12 25.26 12.50
N ARG B 422 -37.50 24.90 11.38
CA ARG B 422 -36.04 24.90 11.25
C ARG B 422 -35.63 25.86 10.15
N LEU B 423 -34.33 26.15 10.12
CA LEU B 423 -33.70 26.96 9.09
C LEU B 423 -32.88 26.06 8.16
N LEU B 424 -32.84 26.44 6.88
CA LEU B 424 -32.02 25.74 5.92
C LEU B 424 -31.30 26.80 5.08
N ARG B 425 -29.98 26.77 5.09
CA ARG B 425 -29.17 27.67 4.28
C ARG B 425 -28.47 26.87 3.17
N ALA B 426 -28.19 27.55 2.06
CA ALA B 426 -27.58 26.90 0.91
C ALA B 426 -26.62 27.85 0.22
N SER B 427 -25.72 27.28 -0.58
CA SER B 427 -24.76 28.03 -1.37
C SER B 427 -24.53 27.30 -2.67
N GLY B 428 -24.08 28.04 -3.70
CA GLY B 428 -23.85 27.41 -4.98
C GLY B 428 -23.19 28.36 -5.95
N ARG B 429 -22.76 27.79 -7.08
CA ARG B 429 -22.10 28.59 -8.11
C ARG B 429 -23.11 29.39 -8.92
N THR B 430 -24.34 28.91 -9.03
CA THR B 430 -25.38 29.50 -9.86
C THR B 430 -26.63 29.63 -9.00
N PRO B 431 -27.59 30.49 -9.40
CA PRO B 431 -28.89 30.49 -8.72
C PRO B 431 -29.65 29.17 -8.82
N GLU B 432 -29.44 28.40 -9.88
CA GLU B 432 -30.14 27.14 -10.05
C GLU B 432 -29.69 26.10 -9.04
N ALA B 433 -28.41 26.14 -8.65
CA ALA B 433 -27.90 25.22 -7.64
C ALA B 433 -28.52 25.48 -6.27
N VAL B 434 -28.63 26.76 -5.91
CA VAL B 434 -29.27 27.14 -4.65
C VAL B 434 -30.75 26.79 -4.67
N GLN B 435 -31.41 27.00 -5.82
CA GLN B 435 -32.81 26.62 -5.96
C GLN B 435 -33.01 25.12 -5.83
N LYS B 436 -32.10 24.33 -6.40
CA LYS B 436 -32.18 22.87 -6.31
C LYS B 436 -32.03 22.39 -4.88
N LEU B 437 -31.06 22.95 -4.15
CA LEU B 437 -30.86 22.57 -2.76
C LEU B 437 -32.05 22.97 -1.89
N LEU B 438 -32.60 24.17 -2.11
CA LEU B 438 -33.71 24.63 -1.28
C LEU B 438 -34.99 23.87 -1.56
N GLU B 439 -35.25 23.51 -2.83
CA GLU B 439 -36.46 22.76 -3.13
C GLU B 439 -36.35 21.31 -2.67
N GLN B 440 -35.13 20.75 -2.66
CA GLN B 440 -34.98 19.40 -2.14
C GLN B 440 -35.07 19.39 -0.62
N GLY B 441 -34.63 20.45 0.04
CA GLY B 441 -34.86 20.59 1.46
C GLY B 441 -36.33 20.77 1.81
N LEU B 442 -37.07 21.49 0.96
CA LEU B 442 -38.51 21.62 1.16
C LEU B 442 -39.24 20.29 0.97
N ARG B 443 -38.77 19.45 0.05
CA ARG B 443 -39.39 18.16 -0.17
C ARG B 443 -39.22 17.21 1.01
N HIS B 444 -38.16 17.39 1.80
CA HIS B 444 -37.86 16.48 2.91
C HIS B 444 -37.79 17.22 4.23
N SER B 445 -38.81 18.04 4.51
CA SER B 445 -38.78 18.98 5.63
C SER B 445 -38.77 18.31 7.00
N GLN B 446 -39.16 17.05 7.09
CA GLN B 446 -39.23 16.37 8.38
C GLN B 446 -37.99 15.53 8.67
N ASP B 447 -37.02 15.50 7.77
CA ASP B 447 -35.82 14.70 7.95
C ASP B 447 -34.74 15.56 8.61
N LEU B 448 -34.50 15.32 9.89
CA LEU B 448 -33.62 16.19 10.67
C LEU B 448 -32.14 16.01 10.32
N ALA B 449 -31.69 14.77 10.12
CA ALA B 449 -30.29 14.52 9.78
C ALA B 449 -29.94 15.07 8.41
N PHE B 450 -30.87 14.96 7.44
CA PHE B 450 -30.65 15.51 6.11
C PHE B 450 -30.46 17.02 6.16
N LEU B 451 -31.30 17.72 6.93
CA LEU B 451 -31.18 19.15 7.08
C LEU B 451 -29.92 19.53 7.83
N SER B 452 -29.48 18.71 8.79
CA SER B 452 -28.26 19.01 9.51
C SER B 452 -27.03 18.91 8.61
N MET B 453 -26.93 17.88 7.77
CA MET B 453 -25.79 17.82 6.87
C MET B 453 -25.86 18.88 5.78
N LEU B 454 -27.06 19.24 5.34
CA LEU B 454 -27.19 20.34 4.38
C LEU B 454 -26.77 21.67 4.98
N ASN B 455 -27.08 21.91 6.26
CA ASN B 455 -26.59 23.10 6.93
C ASN B 455 -25.09 23.05 7.16
N ASP B 456 -24.53 21.85 7.34
CA ASP B 456 -23.10 21.74 7.56
C ASP B 456 -22.29 22.04 6.31
N ILE B 457 -22.80 21.69 5.14
CA ILE B 457 -21.99 21.86 3.93
C ILE B 457 -22.10 23.25 3.32
N ALA B 458 -22.84 24.15 3.96
CA ALA B 458 -23.15 25.44 3.35
C ALA B 458 -22.17 26.55 3.71
N ALA B 459 -21.15 26.28 4.53
CA ALA B 459 -20.23 27.32 4.98
C ALA B 459 -19.06 27.44 4.00
N VAL B 460 -19.34 28.03 2.85
CA VAL B 460 -18.33 28.27 1.81
C VAL B 460 -18.16 29.77 1.67
N PRO B 461 -16.93 30.27 1.45
CA PRO B 461 -16.74 31.70 1.23
C PRO B 461 -17.40 32.20 -0.05
N ALA B 462 -17.75 33.48 -0.05
CA ALA B 462 -18.47 34.08 -1.15
C ALA B 462 -17.63 34.20 -2.42
N THR B 463 -16.31 34.14 -2.31
CA THR B 463 -15.48 34.14 -3.51
C THR B 463 -15.56 32.81 -4.23
N ALA B 464 -15.79 31.72 -3.50
CA ALA B 464 -15.91 30.41 -4.14
C ALA B 464 -17.30 30.19 -4.71
N MET B 465 -18.34 30.33 -3.88
CA MET B 465 -19.71 30.23 -4.36
C MET B 465 -20.45 31.53 -4.13
N PRO B 466 -20.73 32.30 -5.18
CA PRO B 466 -21.24 33.66 -5.02
C PRO B 466 -22.76 33.79 -4.85
N PHE B 467 -23.50 32.70 -4.77
CA PHE B 467 -24.95 32.75 -4.63
C PHE B 467 -25.33 31.97 -3.38
N ARG B 468 -26.01 32.63 -2.45
CA ARG B 468 -26.49 32.00 -1.24
C ARG B 468 -27.99 32.14 -1.14
N GLY B 469 -28.61 31.27 -0.35
CA GLY B 469 -30.04 31.29 -0.19
C GLY B 469 -30.48 30.68 1.12
N TYR B 470 -31.74 30.91 1.47
CA TYR B 470 -32.29 30.34 2.68
C TYR B 470 -33.78 30.08 2.51
N ALA B 471 -34.30 29.20 3.36
CA ALA B 471 -35.72 28.90 3.43
C ALA B 471 -36.04 28.41 4.82
N VAL B 472 -37.17 28.88 5.36
CA VAL B 472 -37.63 28.46 6.67
C VAL B 472 -38.64 27.34 6.48
N LEU B 473 -38.32 26.16 7.01
CA LEU B 473 -39.13 24.97 6.83
C LEU B 473 -39.93 24.67 8.08
N GLY B 474 -41.12 24.11 7.89
CA GLY B 474 -42.00 23.83 9.00
C GLY B 474 -42.85 24.99 9.45
N GLY B 475 -42.70 26.16 8.83
CA GLY B 475 -43.55 27.30 9.11
C GLY B 475 -44.77 27.30 8.22
N GLU B 476 -45.50 28.41 8.27
CA GLU B 476 -46.69 28.50 7.42
C GLU B 476 -46.48 29.41 6.22
N ARG B 477 -45.53 30.34 6.29
CA ARG B 477 -45.30 31.22 5.15
C ARG B 477 -44.43 30.55 4.10
N GLY B 478 -43.18 30.25 4.46
CA GLY B 478 -42.26 29.64 3.52
C GLY B 478 -41.77 30.59 2.46
N GLY B 479 -41.06 30.07 1.46
CA GLY B 479 -40.58 30.86 0.36
C GLY B 479 -39.07 30.97 0.35
N PRO B 480 -38.44 30.37 -0.65
CA PRO B 480 -36.98 30.51 -0.80
C PRO B 480 -36.60 31.92 -1.22
N GLU B 481 -35.47 32.39 -0.70
CA GLU B 481 -34.94 33.71 -1.02
C GLU B 481 -33.50 33.54 -1.49
N VAL B 482 -33.23 33.88 -2.75
CA VAL B 482 -31.92 33.69 -3.37
C VAL B 482 -31.39 35.03 -3.84
N GLN B 483 -30.15 35.35 -3.49
CA GLN B 483 -29.53 36.58 -3.95
C GLN B 483 -28.02 36.38 -4.05
N GLN B 484 -27.37 37.27 -4.77
CA GLN B 484 -25.92 37.23 -4.94
C GLN B 484 -25.25 38.00 -3.83
N VAL B 485 -24.29 37.37 -3.17
CA VAL B 485 -23.61 38.00 -2.03
C VAL B 485 -22.39 38.76 -2.54
N PRO B 486 -22.19 40.01 -2.15
CA PRO B 486 -20.95 40.71 -2.49
C PRO B 486 -19.76 40.13 -1.74
N ALA B 487 -18.63 40.09 -2.43
CA ALA B 487 -17.43 39.51 -1.85
C ALA B 487 -16.80 40.46 -0.83
N GLY B 488 -16.02 39.89 0.07
CA GLY B 488 -15.34 40.65 1.10
C GLY B 488 -15.92 40.39 2.47
N GLU B 489 -15.32 41.04 3.46
CA GLU B 489 -15.74 40.93 4.84
C GLU B 489 -16.62 42.13 5.16
N ARG B 490 -17.70 41.90 5.92
CA ARG B 490 -18.59 42.96 6.36
C ARG B 490 -18.64 42.94 7.88
N PRO B 491 -18.44 44.06 8.56
CA PRO B 491 -18.48 44.06 10.03
C PRO B 491 -19.90 43.88 10.55
N LEU B 492 -19.99 43.21 11.70
CA LEU B 492 -21.26 42.92 12.35
C LEU B 492 -21.41 43.81 13.57
N TRP B 493 -22.53 44.51 13.66
CA TRP B 493 -22.76 45.49 14.72
C TRP B 493 -24.02 45.15 15.48
N PHE B 494 -23.99 45.35 16.79
CA PHE B 494 -25.10 45.03 17.68
C PHE B 494 -25.68 46.34 18.20
N ILE B 495 -26.98 46.53 18.00
CA ILE B 495 -27.70 47.67 18.55
C ILE B 495 -28.90 47.15 19.33
N CYS B 496 -28.96 47.48 20.60
CA CYS B 496 -30.06 47.07 21.45
C CYS B 496 -30.77 48.30 22.00
N SER B 497 -32.08 48.35 21.82
CA SER B 497 -32.87 49.53 22.10
C SER B 497 -33.21 49.62 23.58
N GLY B 498 -33.92 50.67 23.94
CA GLY B 498 -34.25 50.93 25.32
C GLY B 498 -35.67 50.53 25.70
N MET B 499 -36.36 51.41 26.40
CA MET B 499 -37.68 51.12 26.91
C MET B 499 -38.75 51.53 25.89
N GLY B 500 -40.00 51.27 26.20
CA GLY B 500 -41.09 51.57 25.30
C GLY B 500 -41.34 50.53 24.23
N THR B 501 -40.71 49.37 24.31
CA THR B 501 -40.86 48.33 23.30
C THR B 501 -41.46 47.05 23.84
N GLN B 502 -42.05 47.08 25.04
CA GLN B 502 -42.66 45.90 25.62
C GLN B 502 -44.08 45.73 25.12
N TRP B 503 -44.59 44.50 25.23
CA TRP B 503 -45.95 44.19 24.81
C TRP B 503 -46.42 42.96 25.58
N ARG B 504 -47.59 42.46 25.19
CA ARG B 504 -48.20 41.34 25.90
C ARG B 504 -47.71 40.02 25.31
N GLY B 505 -46.83 39.32 26.05
CA GLY B 505 -46.24 38.07 25.53
C GLY B 505 -44.87 38.34 24.94
N MET B 506 -43.88 38.67 25.79
CA MET B 506 -42.54 39.03 25.28
C MET B 506 -41.66 37.78 25.11
N GLY B 507 -41.47 37.30 23.87
CA GLY B 507 -40.54 36.17 23.63
C GLY B 507 -41.12 34.78 23.89
N LEU B 508 -42.42 34.70 24.15
CA LEU B 508 -43.07 33.38 24.42
C LEU B 508 -42.81 32.40 23.27
N SER B 509 -43.06 32.82 22.02
CA SER B 509 -42.90 31.93 20.88
C SER B 509 -41.54 31.26 20.84
N LEU B 510 -40.48 31.96 21.23
CA LEU B 510 -39.15 31.37 21.28
C LEU B 510 -38.74 30.96 22.68
N MET B 511 -39.72 30.75 23.57
CA MET B 511 -39.44 30.05 24.82
C MET B 511 -39.29 28.56 24.58
N ARG B 512 -39.77 28.06 23.43
CA ARG B 512 -39.60 26.65 23.08
C ARG B 512 -38.15 26.27 22.81
N LEU B 513 -37.31 27.23 22.44
CA LEU B 513 -35.89 26.95 22.31
C LEU B 513 -35.29 26.72 23.69
N ASP B 514 -34.38 25.76 23.77
CA ASP B 514 -33.89 25.32 25.08
C ASP B 514 -32.92 26.33 25.69
N ARG B 515 -32.06 26.94 24.86
CA ARG B 515 -31.04 27.83 25.41
C ARG B 515 -31.63 29.15 25.85
N PHE B 516 -32.65 29.65 25.14
CA PHE B 516 -33.37 30.84 25.56
C PHE B 516 -34.09 30.59 26.89
N ARG B 517 -34.71 29.42 27.03
CA ARG B 517 -35.39 29.08 28.28
C ARG B 517 -34.40 28.93 29.43
N ASP B 518 -33.21 28.38 29.14
CA ASP B 518 -32.19 28.27 30.16
C ASP B 518 -31.69 29.65 30.62
N SER B 519 -31.53 30.58 29.68
CA SER B 519 -31.13 31.94 30.04
C SER B 519 -32.22 32.64 30.86
N ILE B 520 -33.49 32.42 30.48
CA ILE B 520 -34.60 33.01 31.22
C ILE B 520 -34.67 32.46 32.64
N LEU B 521 -34.47 31.16 32.81
CA LEU B 521 -34.50 30.59 34.16
C LEU B 521 -33.26 30.98 34.97
N ARG B 522 -32.12 31.22 34.31
CA ARG B 522 -30.96 31.74 35.03
C ARG B 522 -31.22 33.14 35.56
N SER B 523 -31.81 34.01 34.74
CA SER B 523 -32.22 35.33 35.22
C SER B 523 -33.31 35.23 36.28
N ASP B 524 -34.16 34.20 36.17
CA ASP B 524 -35.21 33.98 37.15
C ASP B 524 -34.65 33.64 38.52
N GLU B 525 -33.69 32.71 38.57
CA GLU B 525 -33.12 32.28 39.87
C GLU B 525 -32.30 33.46 40.43
N ALA B 526 -31.80 34.34 39.56
CA ALA B 526 -31.03 35.52 40.00
C ALA B 526 -31.97 36.52 40.71
N VAL B 527 -33.17 36.71 40.16
CA VAL B 527 -34.13 37.70 40.75
C VAL B 527 -35.09 36.96 41.71
N LYS B 528 -34.99 35.63 41.75
CA LYS B 528 -35.89 34.81 42.62
C LYS B 528 -35.88 35.35 44.06
N PRO B 529 -34.72 35.51 44.74
CA PRO B 529 -34.72 35.96 46.13
C PRO B 529 -35.34 37.34 46.27
N PHE B 530 -35.19 38.18 45.23
CA PHE B 530 -35.72 39.58 45.29
C PHE B 530 -37.23 39.57 45.06
N GLY B 531 -37.95 38.68 45.74
CA GLY B 531 -39.40 38.67 45.61
C GLY B 531 -39.93 38.79 44.20
N LEU B 532 -39.21 38.29 43.20
CA LEU B 532 -39.63 38.42 41.81
C LEU B 532 -39.29 37.15 41.04
N LYS B 533 -40.09 36.87 40.01
CA LYS B 533 -39.79 35.82 39.04
C LYS B 533 -40.39 36.22 37.71
N VAL B 534 -39.56 36.24 36.66
CA VAL B 534 -39.99 36.74 35.36
C VAL B 534 -40.74 35.70 34.55
N SER B 535 -40.89 34.48 35.08
CA SER B 535 -41.64 33.45 34.37
C SER B 535 -43.14 33.76 34.33
N GLN B 536 -43.70 34.27 35.43
CA GLN B 536 -45.09 34.70 35.36
C GLN B 536 -45.25 36.02 34.61
N LEU B 537 -44.20 36.82 34.54
CA LEU B 537 -44.23 38.00 33.67
C LEU B 537 -44.17 37.62 32.20
N LEU B 538 -43.76 36.39 31.90
CA LEU B 538 -43.72 35.86 30.54
C LEU B 538 -45.03 35.14 30.20
N LEU B 539 -45.39 34.13 31.00
CA LEU B 539 -46.56 33.30 30.74
C LEU B 539 -47.86 33.95 31.19
N SER B 540 -47.89 34.49 32.41
CA SER B 540 -49.13 34.96 33.03
C SER B 540 -49.32 36.46 32.86
N THR B 541 -48.88 36.98 31.71
CA THR B 541 -48.95 38.41 31.46
C THR B 541 -50.39 38.85 31.20
N ASP B 542 -50.80 39.94 31.85
CA ASP B 542 -51.98 40.70 31.48
C ASP B 542 -51.59 42.17 31.49
N GLU B 543 -52.60 43.04 31.38
CA GLU B 543 -52.33 44.47 31.29
C GLU B 543 -52.13 45.13 32.65
N SER B 544 -52.15 44.36 33.73
CA SER B 544 -51.84 44.89 35.05
C SER B 544 -50.38 44.70 35.44
N THR B 545 -49.56 44.16 34.54
CA THR B 545 -48.18 43.80 34.89
C THR B 545 -47.14 44.69 34.24
N PHE B 546 -47.25 44.96 32.94
CA PHE B 546 -46.21 45.71 32.24
C PHE B 546 -46.41 47.21 32.28
N ASP B 547 -47.53 47.69 32.83
CA ASP B 547 -47.65 49.10 33.16
C ASP B 547 -46.77 49.46 34.35
N ASP B 548 -46.45 48.50 35.20
CA ASP B 548 -45.36 48.66 36.13
C ASP B 548 -44.03 48.75 35.37
N ILE B 549 -43.10 49.49 35.94
CA ILE B 549 -41.84 49.78 35.28
C ILE B 549 -40.72 48.85 35.77
N VAL B 550 -40.87 48.25 36.95
CA VAL B 550 -39.89 47.27 37.42
C VAL B 550 -39.95 46.00 36.57
N HIS B 551 -41.18 45.50 36.35
CA HIS B 551 -41.39 44.31 35.53
C HIS B 551 -40.96 44.55 34.10
N SER B 552 -41.22 45.76 33.57
CA SER B 552 -40.78 46.12 32.23
C SER B 552 -39.27 46.13 32.13
N PHE B 553 -38.59 46.60 33.18
CA PHE B 553 -37.12 46.67 33.17
C PHE B 553 -36.51 45.28 33.15
N VAL B 554 -36.98 44.39 34.03
CA VAL B 554 -36.40 43.05 34.07
C VAL B 554 -36.80 42.25 32.84
N SER B 555 -38.01 42.46 32.32
CA SER B 555 -38.48 41.75 31.14
C SER B 555 -37.92 42.34 29.85
N LEU B 556 -37.30 43.48 29.91
CA LEU B 556 -36.46 43.89 28.79
C LEU B 556 -35.06 43.31 28.86
N THR B 557 -34.42 43.40 30.04
CA THR B 557 -33.03 42.97 30.14
C THR B 557 -32.89 41.46 29.99
N ALA B 558 -33.85 40.68 30.51
CA ALA B 558 -33.79 39.23 30.39
C ALA B 558 -33.95 38.77 28.94
N ILE B 559 -34.86 39.40 28.20
CA ILE B 559 -35.07 39.05 26.80
C ILE B 559 -33.85 39.42 25.96
N GLN B 560 -33.25 40.59 26.24
CA GLN B 560 -32.06 40.97 25.49
C GLN B 560 -30.87 40.08 25.82
N ILE B 561 -30.74 39.66 27.08
CA ILE B 561 -29.68 38.74 27.48
C ILE B 561 -29.88 37.38 26.82
N GLY B 562 -31.12 36.90 26.74
CA GLY B 562 -31.39 35.64 26.07
C GLY B 562 -31.13 35.68 24.58
N LEU B 563 -31.46 36.80 23.94
CA LEU B 563 -31.13 36.97 22.52
C LEU B 563 -29.63 37.00 22.28
N ILE B 564 -28.89 37.68 23.16
CA ILE B 564 -27.43 37.74 23.03
C ILE B 564 -26.82 36.36 23.26
N ASP B 565 -27.41 35.56 24.18
CA ASP B 565 -26.94 34.20 24.41
C ASP B 565 -27.20 33.30 23.20
N LEU B 566 -28.37 33.46 22.57
CA LEU B 566 -28.68 32.72 21.35
C LEU B 566 -27.72 33.08 20.23
N LEU B 567 -27.40 34.37 20.11
CA LEU B 567 -26.44 34.81 19.10
C LEU B 567 -25.02 34.36 19.42
N SER B 568 -24.70 34.18 20.70
CA SER B 568 -23.37 33.76 21.09
C SER B 568 -23.16 32.27 20.84
N CYS B 569 -24.17 31.44 21.11
CA CYS B 569 -24.07 30.03 20.77
C CYS B 569 -24.14 29.80 19.26
N MET B 570 -24.63 30.79 18.52
CA MET B 570 -24.73 30.73 17.08
C MET B 570 -23.37 30.76 16.42
N GLY B 571 -22.35 31.20 17.15
CA GLY B 571 -21.00 31.33 16.65
C GLY B 571 -20.55 32.74 16.35
N LEU B 572 -21.35 33.75 16.70
CA LEU B 572 -21.16 35.11 16.21
C LEU B 572 -20.56 35.99 17.29
N ARG B 573 -19.52 36.75 16.91
CA ARG B 573 -18.78 37.62 17.78
C ARG B 573 -18.87 39.03 17.23
N PRO B 574 -19.47 39.99 17.95
CA PRO B 574 -19.72 41.31 17.36
C PRO B 574 -18.47 42.13 17.22
N ASP B 575 -18.47 43.03 16.23
CA ASP B 575 -17.37 43.94 16.00
C ASP B 575 -17.60 45.32 16.61
N GLY B 576 -18.85 45.72 16.77
CA GLY B 576 -19.15 47.00 17.41
C GLY B 576 -20.47 46.94 18.14
N ILE B 577 -20.49 47.50 19.36
CA ILE B 577 -21.67 47.48 20.20
C ILE B 577 -22.04 48.92 20.53
N VAL B 578 -23.31 49.26 20.38
CA VAL B 578 -23.82 50.58 20.73
C VAL B 578 -25.28 50.43 21.17
N GLY B 579 -25.60 50.96 22.34
CA GLY B 579 -26.92 50.76 22.91
C GLY B 579 -27.64 52.07 23.15
N HIS B 580 -28.77 51.96 23.83
CA HIS B 580 -29.68 53.07 24.07
C HIS B 580 -30.30 52.86 25.44
N SER B 581 -29.75 53.54 26.45
CA SER B 581 -30.21 53.55 27.85
C SER B 581 -30.17 52.08 28.26
N LEU B 582 -31.26 51.49 28.76
CA LEU B 582 -31.25 50.09 29.15
C LEU B 582 -30.65 49.12 28.14
N GLY B 583 -30.70 49.46 26.85
CA GLY B 583 -29.88 48.78 25.88
C GLY B 583 -28.40 48.90 26.20
N GLU B 584 -27.98 50.08 26.64
CA GLU B 584 -26.57 50.24 27.02
C GLU B 584 -26.26 49.51 28.32
N VAL B 585 -27.29 49.27 29.15
CA VAL B 585 -27.10 48.37 30.28
C VAL B 585 -26.84 46.93 29.81
N ALA B 586 -27.62 46.46 28.83
CA ALA B 586 -27.39 45.13 28.27
C ALA B 586 -26.12 45.05 27.43
N CYS B 587 -25.57 46.19 27.01
CA CYS B 587 -24.31 46.22 26.29
C CYS B 587 -23.14 45.74 27.14
N GLY B 588 -23.27 45.81 28.46
CA GLY B 588 -22.25 45.26 29.33
C GLY B 588 -22.14 43.75 29.22
N TYR B 589 -23.29 43.07 29.17
CA TYR B 589 -23.26 41.63 28.93
C TYR B 589 -22.89 41.33 27.49
N ALA B 590 -23.24 42.21 26.55
CA ALA B 590 -22.84 42.02 25.17
C ALA B 590 -21.33 42.10 25.01
N ASP B 591 -20.69 42.99 25.75
CA ASP B 591 -19.24 43.19 25.69
C ASP B 591 -18.46 42.20 26.53
N GLY B 592 -19.11 41.54 27.49
CA GLY B 592 -18.42 40.64 28.39
C GLY B 592 -17.92 41.29 29.66
N CYS B 593 -18.08 42.60 29.81
CA CYS B 593 -17.65 43.26 31.03
C CYS B 593 -18.65 43.10 32.16
N LEU B 594 -19.86 42.62 31.86
CA LEU B 594 -20.85 42.28 32.85
C LEU B 594 -21.20 40.79 32.76
N SER B 595 -21.92 40.30 33.76
CA SER B 595 -22.46 38.95 33.72
C SER B 595 -23.98 39.03 33.80
N GLN B 596 -24.62 37.86 33.93
CA GLN B 596 -26.08 37.79 33.97
C GLN B 596 -26.64 38.49 35.20
N GLU B 597 -26.15 38.10 36.38
CA GLU B 597 -26.75 38.53 37.63
C GLU B 597 -26.58 40.01 37.89
N GLU B 598 -25.40 40.56 37.57
CA GLU B 598 -25.18 41.99 37.76
C GLU B 598 -26.06 42.82 36.84
N ALA B 599 -26.26 42.38 35.61
CA ALA B 599 -27.12 43.10 34.67
C ALA B 599 -28.58 43.09 35.11
N VAL B 600 -29.08 41.91 35.53
CA VAL B 600 -30.48 41.81 35.94
C VAL B 600 -30.73 42.58 37.23
N LEU B 601 -29.82 42.47 38.22
CA LEU B 601 -29.99 43.23 39.45
C LEU B 601 -29.81 44.73 39.24
N ALA B 602 -28.95 45.15 38.29
CA ALA B 602 -28.81 46.57 37.99
C ALA B 602 -30.08 47.14 37.38
N ALA B 603 -30.69 46.40 36.44
CA ALA B 603 -31.95 46.83 35.86
C ALA B 603 -33.06 46.88 36.90
N TYR B 604 -33.14 45.86 37.76
CA TYR B 604 -34.20 45.84 38.76
C TYR B 604 -33.98 46.94 39.80
N TRP B 605 -32.73 47.25 40.13
CA TRP B 605 -32.48 48.29 41.12
C TRP B 605 -32.71 49.67 40.56
N ARG B 606 -32.48 49.86 39.26
CA ARG B 606 -32.88 51.11 38.61
C ARG B 606 -34.40 51.29 38.70
N GLY B 607 -35.15 50.23 38.38
CA GLY B 607 -36.59 50.29 38.51
C GLY B 607 -37.07 50.48 39.94
N GLN B 608 -36.38 49.84 40.89
CA GLN B 608 -36.77 49.91 42.29
C GLN B 608 -36.52 51.28 42.88
N CYS B 609 -35.38 51.89 42.55
CA CYS B 609 -35.11 53.24 43.03
C CYS B 609 -36.02 54.26 42.39
N ILE B 610 -36.34 54.08 41.10
CA ILE B 610 -37.27 54.98 40.42
C ILE B 610 -38.66 54.87 41.03
N LYS B 611 -39.09 53.64 41.33
CA LYS B 611 -40.46 53.44 41.88
C LYS B 611 -40.46 53.75 43.38
N GLU B 612 -39.29 53.77 44.01
CA GLU B 612 -39.19 54.11 45.45
C GLU B 612 -39.55 55.59 45.64
N ALA B 613 -38.69 56.49 45.15
CA ALA B 613 -38.96 57.94 45.26
C ALA B 613 -40.03 58.35 44.24
N HIS B 614 -40.61 59.54 44.41
CA HIS B 614 -41.69 60.01 43.48
C HIS B 614 -41.40 61.44 43.04
N LEU B 615 -41.47 61.69 41.72
CA LEU B 615 -41.22 63.05 41.19
C LEU B 615 -42.40 63.45 40.29
N PRO B 616 -42.60 64.75 39.96
CA PRO B 616 -43.75 65.18 39.17
C PRO B 616 -43.87 64.38 37.87
N PRO B 617 -45.08 63.93 37.46
CA PRO B 617 -45.24 63.11 36.26
C PRO B 617 -44.54 63.77 35.07
N GLY B 618 -43.79 62.99 34.30
CA GLY B 618 -43.01 63.56 33.18
C GLY B 618 -43.60 63.23 31.82
N ALA B 619 -42.99 63.75 30.74
CA ALA B 619 -43.45 63.49 29.39
C ALA B 619 -42.30 63.19 28.45
N MET B 620 -42.63 62.48 27.37
CA MET B 620 -41.71 62.18 26.26
C MET B 620 -42.38 62.47 24.91
N ALA B 621 -42.86 63.68 24.76
CA ALA B 621 -43.27 64.16 23.44
C ALA B 621 -42.07 64.17 22.50
N ALA B 622 -42.33 63.83 21.24
CA ALA B 622 -41.31 63.81 20.20
C ALA B 622 -41.67 64.83 19.14
N VAL B 623 -40.69 65.65 18.75
CA VAL B 623 -40.94 66.77 17.85
C VAL B 623 -40.09 66.59 16.59
N GLY B 624 -40.54 67.26 15.53
CA GLY B 624 -39.81 67.23 14.27
C GLY B 624 -38.82 68.36 14.15
N LEU B 625 -37.87 68.44 15.09
CA LEU B 625 -36.89 69.49 15.14
C LEU B 625 -35.52 68.88 15.38
N SER B 626 -34.48 69.62 15.00
CA SER B 626 -33.12 69.13 15.17
C SER B 626 -32.66 69.35 16.61
N TRP B 627 -31.42 68.92 16.88
CA TRP B 627 -30.87 69.00 18.24
C TRP B 627 -30.59 70.45 18.64
N GLU B 628 -30.11 71.28 17.71
CA GLU B 628 -29.79 72.65 18.04
C GLU B 628 -31.02 73.55 18.14
N GLU B 629 -32.07 73.28 17.36
CA GLU B 629 -33.26 74.13 17.43
C GLU B 629 -34.08 73.82 18.67
N CYS B 630 -33.92 72.63 19.25
CA CYS B 630 -34.70 72.27 20.43
C CYS B 630 -34.21 72.97 21.68
N LYS B 631 -32.94 73.35 21.76
CA LYS B 631 -32.43 74.02 22.94
C LYS B 631 -32.93 75.45 23.05
N GLN B 632 -33.21 76.10 21.92
CA GLN B 632 -33.60 77.49 21.91
C GLN B 632 -35.11 77.69 21.91
N ARG B 633 -35.89 76.61 21.79
CA ARG B 633 -37.34 76.73 21.72
C ARG B 633 -38.03 76.07 22.91
N CYS B 634 -37.28 75.44 23.80
CA CYS B 634 -37.88 74.89 25.01
C CYS B 634 -37.98 75.98 26.07
N PRO B 635 -38.94 75.89 26.98
CA PRO B 635 -38.91 76.76 28.16
C PRO B 635 -37.79 76.34 29.09
N PRO B 636 -37.32 77.25 29.96
CA PRO B 636 -36.33 76.86 30.97
C PRO B 636 -36.86 75.81 31.93
N GLY B 637 -35.98 74.89 32.33
CA GLY B 637 -36.37 73.73 33.08
C GLY B 637 -36.84 72.56 32.24
N VAL B 638 -36.78 72.68 30.91
CA VAL B 638 -37.19 71.62 29.99
C VAL B 638 -36.01 71.31 29.08
N VAL B 639 -35.57 70.06 29.10
CA VAL B 639 -34.31 69.66 28.47
C VAL B 639 -34.62 68.66 27.35
N PRO B 640 -33.98 68.77 26.19
CA PRO B 640 -34.06 67.67 25.21
C PRO B 640 -33.42 66.40 25.76
N ALA B 641 -34.02 65.26 25.41
CA ALA B 641 -33.68 63.99 26.03
C ALA B 641 -32.98 63.03 25.09
N CYS B 642 -33.54 62.75 23.91
CA CYS B 642 -33.04 61.71 23.05
C CYS B 642 -32.68 62.28 21.69
N HIS B 643 -31.43 62.08 21.28
CA HIS B 643 -30.98 62.48 19.94
C HIS B 643 -30.97 61.28 19.01
N ASN B 644 -32.17 60.89 18.59
CA ASN B 644 -32.31 59.73 17.71
C ASN B 644 -31.77 60.02 16.31
N SER B 645 -32.16 61.13 15.72
CA SER B 645 -31.77 61.43 14.35
C SER B 645 -31.68 62.94 14.20
N LYS B 646 -31.47 63.39 12.97
CA LYS B 646 -31.34 64.82 12.71
C LYS B 646 -32.70 65.52 12.71
N ASP B 647 -33.79 64.74 12.62
CA ASP B 647 -35.13 65.31 12.56
C ASP B 647 -36.01 64.87 13.72
N THR B 648 -35.58 63.89 14.52
CA THR B 648 -36.38 63.36 15.62
C THR B 648 -35.61 63.58 16.93
N VAL B 649 -36.17 64.42 17.80
CA VAL B 649 -35.58 64.69 19.11
C VAL B 649 -36.69 64.62 20.15
N THR B 650 -36.49 63.82 21.19
CA THR B 650 -37.50 63.67 22.24
C THR B 650 -37.28 64.71 23.32
N ILE B 651 -38.37 65.38 23.71
CA ILE B 651 -38.35 66.41 24.75
C ILE B 651 -38.80 65.75 26.05
N SER B 652 -38.41 66.35 27.17
CA SER B 652 -38.73 65.83 28.49
C SER B 652 -39.17 66.96 29.41
N GLY B 653 -40.25 66.73 30.17
CA GLY B 653 -40.76 67.72 31.08
C GLY B 653 -42.13 67.39 31.62
N PRO B 654 -42.72 68.31 32.38
CA PRO B 654 -44.04 68.06 32.99
C PRO B 654 -45.17 68.18 31.97
N GLN B 655 -46.40 68.12 32.50
CA GLN B 655 -47.59 68.09 31.65
C GLN B 655 -47.82 69.42 30.96
N ALA B 656 -47.59 70.52 31.67
CA ALA B 656 -47.84 71.83 31.08
C ALA B 656 -46.82 72.23 30.01
N PRO B 657 -45.51 71.93 30.11
CA PRO B 657 -44.67 72.01 28.89
C PRO B 657 -45.06 71.01 27.81
N VAL B 658 -45.63 69.86 28.18
CA VAL B 658 -46.11 68.92 27.18
C VAL B 658 -47.35 69.49 26.49
N PHE B 659 -48.20 70.18 27.23
CA PHE B 659 -49.37 70.82 26.63
C PHE B 659 -48.98 72.05 25.82
N GLU B 660 -47.80 72.61 26.10
CA GLU B 660 -47.33 73.79 25.38
C GLU B 660 -47.04 73.47 23.91
N PHE B 661 -46.45 72.30 23.64
CA PHE B 661 -46.04 72.00 22.27
C PHE B 661 -47.13 71.25 21.51
N VAL B 662 -48.30 71.08 22.11
CA VAL B 662 -49.46 70.60 21.36
C VAL B 662 -49.86 71.63 20.31
N GLU B 663 -49.85 72.91 20.68
CA GLU B 663 -50.24 73.97 19.76
C GLU B 663 -49.20 74.17 18.67
N GLN B 664 -47.92 73.99 19.01
CA GLN B 664 -46.87 74.15 18.00
C GLN B 664 -46.79 72.93 17.09
N LEU B 665 -47.39 71.81 17.52
CA LEU B 665 -47.49 70.64 16.64
C LEU B 665 -48.48 70.89 15.51
N ARG B 666 -49.49 71.73 15.77
CA ARG B 666 -50.38 72.19 14.70
C ARG B 666 -49.65 73.07 13.69
N LYS B 667 -48.67 73.83 14.14
CA LYS B 667 -47.93 74.76 13.31
C LYS B 667 -46.91 73.99 12.48
N GLU B 668 -46.99 74.16 11.15
CA GLU B 668 -46.12 73.52 10.15
C GLU B 668 -46.16 72.00 10.14
N GLY B 669 -45.01 71.37 9.89
CA GLY B 669 -44.93 69.92 9.94
C GLY B 669 -44.14 69.56 11.18
N VAL B 670 -44.86 69.33 12.29
CA VAL B 670 -44.26 68.96 13.57
C VAL B 670 -45.00 67.74 14.08
N PHE B 671 -44.26 66.69 14.42
CA PHE B 671 -44.83 65.48 14.98
C PHE B 671 -45.39 65.74 16.36
N ALA B 672 -46.52 65.09 16.66
CA ALA B 672 -47.16 65.24 17.96
C ALA B 672 -47.18 63.91 18.69
N LYS B 673 -46.15 63.09 18.46
CA LYS B 673 -46.03 61.81 19.15
C LYS B 673 -45.66 62.02 20.60
N GLU B 674 -46.63 61.78 21.50
CA GLU B 674 -46.44 61.99 22.92
C GLU B 674 -46.48 60.68 23.69
N VAL B 675 -45.81 59.64 23.18
CA VAL B 675 -45.81 58.35 23.86
C VAL B 675 -44.99 58.43 25.13
N ARG B 676 -45.60 58.02 26.24
CA ARG B 676 -44.97 58.02 27.55
C ARG B 676 -44.87 56.61 28.08
N THR B 677 -43.98 56.43 29.05
CA THR B 677 -43.85 55.15 29.73
C THR B 677 -44.01 55.35 31.23
N GLY B 678 -45.25 55.28 31.72
CA GLY B 678 -45.53 55.48 33.12
C GLY B 678 -45.56 56.92 33.57
N GLY B 679 -45.42 57.88 32.66
CA GLY B 679 -45.42 59.28 33.03
C GLY B 679 -44.23 59.70 33.87
N MET B 680 -43.03 59.29 33.48
CA MET B 680 -41.83 59.58 34.25
C MET B 680 -40.81 60.21 33.30
N ALA B 681 -40.11 61.25 33.76
CA ALA B 681 -39.20 62.01 32.90
C ALA B 681 -37.78 61.48 33.05
N PHE B 682 -37.51 60.35 32.39
CA PHE B 682 -36.15 59.86 32.22
C PHE B 682 -35.32 60.80 31.37
N HIS B 683 -34.00 60.76 31.60
CA HIS B 683 -32.98 61.58 30.93
C HIS B 683 -33.29 63.07 31.09
N SER B 684 -33.37 63.50 32.33
CA SER B 684 -33.85 64.84 32.65
C SER B 684 -33.19 65.32 33.93
N TYR B 685 -33.54 66.53 34.35
CA TYR B 685 -32.97 67.11 35.57
C TYR B 685 -33.78 66.74 36.81
N PHE B 686 -34.94 66.11 36.64
CA PHE B 686 -35.77 65.72 37.76
C PHE B 686 -35.20 64.55 38.54
N MET B 687 -34.26 63.79 37.97
CA MET B 687 -33.61 62.70 38.67
C MET B 687 -32.17 62.97 39.05
N GLU B 688 -31.80 64.24 39.30
CA GLU B 688 -30.50 64.50 39.89
C GLU B 688 -30.43 63.99 41.32
N ALA B 689 -31.58 63.93 42.01
CA ALA B 689 -31.62 63.38 43.37
C ALA B 689 -31.86 61.87 43.39
N ILE B 690 -32.19 61.27 42.26
CA ILE B 690 -32.47 59.83 42.22
C ILE B 690 -31.16 59.03 42.32
N ALA B 691 -30.08 59.56 41.74
CA ALA B 691 -28.81 58.85 41.72
C ALA B 691 -28.17 58.56 43.08
N PRO B 692 -28.13 59.45 44.09
CA PRO B 692 -27.42 59.10 45.36
C PRO B 692 -28.05 57.95 46.14
N PRO B 693 -29.39 57.73 46.17
CA PRO B 693 -29.93 56.52 46.80
C PRO B 693 -29.57 55.34 45.91
N LEU B 694 -29.73 55.51 44.59
CA LEU B 694 -29.45 54.40 43.62
C LEU B 694 -27.97 53.99 43.68
N LEU B 695 -27.06 54.97 43.67
CA LEU B 695 -25.61 54.65 43.65
C LEU B 695 -25.27 53.75 44.85
N GLN B 696 -25.81 54.07 46.02
CA GLN B 696 -25.52 53.28 47.25
C GLN B 696 -25.86 51.81 46.99
N GLU B 697 -27.05 51.53 46.46
CA GLU B 697 -27.49 50.14 46.22
C GLU B 697 -26.58 49.47 45.17
N LEU B 698 -26.15 50.22 44.16
CA LEU B 698 -25.35 49.61 43.05
C LEU B 698 -23.97 49.17 43.54
N LYS B 699 -23.32 49.94 44.43
CA LYS B 699 -21.96 49.59 44.82
C LYS B 699 -21.86 48.17 45.37
N LYS B 700 -22.99 47.55 45.70
CA LYS B 700 -22.98 46.21 46.28
C LYS B 700 -23.16 45.10 45.25
N VAL B 701 -23.22 45.44 43.96
CA VAL B 701 -23.45 44.46 42.91
C VAL B 701 -22.34 44.49 41.87
N ILE B 702 -21.93 45.67 41.42
CA ILE B 702 -20.94 45.78 40.36
C ILE B 702 -19.68 46.33 41.04
N ARG B 703 -19.46 45.86 42.26
CA ARG B 703 -18.14 46.02 42.89
C ARG B 703 -17.08 45.29 42.07
N GLU B 704 -15.83 45.81 42.17
CA GLU B 704 -14.64 45.53 41.36
C GLU B 704 -14.98 45.46 39.87
N PRO B 705 -15.25 46.59 39.21
CA PRO B 705 -15.70 46.56 37.81
C PRO B 705 -14.56 46.24 36.85
N LYS B 706 -14.94 45.88 35.62
CA LYS B 706 -14.07 45.52 34.52
C LYS B 706 -14.06 46.64 33.48
N PRO B 707 -12.95 46.87 32.78
CA PRO B 707 -12.89 47.98 31.81
C PRO B 707 -13.70 47.69 30.56
N ARG B 708 -14.26 48.76 29.99
CA ARG B 708 -14.98 48.65 28.73
C ARG B 708 -14.01 48.50 27.58
N SER B 709 -14.48 47.85 26.52
CA SER B 709 -13.66 47.59 25.34
C SER B 709 -13.80 48.73 24.34
N ALA B 710 -12.93 48.70 23.33
CA ALA B 710 -12.98 49.72 22.28
C ALA B 710 -14.14 49.52 21.33
N ARG B 711 -14.72 48.33 21.29
CA ARG B 711 -15.85 48.07 20.40
C ARG B 711 -17.13 48.72 20.93
N TRP B 712 -17.26 48.80 22.25
CA TRP B 712 -18.42 49.45 22.85
C TRP B 712 -18.31 50.95 22.70
N LEU B 713 -19.26 51.55 21.98
CA LEU B 713 -19.33 52.98 21.78
C LEU B 713 -20.36 53.55 22.75
N SER B 714 -19.92 54.41 23.65
CA SER B 714 -20.80 54.95 24.67
C SER B 714 -21.79 55.94 24.07
N THR B 715 -23.01 55.94 24.61
CA THR B 715 -24.04 56.86 24.16
C THR B 715 -24.47 57.85 25.24
N SER B 716 -24.02 57.68 26.48
CA SER B 716 -24.28 58.64 27.54
C SER B 716 -23.08 59.54 27.81
N ILE B 717 -21.97 59.32 27.14
CA ILE B 717 -20.74 60.08 27.32
C ILE B 717 -20.43 60.79 26.01
N PRO B 718 -20.15 62.09 26.02
CA PRO B 718 -19.77 62.78 24.79
C PRO B 718 -18.41 62.32 24.30
N GLU B 719 -18.13 62.65 23.03
CA GLU B 719 -16.97 62.14 22.31
C GLU B 719 -15.66 62.60 22.94
N ALA B 720 -15.60 63.85 23.39
CA ALA B 720 -14.36 64.36 23.96
C ALA B 720 -14.05 63.81 25.35
N GLN B 721 -15.03 63.19 26.01
CA GLN B 721 -14.82 62.58 27.31
C GLN B 721 -14.67 61.05 27.24
N TRP B 722 -14.38 60.52 26.05
CA TRP B 722 -14.31 59.06 25.90
C TRP B 722 -13.07 58.47 26.56
N HIS B 723 -12.03 59.27 26.75
CA HIS B 723 -10.80 58.78 27.37
C HIS B 723 -10.74 59.03 28.88
N SER B 724 -11.82 59.56 29.47
CA SER B 724 -11.80 59.93 30.87
C SER B 724 -11.86 58.70 31.77
N SER B 725 -11.66 58.93 33.07
CA SER B 725 -11.66 57.84 34.03
C SER B 725 -13.06 57.30 34.31
N LEU B 726 -14.11 58.06 33.95
CA LEU B 726 -15.46 57.59 34.20
C LEU B 726 -15.92 56.61 33.11
N ALA B 727 -15.41 56.77 31.88
CA ALA B 727 -15.89 56.01 30.74
C ALA B 727 -14.93 54.91 30.30
N ARG B 728 -13.97 54.54 31.15
CA ARG B 728 -13.11 53.41 30.80
C ARG B 728 -13.66 52.10 31.35
N THR B 729 -14.24 52.15 32.54
CA THR B 729 -14.83 50.97 33.16
C THR B 729 -16.34 51.10 33.24
N SER B 730 -17.02 49.96 33.34
CA SER B 730 -18.48 49.94 33.47
C SER B 730 -18.86 49.80 34.94
N SER B 731 -18.58 50.85 35.68
CA SER B 731 -18.75 50.85 37.12
C SER B 731 -20.19 51.22 37.49
N ALA B 732 -20.42 51.41 38.79
CA ALA B 732 -21.72 51.87 39.27
C ALA B 732 -21.97 53.33 38.92
N GLU B 733 -20.91 54.15 38.87
CA GLU B 733 -21.09 55.55 38.49
C GLU B 733 -21.37 55.70 37.01
N TYR B 734 -20.93 54.72 36.20
CA TYR B 734 -21.25 54.73 34.78
C TYR B 734 -22.75 54.53 34.55
N ASN B 735 -23.37 53.67 35.34
CA ASN B 735 -24.78 53.36 35.14
C ASN B 735 -25.69 54.46 35.67
N VAL B 736 -25.32 55.12 36.75
CA VAL B 736 -26.16 56.19 37.28
C VAL B 736 -26.00 57.47 36.46
N ASN B 737 -24.92 57.60 35.70
CA ASN B 737 -24.77 58.76 34.82
C ASN B 737 -25.65 58.58 33.59
N ASN B 738 -25.96 57.33 33.23
CA ASN B 738 -26.82 57.04 32.10
C ASN B 738 -28.23 57.57 32.33
N LEU B 739 -28.71 57.52 33.57
CA LEU B 739 -30.06 57.98 33.87
C LEU B 739 -30.15 59.51 33.87
N VAL B 740 -29.08 60.20 34.24
CA VAL B 740 -29.12 61.64 34.45
C VAL B 740 -28.55 62.41 33.28
N SER B 741 -28.23 61.74 32.17
CA SER B 741 -27.67 62.42 31.02
C SER B 741 -28.51 62.10 29.79
N PRO B 742 -28.58 63.01 28.82
CA PRO B 742 -29.29 62.70 27.57
C PRO B 742 -28.55 61.66 26.75
N VAL B 743 -29.30 60.85 26.02
CA VAL B 743 -28.73 59.81 25.19
C VAL B 743 -28.34 60.39 23.84
N LEU B 744 -27.08 60.21 23.47
CA LEU B 744 -26.52 60.75 22.24
C LEU B 744 -26.45 59.60 21.22
N PHE B 745 -27.55 59.37 20.52
CA PHE B 745 -27.69 58.26 19.60
C PHE B 745 -27.43 58.64 18.15
N GLN B 746 -26.77 59.78 17.92
CA GLN B 746 -26.44 60.22 16.58
C GLN B 746 -24.95 60.19 16.30
N GLU B 747 -24.14 60.74 17.19
CA GLU B 747 -22.70 60.76 17.01
C GLU B 747 -22.08 59.38 17.14
N ALA B 748 -22.74 58.46 17.85
CA ALA B 748 -22.29 57.08 17.85
C ALA B 748 -22.56 56.41 16.51
N LEU B 749 -23.64 56.79 15.84
CA LEU B 749 -24.03 56.17 14.58
C LEU B 749 -23.15 56.58 13.41
N TRP B 750 -22.46 57.72 13.48
CA TRP B 750 -21.59 58.11 12.39
C TRP B 750 -20.24 57.39 12.42
N HIS B 751 -19.93 56.67 13.48
CA HIS B 751 -18.72 55.88 13.54
C HIS B 751 -18.90 54.49 12.95
N VAL B 752 -20.10 54.13 12.57
CA VAL B 752 -20.36 52.82 11.96
C VAL B 752 -19.79 52.80 10.55
N PRO B 753 -19.06 51.77 10.15
CA PRO B 753 -18.43 51.75 8.82
C PRO B 753 -19.44 51.61 7.69
N GLU B 754 -18.88 51.54 6.47
CA GLU B 754 -19.67 51.69 5.25
C GLU B 754 -20.57 50.50 4.99
N HIS B 755 -20.04 49.28 5.10
CA HIS B 755 -20.77 48.09 4.70
C HIS B 755 -21.11 47.20 5.88
N ALA B 756 -21.48 47.81 7.00
CA ALA B 756 -21.76 47.05 8.21
C ALA B 756 -23.12 46.37 8.12
N VAL B 757 -23.24 45.25 8.81
CA VAL B 757 -24.51 44.54 8.97
C VAL B 757 -24.97 44.79 10.38
N VAL B 758 -26.13 45.41 10.53
CA VAL B 758 -26.62 45.89 11.82
C VAL B 758 -27.71 44.96 12.30
N LEU B 759 -27.53 44.43 13.52
CA LEU B 759 -28.49 43.54 14.14
C LEU B 759 -29.18 44.29 15.27
N GLU B 760 -30.50 44.23 15.30
CA GLU B 760 -31.27 44.91 16.34
C GLU B 760 -31.72 43.90 17.37
N ILE B 761 -31.28 44.10 18.61
CA ILE B 761 -31.60 43.20 19.72
C ILE B 761 -32.69 43.90 20.53
N ALA B 762 -33.94 43.54 20.27
CA ALA B 762 -35.08 44.16 20.92
C ALA B 762 -36.26 43.22 20.83
N PRO B 763 -37.15 43.23 21.82
CA PRO B 763 -38.41 42.47 21.70
C PRO B 763 -39.36 43.04 20.66
N HIS B 764 -39.18 44.28 20.25
CA HIS B 764 -39.89 44.83 19.09
C HIS B 764 -39.01 45.90 18.49
N ALA B 765 -38.76 45.80 17.18
CA ALA B 765 -37.81 46.67 16.50
C ALA B 765 -38.52 47.96 16.11
N LEU B 766 -38.69 48.83 17.10
CA LEU B 766 -39.24 50.16 16.85
C LEU B 766 -38.19 51.19 16.48
N LEU B 767 -36.92 50.83 16.55
CA LEU B 767 -35.82 51.69 16.14
C LEU B 767 -35.36 51.43 14.72
N GLN B 768 -36.12 50.63 13.96
CA GLN B 768 -35.72 50.28 12.60
C GLN B 768 -35.81 51.47 11.66
N ALA B 769 -36.84 52.29 11.81
CA ALA B 769 -36.99 53.47 10.96
C ALA B 769 -35.96 54.54 11.31
N VAL B 770 -35.57 54.63 12.57
CA VAL B 770 -34.55 55.58 13.00
C VAL B 770 -33.19 55.20 12.42
N LEU B 771 -32.86 53.91 12.44
CA LEU B 771 -31.58 53.44 11.95
C LEU B 771 -31.47 53.52 10.43
N LYS B 772 -32.59 53.51 9.71
CA LYS B 772 -32.53 53.58 8.26
C LYS B 772 -32.08 54.95 7.78
N ARG B 773 -32.67 56.01 8.35
CA ARG B 773 -32.29 57.36 7.95
C ARG B 773 -31.05 57.85 8.71
N GLY B 774 -30.69 57.17 9.80
CA GLY B 774 -29.55 57.62 10.59
C GLY B 774 -28.23 57.04 10.16
N LEU B 775 -28.23 55.94 9.42
CA LEU B 775 -27.01 55.28 9.00
C LEU B 775 -26.77 55.49 7.51
N LYS B 776 -25.59 55.05 7.07
CA LYS B 776 -25.22 55.12 5.67
C LYS B 776 -26.08 54.14 4.86
N PRO B 777 -26.38 54.47 3.59
CA PRO B 777 -27.28 53.60 2.81
C PRO B 777 -26.68 52.27 2.38
N SER B 778 -25.39 52.04 2.62
CA SER B 778 -24.76 50.76 2.30
C SER B 778 -24.76 49.80 3.48
N CYS B 779 -25.68 49.98 4.41
CA CYS B 779 -25.79 49.13 5.59
C CYS B 779 -27.11 48.37 5.56
N THR B 780 -27.09 47.17 6.14
CA THR B 780 -28.25 46.31 6.22
C THR B 780 -28.72 46.25 7.66
N ILE B 781 -30.01 46.47 7.88
CA ILE B 781 -30.61 46.44 9.21
C ILE B 781 -31.52 45.23 9.29
N ILE B 782 -31.24 44.35 10.25
CA ILE B 782 -32.04 43.13 10.40
C ILE B 782 -32.73 43.13 11.75
N PRO B 783 -34.06 43.16 11.80
CA PRO B 783 -34.76 42.98 13.06
C PRO B 783 -34.78 41.52 13.48
N LEU B 784 -35.02 41.31 14.77
CA LEU B 784 -35.07 39.96 15.32
C LEU B 784 -36.42 39.59 15.91
N MET B 785 -37.18 40.55 16.41
CA MET B 785 -38.52 40.28 16.93
C MET B 785 -39.48 41.34 16.44
N LYS B 786 -40.76 40.98 16.36
CA LYS B 786 -41.81 41.87 15.90
C LYS B 786 -42.97 41.78 16.87
N LYS B 787 -43.51 42.94 17.27
CA LYS B 787 -44.60 43.00 18.22
C LYS B 787 -45.87 42.40 17.62
N ASP B 788 -46.55 41.56 18.42
CA ASP B 788 -47.82 40.91 18.08
C ASP B 788 -47.70 40.05 16.82
N HIS B 789 -46.63 39.26 16.79
CA HIS B 789 -46.42 38.25 15.76
C HIS B 789 -46.85 36.90 16.31
N ARG B 790 -47.54 36.13 15.47
CA ARG B 790 -48.11 34.86 15.93
C ARG B 790 -47.03 33.83 16.20
N ASP B 791 -46.01 33.76 15.35
CA ASP B 791 -44.86 32.89 15.55
C ASP B 791 -43.60 33.74 15.43
N ASN B 792 -43.10 34.19 16.57
CA ASN B 792 -41.90 35.02 16.58
C ASN B 792 -40.64 34.20 16.39
N LEU B 793 -40.74 32.88 16.52
CA LEU B 793 -39.59 32.02 16.23
C LEU B 793 -39.30 31.96 14.73
N GLU B 794 -40.35 32.01 13.91
CA GLU B 794 -40.15 32.09 12.47
C GLU B 794 -39.56 33.43 12.06
N PHE B 795 -39.90 34.50 12.79
CA PHE B 795 -39.33 35.80 12.50
C PHE B 795 -37.86 35.86 12.88
N PHE B 796 -37.49 35.19 13.98
CA PHE B 796 -36.09 35.13 14.38
C PHE B 796 -35.28 34.31 13.38
N LEU B 797 -35.84 33.20 12.89
CA LEU B 797 -35.12 32.34 11.97
C LEU B 797 -34.96 32.98 10.60
N ALA B 798 -35.90 33.85 10.21
CA ALA B 798 -35.73 34.58 8.96
C ALA B 798 -34.63 35.63 9.06
N GLY B 799 -34.43 36.19 10.25
CA GLY B 799 -33.33 37.13 10.44
C GLY B 799 -31.98 36.48 10.36
N ILE B 800 -31.86 35.26 10.91
CA ILE B 800 -30.63 34.48 10.78
C ILE B 800 -30.42 34.06 9.33
N GLY B 801 -31.49 33.79 8.61
CA GLY B 801 -31.37 33.40 7.22
C GLY B 801 -30.87 34.51 6.32
N ARG B 802 -31.36 35.73 6.54
CA ARG B 802 -30.88 36.85 5.74
C ARG B 802 -29.55 37.38 6.26
N LEU B 803 -29.13 36.94 7.45
CA LEU B 803 -27.76 37.18 7.89
C LEU B 803 -26.78 36.30 7.11
N HIS B 804 -27.22 35.12 6.68
CA HIS B 804 -26.42 34.28 5.80
C HIS B 804 -26.33 34.90 4.40
N LEU B 805 -27.37 35.62 3.99
CA LEU B 805 -27.41 36.21 2.62
C LEU B 805 -26.54 37.48 2.56
N SER B 806 -26.18 38.03 3.73
CA SER B 806 -25.31 39.23 3.77
C SER B 806 -23.85 38.81 3.58
N GLY B 807 -23.45 37.68 4.17
CA GLY B 807 -22.09 37.20 4.06
C GLY B 807 -21.50 36.68 5.34
N ILE B 808 -22.23 36.77 6.44
CA ILE B 808 -21.76 36.33 7.75
C ILE B 808 -22.14 34.87 7.94
N ASP B 809 -21.14 34.03 8.25
CA ASP B 809 -21.39 32.61 8.44
C ASP B 809 -21.99 32.36 9.81
N ALA B 810 -23.11 31.64 9.84
CA ALA B 810 -23.87 31.42 11.07
C ALA B 810 -24.66 30.12 10.91
N ASN B 811 -24.30 29.10 11.69
CA ASN B 811 -24.83 27.76 11.51
C ASN B 811 -26.02 27.53 12.44
N PRO B 812 -27.24 27.38 11.92
CA PRO B 812 -28.41 27.28 12.82
C PRO B 812 -28.58 25.91 13.45
N ASN B 813 -27.64 24.98 13.25
CA ASN B 813 -27.71 23.69 13.92
C ASN B 813 -27.48 23.81 15.42
N ALA B 814 -26.81 24.88 15.85
CA ALA B 814 -26.47 25.05 17.26
C ALA B 814 -27.68 25.46 18.08
N LEU B 815 -28.74 25.93 17.44
CA LEU B 815 -29.92 26.38 18.16
C LEU B 815 -30.71 25.20 18.71
N PHE B 816 -30.72 24.10 17.99
CA PHE B 816 -31.57 22.95 18.28
C PHE B 816 -30.72 21.85 18.93
N PRO B 817 -31.37 20.85 19.55
CA PRO B 817 -30.61 19.67 20.03
C PRO B 817 -29.93 18.94 18.91
N PRO B 818 -28.73 18.42 19.14
CA PRO B 818 -27.96 17.78 18.06
C PRO B 818 -28.53 16.43 17.67
N VAL B 819 -28.24 16.05 16.43
CA VAL B 819 -28.68 14.79 15.85
C VAL B 819 -27.65 13.73 16.20
N GLU B 820 -28.12 12.49 16.43
CA GLU B 820 -27.25 11.36 16.74
C GLU B 820 -26.30 11.05 15.60
N PHE B 821 -25.11 10.53 15.93
CA PHE B 821 -23.96 10.60 15.01
C PHE B 821 -24.12 9.77 13.74
N PRO B 822 -24.55 8.51 13.77
CA PRO B 822 -24.85 7.87 12.48
C PRO B 822 -26.23 8.27 11.99
N ALA B 823 -26.29 8.75 10.77
CA ALA B 823 -27.59 9.04 10.18
C ALA B 823 -28.30 7.74 9.83
N PRO B 824 -29.61 7.67 10.00
CA PRO B 824 -30.34 6.44 9.64
C PRO B 824 -30.35 6.21 8.14
N ARG B 825 -30.43 4.94 7.75
CA ARG B 825 -30.39 4.62 6.33
C ARG B 825 -31.71 5.00 5.67
N GLY B 826 -31.64 5.30 4.38
CA GLY B 826 -32.74 5.91 3.68
C GLY B 826 -32.72 7.42 3.72
N THR B 827 -31.72 8.01 4.34
CA THR B 827 -31.52 9.44 4.28
C THR B 827 -31.19 9.82 2.83
N PRO B 828 -31.83 10.85 2.28
CA PRO B 828 -31.66 11.14 0.84
C PRO B 828 -30.24 11.54 0.47
N LEU B 829 -29.88 11.24 -0.77
CA LEU B 829 -28.54 11.50 -1.27
C LEU B 829 -28.30 12.99 -1.46
N ILE B 830 -27.05 13.41 -1.31
CA ILE B 830 -26.69 14.81 -1.43
C ILE B 830 -25.90 15.07 -2.71
N SER B 831 -25.03 14.15 -3.12
CA SER B 831 -24.25 14.33 -4.33
C SER B 831 -25.01 14.54 -5.65
N PRO B 832 -26.25 14.07 -5.86
CA PRO B 832 -26.97 14.53 -7.05
C PRO B 832 -27.51 15.95 -6.96
N LEU B 833 -27.41 16.61 -5.83
CA LEU B 833 -27.98 17.95 -5.67
C LEU B 833 -26.97 19.06 -5.93
N ILE B 834 -25.74 18.72 -6.32
CA ILE B 834 -24.70 19.71 -6.52
C ILE B 834 -24.61 20.02 -8.01
N LYS B 835 -24.76 21.30 -8.35
CA LYS B 835 -24.72 21.74 -9.73
C LYS B 835 -23.60 22.75 -9.91
N TRP B 836 -22.97 22.71 -11.08
CA TRP B 836 -21.80 23.51 -11.37
C TRP B 836 -22.11 24.52 -12.45
N ASP B 837 -21.14 25.40 -12.69
CA ASP B 837 -21.18 26.37 -13.79
C ASP B 837 -20.59 25.70 -15.01
N HIS B 838 -21.45 25.12 -15.83
CA HIS B 838 -21.03 24.35 -17.00
C HIS B 838 -21.37 25.04 -18.31
N SER B 839 -21.20 26.36 -18.38
CA SER B 839 -21.55 27.11 -19.57
C SER B 839 -20.49 27.04 -20.66
N LEU B 840 -19.30 26.55 -20.36
CA LEU B 840 -18.22 26.51 -21.33
C LEU B 840 -17.92 25.08 -21.75
N ALA B 841 -17.34 24.94 -22.94
CA ALA B 841 -16.97 23.65 -23.50
C ALA B 841 -15.47 23.59 -23.70
N TRP B 842 -14.87 22.47 -23.31
CA TRP B 842 -13.42 22.31 -23.34
C TRP B 842 -13.05 21.23 -24.35
N ASP B 843 -11.77 21.18 -24.68
CA ASP B 843 -11.30 20.30 -25.75
C ASP B 843 -11.30 18.85 -25.31
N VAL B 844 -11.73 17.97 -26.22
CA VAL B 844 -11.72 16.53 -26.02
C VAL B 844 -11.06 15.94 -27.25
N PRO B 845 -10.12 14.99 -27.12
CA PRO B 845 -9.52 14.37 -28.31
C PRO B 845 -10.52 13.56 -29.12
N ALA B 846 -10.34 13.61 -30.42
CA ALA B 846 -11.17 12.89 -31.37
C ALA B 846 -10.46 11.63 -31.82
N ALA B 847 -11.15 10.80 -32.59
CA ALA B 847 -10.55 9.58 -33.11
C ALA B 847 -9.54 9.84 -34.20
N GLU B 848 -9.54 11.03 -34.80
CA GLU B 848 -8.62 11.38 -35.86
C GLU B 848 -7.25 11.79 -35.34
N ASP B 849 -7.10 12.00 -34.03
CA ASP B 849 -5.83 12.38 -33.44
C ASP B 849 -4.98 11.18 -33.03
N PHE B 850 -5.31 10.00 -33.53
CA PHE B 850 -4.62 8.77 -33.20
C PHE B 850 -4.18 8.09 -34.49
N PRO B 851 -3.09 7.33 -34.47
CA PRO B 851 -2.58 6.73 -35.70
C PRO B 851 -3.52 5.67 -36.25
N ASN B 852 -3.80 5.77 -37.55
CA ASN B 852 -4.67 4.80 -38.22
C ASN B 852 -3.92 3.98 -39.25
N GLY B 853 -2.59 3.97 -39.19
CA GLY B 853 -1.81 3.15 -40.10
C GLY B 853 -1.52 3.84 -41.41
N SER B 854 -1.73 5.15 -41.47
CA SER B 854 -1.49 5.92 -42.69
C SER B 854 -0.01 6.23 -42.85
#